data_2BKL
#
_entry.id   2BKL
#
_cell.length_a   65.692
_cell.length_b   114.718
_cell.length_c   99.279
_cell.angle_alpha   90.00
_cell.angle_beta   103.60
_cell.angle_gamma   90.00
#
_symmetry.space_group_name_H-M   'P 1 21 1'
#
loop_
_entity.id
_entity.type
_entity.pdbx_description
1 polymer 'PROLYL ENDOPEPTIDASE'
2 non-polymer N-[(BENZYLOXY)CARBONYL]-L-ALANYL-L-PROLINE
3 non-polymer '2-(N-MORPHOLINO)-ETHANESULFONIC ACID'
4 non-polymer 'SULFATE ION'
5 water water
#
_entity_poly.entity_id   1
_entity_poly.type   'polypeptide(L)'
_entity_poly.pdbx_seq_one_letter_code
;MSYPATRAEQVVDTLHGVQVADPYRWLEDEKAPEVQTWMTAQNAHAREALAKFPGREALAARFKELFYTDSVSTPSRRNG
RFFYVRTHKDKEKAILYWRQGESGQEKVLLDPNGWSKDGTVSLGTWAVSWDGKKVAFAQKPNAADEAVLHVIDVDSGEWS
KVDVIEGGKYATPKWTPDSKGFYYEWLPTDPSIKVDERPGYTTIRYHTLGTEPSKDTVVHERTGDPTTFLQSDLSRDGKY
LFVYILRGWSENDVYWKRPGEKDFRLLVKGVGAKYEVHAWKDRFYVLTDEGAPRQRVFEVDPAKPARASWKEIVPEDSSA
SLLSVSIVGGHLSLEYLKDATSEVRVATLKGKPVRTVQLPGVGAASNLMGLEDLDDAYYVFTSFTTPRQIYKTSVSTGKS
ELWAKVDVPMNPEQYQVEQVFYASKDGTKVPMFVVHRKDLKRDGNAPTLLYGYGGFNVNMEANFRSSILPWLDAGGVYAV
ANLRGGGEYGKAWHDAGRLDKKQNVFDDFHAAAEYLVQQKYTQPKRLAIYGGSNGGLLVGAAMTQRPELYGAVVCAVPLL
DMVRYHLFGSGRTWIPEYGTAEKPEDFKTLHAYSPYHHVRPDVRYPALLMMAADHDDRVDPMHARKFVAAVQNSPGNPAT
ALLRIEANAGHGGADQVAKAIESSVDLYSFLFQVLDVQGAQGGVAAQGRHHHHHH
;
_entity_poly.pdbx_strand_id   A,B
#
# COMPACT_ATOMS: atom_id res chain seq x y z
N SER A 2 -13.58 -20.63 -33.85
CA SER A 2 -15.04 -20.32 -33.62
C SER A 2 -15.68 -21.14 -32.52
N TYR A 3 -14.91 -22.06 -31.93
CA TYR A 3 -15.46 -23.22 -31.26
C TYR A 3 -16.55 -22.94 -30.21
N PRO A 4 -16.24 -22.30 -29.09
CA PRO A 4 -17.25 -22.12 -28.05
C PRO A 4 -18.37 -21.22 -28.55
N ALA A 5 -19.62 -21.61 -28.30
CA ALA A 5 -20.74 -20.76 -28.68
C ALA A 5 -20.70 -19.46 -27.92
N THR A 6 -21.14 -18.38 -28.58
CA THR A 6 -21.36 -17.10 -27.93
C THR A 6 -22.77 -16.64 -28.19
N ARG A 7 -23.57 -16.58 -27.14
CA ARG A 7 -24.89 -16.00 -27.22
C ARG A 7 -24.81 -14.55 -27.68
N ALA A 8 -25.65 -14.20 -28.64
CA ALA A 8 -25.83 -12.83 -29.10
C ALA A 8 -27.15 -12.34 -28.56
N GLU A 9 -27.13 -11.16 -27.94
CA GLU A 9 -28.34 -10.53 -27.42
C GLU A 9 -28.76 -9.32 -28.27
N GLN A 10 -29.94 -8.81 -28.01
CA GLN A 10 -30.47 -7.70 -28.78
C GLN A 10 -30.34 -6.38 -28.05
N VAL A 11 -29.22 -6.19 -27.35
CA VAL A 11 -28.94 -4.93 -26.69
C VAL A 11 -28.74 -3.82 -27.72
N VAL A 12 -29.49 -2.74 -27.54
CA VAL A 12 -29.35 -1.55 -28.38
C VAL A 12 -29.42 -0.31 -27.46
N ASP A 13 -28.71 0.72 -27.84
CA ASP A 13 -28.73 2.01 -27.17
C ASP A 13 -28.93 3.10 -28.20
N THR A 14 -29.60 4.16 -27.79
CA THR A 14 -29.77 5.31 -28.64
C THR A 14 -28.82 6.35 -28.15
N LEU A 15 -27.84 6.68 -28.99
CA LEU A 15 -26.83 7.65 -28.65
C LEU A 15 -26.88 8.75 -29.69
N HIS A 16 -27.14 9.98 -29.24
CA HIS A 16 -27.20 11.15 -30.12
C HIS A 16 -28.13 10.91 -31.34
N GLY A 17 -29.26 10.27 -31.07
CA GLY A 17 -30.27 10.04 -32.08
C GLY A 17 -30.07 8.81 -32.95
N VAL A 18 -29.01 8.04 -32.69
CA VAL A 18 -28.61 6.93 -33.54
C VAL A 18 -28.65 5.63 -32.74
N GLN A 19 -29.27 4.60 -33.29
CA GLN A 19 -29.29 3.26 -32.70
C GLN A 19 -27.92 2.60 -32.86
N VAL A 20 -27.37 2.12 -31.76
CA VAL A 20 -26.11 1.37 -31.73
C VAL A 20 -26.37 0.01 -31.12
N ALA A 21 -26.12 -1.05 -31.89
CA ALA A 21 -26.29 -2.42 -31.42
C ALA A 21 -25.01 -2.93 -30.76
N ASP A 22 -25.20 -3.71 -29.70
CA ASP A 22 -24.11 -4.25 -28.89
C ASP A 22 -24.44 -5.71 -28.54
N PRO A 23 -24.39 -6.60 -29.52
CA PRO A 23 -24.86 -7.97 -29.29
C PRO A 23 -24.11 -8.74 -28.23
N TYR A 24 -22.86 -8.39 -27.98
CA TYR A 24 -22.02 -9.12 -27.05
C TYR A 24 -21.68 -8.29 -25.81
N ARG A 25 -22.54 -7.33 -25.49
CA ARG A 25 -22.45 -6.56 -24.23
C ARG A 25 -22.18 -7.43 -23.00
N TRP A 26 -22.78 -8.61 -22.93
CA TRP A 26 -22.64 -9.45 -21.76
C TRP A 26 -21.22 -9.89 -21.48
N LEU A 27 -20.38 -9.92 -22.51
CA LEU A 27 -18.98 -10.28 -22.32
C LEU A 27 -18.13 -9.19 -21.70
N GLU A 28 -18.67 -8.01 -21.46
CA GLU A 28 -17.88 -6.93 -20.85
C GLU A 28 -17.46 -7.20 -19.42
N ASP A 29 -18.34 -7.80 -18.64
CA ASP A 29 -18.13 -7.95 -17.20
C ASP A 29 -17.40 -9.25 -16.92
N GLU A 30 -16.10 -9.14 -16.68
CA GLU A 30 -15.27 -10.32 -16.49
C GLU A 30 -15.52 -10.97 -15.12
N LYS A 31 -16.28 -10.30 -14.25
CA LYS A 31 -16.61 -10.90 -12.95
C LYS A 31 -17.72 -11.94 -13.02
N ALA A 32 -18.44 -12.01 -14.12
CA ALA A 32 -19.49 -13.00 -14.27
C ALA A 32 -18.89 -14.37 -14.54
N PRO A 33 -19.27 -15.41 -13.78
CA PRO A 33 -18.76 -16.76 -14.04
C PRO A 33 -18.95 -17.24 -15.49
N GLU A 34 -20.04 -16.87 -16.13
CA GLU A 34 -20.28 -17.32 -17.48
C GLU A 34 -19.19 -16.78 -18.41
N VAL A 35 -18.75 -15.56 -18.15
CA VAL A 35 -17.73 -14.93 -18.99
C VAL A 35 -16.38 -15.61 -18.72
N GLN A 36 -16.05 -15.88 -17.47
CA GLN A 36 -14.81 -16.62 -17.17
C GLN A 36 -14.80 -17.98 -17.82
N THR A 37 -15.91 -18.71 -17.76
CA THR A 37 -15.99 -20.01 -18.43
C THR A 37 -15.74 -19.91 -19.96
N TRP A 38 -16.34 -18.89 -20.57
CA TRP A 38 -16.20 -18.63 -22.01
C TRP A 38 -14.75 -18.30 -22.36
N MET A 39 -14.13 -17.47 -21.55
CA MET A 39 -12.73 -17.11 -21.72
C MET A 39 -11.82 -18.35 -21.70
N THR A 40 -12.02 -19.18 -20.70
CA THR A 40 -11.24 -20.40 -20.60
C THR A 40 -11.43 -21.28 -21.83
N ALA A 41 -12.69 -21.42 -22.27
CA ALA A 41 -12.99 -22.23 -23.45
C ALA A 41 -12.42 -21.64 -24.74
N GLN A 42 -12.48 -20.32 -24.87
CA GLN A 42 -11.88 -19.68 -26.04
C GLN A 42 -10.37 -19.85 -26.08
N ASN A 43 -9.70 -19.63 -24.96
CA ASN A 43 -8.26 -19.82 -24.90
C ASN A 43 -7.88 -21.28 -25.18
N ALA A 44 -8.64 -22.22 -24.61
CA ALA A 44 -8.34 -23.63 -24.80
C ALA A 44 -8.44 -23.99 -26.28
N HIS A 45 -9.48 -23.47 -26.94
CA HIS A 45 -9.67 -23.68 -28.36
C HIS A 45 -8.51 -23.10 -29.17
N ALA A 46 -8.06 -21.91 -28.79
CA ALA A 46 -6.98 -21.29 -29.51
C ALA A 46 -5.69 -22.11 -29.34
N ARG A 47 -5.40 -22.55 -28.13
CA ARG A 47 -4.16 -23.29 -27.90
C ARG A 47 -4.20 -24.63 -28.63
N GLU A 48 -5.35 -25.29 -28.64
CA GLU A 48 -5.54 -26.57 -29.35
C GLU A 48 -5.30 -26.38 -30.83
N ALA A 49 -5.85 -25.31 -31.40
CA ALA A 49 -5.71 -25.04 -32.81
C ALA A 49 -4.25 -24.71 -33.17
N LEU A 50 -3.63 -23.86 -32.34
CA LEU A 50 -2.25 -23.45 -32.56
C LEU A 50 -1.29 -24.64 -32.53
N ALA A 51 -1.58 -25.63 -31.71
CA ALA A 51 -0.67 -26.76 -31.48
C ALA A 51 -0.54 -27.67 -32.72
N LYS A 52 -1.51 -27.58 -33.62
CA LYS A 52 -1.55 -28.37 -34.85
C LYS A 52 -0.86 -27.65 -36.02
N PHE A 53 -0.52 -26.37 -35.84
CA PHE A 53 0.03 -25.53 -36.93
C PHE A 53 1.46 -25.94 -37.18
N PRO A 54 2.00 -25.60 -38.36
CA PRO A 54 3.29 -26.16 -38.78
C PRO A 54 4.52 -25.42 -38.26
N GLY A 55 5.61 -26.18 -38.12
CA GLY A 55 6.93 -25.62 -37.88
C GLY A 55 7.28 -25.36 -36.43
N ARG A 56 6.49 -25.88 -35.49
CA ARG A 56 6.54 -25.37 -34.11
C ARG A 56 7.80 -25.77 -33.36
N GLU A 57 8.26 -27.01 -33.53
CA GLU A 57 9.45 -27.47 -32.83
C GLU A 57 10.68 -26.67 -33.29
N ALA A 58 10.81 -26.48 -34.60
CA ALA A 58 11.89 -25.67 -35.17
C ALA A 58 11.83 -24.21 -34.74
N LEU A 59 10.63 -23.63 -34.73
CA LEU A 59 10.48 -22.24 -34.32
C LEU A 59 10.90 -22.11 -32.85
N ALA A 60 10.42 -23.02 -32.00
CA ALA A 60 10.73 -22.92 -30.58
C ALA A 60 12.23 -23.03 -30.32
N ALA A 61 12.91 -23.93 -31.03
CA ALA A 61 14.35 -24.09 -30.81
C ALA A 61 15.06 -22.81 -31.25
N ARG A 62 14.59 -22.23 -32.35
CA ARG A 62 15.27 -21.06 -32.90
C ARG A 62 15.04 -19.84 -32.01
N PHE A 63 13.80 -19.67 -31.54
CA PHE A 63 13.49 -18.55 -30.65
C PHE A 63 14.21 -18.70 -29.31
N LYS A 64 14.45 -19.93 -28.86
CA LYS A 64 15.24 -20.12 -27.65
C LYS A 64 16.69 -19.65 -27.84
N GLU A 65 17.26 -19.92 -29.01
CA GLU A 65 18.60 -19.49 -29.36
C GLU A 65 18.68 -17.96 -29.45
N LEU A 66 17.60 -17.32 -29.86
CA LEU A 66 17.59 -15.90 -30.14
C LEU A 66 17.16 -15.04 -28.97
N PHE A 67 16.17 -15.49 -28.19
CA PHE A 67 15.54 -14.61 -27.18
C PHE A 67 16.29 -14.55 -25.85
N TYR A 68 17.05 -15.61 -25.52
CA TYR A 68 17.90 -15.56 -24.33
C TYR A 68 19.20 -14.93 -24.76
N THR A 69 19.52 -13.76 -24.21
CA THR A 69 20.72 -13.05 -24.60
C THR A 69 21.50 -12.58 -23.37
N ASP A 70 22.76 -12.25 -23.64
CA ASP A 70 23.60 -11.49 -22.73
C ASP A 70 23.53 -10.07 -23.24
N SER A 71 23.00 -9.17 -22.43
CA SER A 71 22.94 -7.78 -22.78
C SER A 71 23.17 -6.94 -21.53
N VAL A 72 23.54 -5.70 -21.76
CA VAL A 72 23.67 -4.72 -20.68
C VAL A 72 23.08 -3.38 -21.14
N SER A 73 22.39 -2.69 -20.22
CA SER A 73 21.76 -1.36 -20.44
C SER A 73 22.81 -0.27 -20.31
N THR A 74 22.50 0.92 -20.80
CA THR A 74 23.33 2.09 -20.45
C THR A 74 23.36 2.28 -18.93
N PRO A 75 24.49 2.73 -18.40
CA PRO A 75 24.62 2.87 -16.95
C PRO A 75 24.13 4.20 -16.40
N SER A 76 23.51 4.14 -15.23
CA SER A 76 23.26 5.33 -14.41
C SER A 76 24.42 5.54 -13.44
N ARG A 77 25.02 6.71 -13.47
CA ARG A 77 26.20 7.00 -12.67
C ARG A 77 25.84 7.94 -11.54
N ARG A 78 26.17 7.55 -10.32
CA ARG A 78 25.88 8.35 -9.14
C ARG A 78 26.99 8.20 -8.14
N ASN A 79 27.67 9.30 -7.84
CA ASN A 79 28.68 9.32 -6.78
C ASN A 79 29.73 8.21 -6.92
N GLY A 80 30.22 8.01 -8.13
CA GLY A 80 31.28 7.06 -8.40
C GLY A 80 30.83 5.62 -8.60
N ARG A 81 29.53 5.37 -8.45
CA ARG A 81 28.96 4.05 -8.66
C ARG A 81 28.19 4.00 -9.96
N PHE A 82 28.08 2.81 -10.53
CA PHE A 82 27.39 2.57 -11.76
C PHE A 82 26.29 1.58 -11.51
N PHE A 83 25.13 1.83 -12.11
CA PHE A 83 23.94 1.01 -11.94
C PHE A 83 23.37 0.71 -13.31
N TYR A 84 23.03 -0.55 -13.57
CA TYR A 84 22.67 -0.96 -14.92
C TYR A 84 22.01 -2.33 -14.87
N VAL A 85 21.15 -2.58 -15.84
CA VAL A 85 20.46 -3.84 -15.95
C VAL A 85 21.17 -4.77 -16.94
N ARG A 86 21.23 -6.06 -16.61
CA ARG A 86 21.72 -7.08 -17.53
C ARG A 86 20.65 -8.11 -17.79
N THR A 87 20.69 -8.69 -18.99
CA THR A 87 20.05 -9.98 -19.19
C THR A 87 21.14 -11.05 -19.26
N HIS A 88 20.76 -12.25 -18.88
CA HIS A 88 21.61 -13.45 -18.96
C HIS A 88 20.87 -14.54 -19.75
N LYS A 89 21.60 -15.48 -20.31
CA LYS A 89 20.99 -16.50 -21.15
C LYS A 89 20.23 -17.53 -20.36
N ASP A 90 20.40 -17.53 -19.03
CA ASP A 90 19.76 -18.53 -18.16
C ASP A 90 18.81 -17.93 -17.14
N LYS A 91 18.28 -16.75 -17.46
CA LYS A 91 17.34 -16.06 -16.59
C LYS A 91 16.10 -15.58 -17.37
N GLU A 92 14.98 -15.58 -16.69
CA GLU A 92 13.68 -15.20 -17.30
C GLU A 92 13.41 -13.71 -17.32
N LYS A 93 14.05 -12.95 -16.42
CA LYS A 93 13.90 -11.50 -16.29
C LYS A 93 15.28 -10.87 -16.15
N ALA A 94 15.39 -9.63 -16.58
CA ALA A 94 16.60 -8.83 -16.38
C ALA A 94 16.83 -8.49 -14.92
N ILE A 95 18.09 -8.23 -14.58
CA ILE A 95 18.55 -8.01 -13.23
C ILE A 95 19.29 -6.69 -13.12
N LEU A 96 19.07 -5.95 -12.05
CA LEU A 96 19.75 -4.69 -11.76
C LEU A 96 21.02 -4.95 -10.96
N TYR A 97 22.16 -4.52 -11.50
CA TYR A 97 23.49 -4.61 -10.91
C TYR A 97 24.03 -3.26 -10.53
N TRP A 98 25.01 -3.24 -9.66
CA TRP A 98 25.82 -2.07 -9.41
C TRP A 98 27.29 -2.43 -9.24
N ARG A 99 28.14 -1.43 -9.42
CA ARG A 99 29.55 -1.57 -9.11
C ARG A 99 30.12 -0.24 -8.66
N GLN A 100 31.19 -0.34 -7.89
CA GLN A 100 31.92 0.82 -7.43
C GLN A 100 33.04 1.10 -8.41
N GLY A 101 32.96 2.23 -9.10
CA GLY A 101 33.94 2.58 -10.11
C GLY A 101 33.75 1.80 -11.41
N GLU A 102 34.46 2.26 -12.43
CA GLU A 102 34.27 1.76 -13.78
C GLU A 102 34.60 0.28 -13.90
N SER A 103 35.57 -0.20 -13.13
CA SER A 103 35.98 -1.61 -13.19
C SER A 103 35.96 -2.32 -11.82
N GLY A 104 35.12 -1.84 -10.90
CA GLY A 104 34.88 -2.57 -9.66
C GLY A 104 34.05 -3.82 -9.93
N GLN A 105 34.10 -4.77 -9.00
CA GLN A 105 33.33 -6.02 -9.19
C GLN A 105 31.85 -5.72 -8.97
N GLU A 106 31.04 -6.21 -9.89
CA GLU A 106 29.64 -5.94 -9.87
C GLU A 106 28.91 -6.88 -8.93
N LYS A 107 27.79 -6.39 -8.42
CA LYS A 107 26.94 -7.10 -7.49
C LYS A 107 25.49 -6.98 -7.92
N VAL A 108 24.74 -8.07 -7.74
CA VAL A 108 23.31 -8.04 -7.97
C VAL A 108 22.67 -7.17 -6.90
N LEU A 109 21.78 -6.28 -7.32
CA LEU A 109 21.06 -5.38 -6.40
C LEU A 109 19.59 -5.79 -6.33
N LEU A 110 18.95 -5.93 -7.49
CA LEU A 110 17.55 -6.35 -7.55
C LEU A 110 17.43 -7.45 -8.59
N ASP A 111 16.98 -8.63 -8.16
CA ASP A 111 16.78 -9.78 -9.04
C ASP A 111 15.31 -10.23 -8.98
N PRO A 112 14.50 -9.73 -9.89
CA PRO A 112 13.08 -10.04 -9.86
C PRO A 112 12.78 -11.50 -10.10
N ASN A 113 13.71 -12.27 -10.63
CA ASN A 113 13.51 -13.72 -10.74
C ASN A 113 13.29 -14.36 -9.38
N GLY A 114 13.75 -13.71 -8.32
CA GLY A 114 13.58 -14.23 -6.97
C GLY A 114 12.41 -13.66 -6.20
N TRP A 115 11.56 -12.84 -6.84
CA TRP A 115 10.45 -12.16 -6.19
C TRP A 115 9.17 -12.97 -6.11
N SER A 116 9.16 -14.12 -6.75
CA SER A 116 8.02 -15.04 -6.74
C SER A 116 8.53 -16.37 -7.27
N LYS A 117 7.76 -17.44 -7.10
CA LYS A 117 8.21 -18.76 -7.55
C LYS A 117 7.97 -18.97 -9.06
N ASP A 118 7.09 -18.17 -9.64
CA ASP A 118 6.59 -18.38 -10.98
C ASP A 118 6.72 -17.16 -11.93
N GLY A 119 7.56 -16.20 -11.58
CA GLY A 119 7.83 -15.07 -12.45
C GLY A 119 6.74 -14.03 -12.58
N THR A 120 5.86 -13.94 -11.57
CA THR A 120 4.68 -13.08 -11.64
C THR A 120 4.76 -11.73 -10.91
N VAL A 121 5.97 -11.33 -10.53
CA VAL A 121 6.21 -9.98 -10.02
C VAL A 121 7.41 -9.41 -10.77
N SER A 122 7.24 -8.25 -11.34
CA SER A 122 8.25 -7.62 -12.18
C SER A 122 8.79 -6.32 -11.58
N LEU A 123 9.97 -5.94 -12.08
CA LEU A 123 10.58 -4.67 -11.77
C LEU A 123 10.07 -3.63 -12.74
N GLY A 124 9.61 -2.51 -12.23
CA GLY A 124 9.21 -1.38 -13.04
C GLY A 124 10.30 -0.31 -13.06
N THR A 125 9.90 0.95 -12.92
CA THR A 125 10.84 2.05 -12.86
C THR A 125 11.82 1.93 -11.67
N TRP A 126 13.03 2.39 -11.83
CA TRP A 126 13.95 2.52 -10.73
C TRP A 126 14.72 3.83 -10.84
N ALA A 127 15.09 4.42 -9.71
CA ALA A 127 15.77 5.71 -9.65
C ALA A 127 16.76 5.64 -8.52
N VAL A 128 18.03 5.88 -8.83
CA VAL A 128 19.10 5.84 -7.86
C VAL A 128 19.24 7.21 -7.20
N SER A 129 19.47 7.23 -5.90
CA SER A 129 19.71 8.48 -5.19
C SER A 129 21.06 9.07 -5.63
N TRP A 130 21.20 10.39 -5.47
CA TRP A 130 22.38 11.09 -5.96
C TRP A 130 23.65 10.65 -5.26
N ASP A 131 23.55 10.16 -4.02
CA ASP A 131 24.70 9.65 -3.29
C ASP A 131 25.06 8.20 -3.63
N GLY A 132 24.27 7.56 -4.47
CA GLY A 132 24.49 6.17 -4.88
C GLY A 132 24.23 5.17 -3.77
N LYS A 133 23.54 5.58 -2.72
CA LYS A 133 23.33 4.70 -1.55
C LYS A 133 21.95 4.03 -1.49
N LYS A 134 20.97 4.53 -2.24
CA LYS A 134 19.60 4.06 -2.20
C LYS A 134 19.05 3.94 -3.62
N VAL A 135 18.14 2.99 -3.84
CA VAL A 135 17.41 2.91 -5.10
C VAL A 135 15.94 2.82 -4.74
N ALA A 136 15.15 3.71 -5.30
CA ALA A 136 13.69 3.64 -5.23
C ALA A 136 13.21 2.94 -6.49
N PHE A 137 12.30 1.99 -6.35
CA PHE A 137 11.91 1.13 -7.46
C PHE A 137 10.49 0.65 -7.31
N ALA A 138 9.87 0.30 -8.43
CA ALA A 138 8.50 -0.23 -8.44
C ALA A 138 8.51 -1.74 -8.56
N GLN A 139 7.65 -2.39 -7.77
CA GLN A 139 7.29 -3.79 -7.99
C GLN A 139 5.90 -3.84 -8.61
N LYS A 140 5.74 -4.64 -9.67
CA LYS A 140 4.52 -4.66 -10.49
C LYS A 140 4.05 -6.10 -10.67
N PRO A 141 3.00 -6.52 -9.96
CA PRO A 141 2.42 -7.84 -10.21
C PRO A 141 2.03 -8.00 -11.65
N ASN A 142 2.40 -9.15 -12.22
CA ASN A 142 2.06 -9.53 -13.57
C ASN A 142 2.60 -8.58 -14.63
N ALA A 143 3.59 -7.77 -14.28
CA ALA A 143 4.09 -6.69 -15.14
C ALA A 143 2.97 -5.77 -15.62
N ALA A 144 1.90 -5.68 -14.83
CA ALA A 144 0.81 -4.76 -15.13
C ALA A 144 1.16 -3.34 -14.65
N ASP A 145 0.27 -2.38 -14.82
CA ASP A 145 0.62 -0.99 -14.52
C ASP A 145 0.65 -0.67 -13.03
N GLU A 146 -0.21 -1.33 -12.26
CA GLU A 146 -0.31 -1.08 -10.84
C GLU A 146 1.08 -1.36 -10.24
N ALA A 147 1.54 -0.45 -9.39
CA ALA A 147 2.89 -0.52 -8.85
C ALA A 147 2.95 -0.09 -7.39
N VAL A 148 3.87 -0.70 -6.65
CA VAL A 148 4.18 -0.28 -5.30
C VAL A 148 5.64 0.12 -5.26
N LEU A 149 5.92 1.30 -4.71
CA LEU A 149 7.30 1.76 -4.56
C LEU A 149 7.96 1.20 -3.32
N HIS A 150 9.21 0.79 -3.47
CA HIS A 150 10.09 0.33 -2.42
C HIS A 150 11.41 1.05 -2.50
N VAL A 151 12.21 0.94 -1.45
CA VAL A 151 13.55 1.47 -1.44
C VAL A 151 14.49 0.42 -0.92
N ILE A 152 15.63 0.26 -1.59
CA ILE A 152 16.67 -0.65 -1.16
C ILE A 152 17.92 0.13 -0.80
N ASP A 153 18.58 -0.28 0.27
CA ASP A 153 19.88 0.24 0.64
C ASP A 153 20.95 -0.52 -0.14
N VAL A 154 21.76 0.20 -0.93
CA VAL A 154 22.68 -0.44 -1.86
C VAL A 154 23.79 -1.22 -1.15
N ASP A 155 24.39 -0.64 -0.13
CA ASP A 155 25.54 -1.26 0.52
C ASP A 155 25.15 -2.58 1.20
N SER A 156 23.98 -2.61 1.81
CA SER A 156 23.52 -3.76 2.60
C SER A 156 22.57 -4.68 1.89
N GLY A 157 21.94 -4.18 0.83
CA GLY A 157 20.86 -4.90 0.15
C GLY A 157 19.55 -5.00 0.92
N GLU A 158 19.41 -4.24 2.02
CA GLU A 158 18.19 -4.30 2.81
C GLU A 158 17.07 -3.47 2.19
N TRP A 159 15.92 -4.10 2.02
CA TRP A 159 14.72 -3.42 1.61
C TRP A 159 14.12 -2.72 2.80
N SER A 160 13.82 -1.43 2.66
CA SER A 160 13.14 -0.66 3.69
C SER A 160 11.75 -1.22 4.00
N LYS A 161 11.46 -1.35 5.29
CA LYS A 161 10.12 -1.75 5.70
C LYS A 161 9.19 -0.56 5.86
N VAL A 162 9.76 0.64 6.01
CA VAL A 162 8.97 1.86 6.18
C VAL A 162 8.64 2.53 4.84
N ASP A 163 9.59 2.53 3.91
CA ASP A 163 9.46 3.28 2.66
C ASP A 163 8.79 2.39 1.63
N VAL A 164 7.50 2.21 1.80
CA VAL A 164 6.71 1.35 0.95
C VAL A 164 5.46 2.14 0.61
N ILE A 165 5.24 2.41 -0.66
CA ILE A 165 4.17 3.29 -1.07
C ILE A 165 3.30 2.66 -2.15
N GLU A 166 2.07 2.28 -1.80
CA GLU A 166 1.11 1.84 -2.81
C GLU A 166 0.62 3.03 -3.64
N GLY A 167 0.01 2.75 -4.77
CA GLY A 167 -0.46 3.80 -5.64
C GLY A 167 0.63 4.47 -6.47
N GLY A 168 1.69 3.73 -6.79
CA GLY A 168 2.79 4.26 -7.54
C GLY A 168 2.78 4.06 -9.04
N LYS A 169 1.63 3.71 -9.60
CA LYS A 169 1.50 3.46 -11.03
C LYS A 169 2.22 4.50 -11.92
N TYR A 170 1.97 5.78 -11.63
CA TYR A 170 2.48 6.86 -12.47
C TYR A 170 3.81 7.43 -12.00
N ALA A 171 4.38 6.87 -10.94
CA ALA A 171 5.56 7.49 -10.29
C ALA A 171 6.87 7.23 -11.03
N THR A 172 7.66 8.29 -11.14
CA THR A 172 9.08 8.18 -11.46
C THR A 172 9.79 9.01 -10.38
N PRO A 173 10.38 8.38 -9.36
CA PRO A 173 10.93 9.16 -8.25
C PRO A 173 12.01 10.16 -8.68
N LYS A 174 11.84 11.39 -8.20
CA LYS A 174 12.84 12.46 -8.36
C LYS A 174 13.48 12.72 -7.00
N TRP A 175 14.66 12.16 -6.79
CA TRP A 175 15.43 12.37 -5.58
C TRP A 175 15.93 13.80 -5.44
N THR A 176 15.80 14.37 -4.25
CA THR A 176 16.46 15.65 -3.98
C THR A 176 17.96 15.46 -3.86
N PRO A 177 18.74 16.52 -4.10
CA PRO A 177 20.22 16.42 -4.03
C PRO A 177 20.77 15.88 -2.70
N ASP A 178 20.05 16.04 -1.59
CA ASP A 178 20.48 15.53 -0.29
C ASP A 178 20.25 14.03 -0.10
N SER A 179 19.62 13.39 -1.08
CA SER A 179 19.30 11.97 -1.06
C SER A 179 18.42 11.58 0.14
N LYS A 180 17.71 12.55 0.70
CA LYS A 180 16.90 12.32 1.89
C LYS A 180 15.46 11.94 1.58
N GLY A 181 15.06 12.03 0.31
CA GLY A 181 13.71 11.68 -0.08
C GLY A 181 13.50 12.03 -1.54
N PHE A 182 12.28 11.82 -2.03
CA PHE A 182 12.00 12.02 -3.44
C PHE A 182 10.57 12.53 -3.67
N TYR A 183 10.42 13.32 -4.71
CA TYR A 183 9.11 13.69 -5.26
C TYR A 183 8.57 12.57 -6.11
N TYR A 184 7.27 12.36 -6.11
CA TYR A 184 6.67 11.31 -6.92
C TYR A 184 5.19 11.56 -7.14
N GLU A 185 4.66 10.89 -8.15
CA GLU A 185 3.27 10.93 -8.57
C GLU A 185 2.53 9.79 -7.88
N TRP A 186 1.46 10.13 -7.17
CA TRP A 186 0.75 9.21 -6.28
C TRP A 186 -0.73 9.14 -6.63
N LEU A 187 -1.30 7.93 -6.55
CA LEU A 187 -2.76 7.73 -6.63
C LEU A 187 -3.28 7.24 -5.28
N PRO A 188 -4.40 7.79 -4.82
CA PRO A 188 -5.01 7.32 -3.57
C PRO A 188 -5.64 5.94 -3.80
N THR A 189 -5.77 5.13 -2.75
CA THR A 189 -6.54 3.91 -2.83
C THR A 189 -7.84 4.21 -2.09
N ASP A 190 -8.84 4.56 -2.87
CA ASP A 190 -10.13 4.95 -2.36
C ASP A 190 -11.14 4.11 -3.12
N PRO A 191 -11.80 3.18 -2.45
CA PRO A 191 -12.69 2.24 -3.14
C PRO A 191 -13.92 2.88 -3.77
N SER A 192 -14.20 4.15 -3.43
CA SER A 192 -15.33 4.84 -4.01
C SER A 192 -15.01 5.53 -5.32
N ILE A 193 -13.75 5.49 -5.73
CA ILE A 193 -13.35 6.05 -7.04
C ILE A 193 -13.47 4.97 -8.11
N LYS A 194 -14.29 5.27 -9.12
CA LYS A 194 -14.46 4.40 -10.28
C LYS A 194 -13.15 4.32 -11.06
N VAL A 195 -12.87 3.16 -11.62
CA VAL A 195 -11.61 2.88 -12.28
C VAL A 195 -11.41 3.92 -13.39
N ASP A 196 -12.46 4.22 -14.14
CA ASP A 196 -12.31 5.18 -15.24
C ASP A 196 -12.03 6.62 -14.82
N GLU A 197 -12.38 6.95 -13.57
CA GLU A 197 -12.13 8.30 -13.06
C GLU A 197 -10.80 8.43 -12.34
N ARG A 198 -10.20 7.29 -11.98
CA ARG A 198 -8.98 7.29 -11.18
C ARG A 198 -7.84 8.15 -11.74
N PRO A 199 -7.63 8.19 -13.05
CA PRO A 199 -6.53 9.02 -13.57
C PRO A 199 -6.60 10.50 -13.20
N GLY A 200 -7.77 10.99 -12.82
CA GLY A 200 -7.90 12.38 -12.42
C GLY A 200 -7.49 12.64 -10.98
N TYR A 201 -6.98 11.63 -10.26
CA TYR A 201 -6.65 11.78 -8.83
C TYR A 201 -5.17 11.80 -8.50
N THR A 202 -4.33 11.73 -9.53
CA THR A 202 -2.88 11.80 -9.35
C THR A 202 -2.53 13.05 -8.61
N THR A 203 -1.63 12.88 -7.64
CA THR A 203 -1.14 13.96 -6.84
C THR A 203 0.38 13.92 -6.83
N ILE A 204 1.02 15.07 -6.69
CA ILE A 204 2.46 15.06 -6.45
C ILE A 204 2.71 15.13 -4.95
N ARG A 205 3.50 14.18 -4.44
CA ARG A 205 3.88 14.12 -3.03
C ARG A 205 5.40 14.09 -2.87
N TYR A 206 5.86 14.34 -1.66
CA TYR A 206 7.28 14.21 -1.31
C TYR A 206 7.38 13.19 -0.21
N HIS A 207 8.21 12.19 -0.41
CA HIS A 207 8.43 11.17 0.60
C HIS A 207 9.81 11.39 1.21
N THR A 208 9.84 11.61 2.52
CA THR A 208 11.10 11.66 3.26
C THR A 208 11.47 10.24 3.70
N LEU A 209 12.66 9.77 3.35
CA LEU A 209 13.06 8.41 3.69
C LEU A 209 13.02 8.22 5.19
N GLY A 210 12.51 7.07 5.60
CA GLY A 210 12.49 6.70 6.99
C GLY A 210 11.25 7.16 7.74
N THR A 211 10.33 7.82 7.05
CA THR A 211 9.10 8.27 7.69
C THR A 211 7.95 7.55 7.08
N GLU A 212 6.83 7.54 7.80
CA GLU A 212 5.60 6.92 7.29
C GLU A 212 5.06 7.67 6.08
N PRO A 213 4.73 6.97 4.98
CA PRO A 213 4.19 7.66 3.80
C PRO A 213 2.87 8.45 4.02
N SER A 214 2.09 8.15 5.05
CA SER A 214 0.92 8.99 5.38
C SER A 214 1.30 10.44 5.73
N LYS A 215 2.54 10.66 6.17
CA LYS A 215 3.06 12.00 6.45
C LYS A 215 3.64 12.72 5.24
N ASP A 216 3.67 12.05 4.08
CA ASP A 216 4.22 12.66 2.88
C ASP A 216 3.51 13.97 2.59
N THR A 217 4.27 15.01 2.22
CA THR A 217 3.64 16.29 1.91
C THR A 217 2.97 16.25 0.54
N VAL A 218 1.83 16.91 0.46
CA VAL A 218 1.15 17.15 -0.79
C VAL A 218 1.79 18.37 -1.45
N VAL A 219 2.52 18.10 -2.53
CA VAL A 219 3.23 19.10 -3.28
C VAL A 219 2.34 19.81 -4.30
N HIS A 220 1.49 19.05 -4.98
CA HIS A 220 0.55 19.63 -5.93
C HIS A 220 -0.69 18.76 -5.95
N GLU A 221 -1.85 19.39 -5.78
CA GLU A 221 -3.10 18.64 -5.73
C GLU A 221 -3.49 18.13 -7.11
N ARG A 222 -4.49 17.27 -7.11
CA ARG A 222 -4.94 16.62 -8.33
C ARG A 222 -5.60 17.64 -9.26
N THR A 223 -5.71 17.29 -10.52
CA THR A 223 -6.47 18.09 -11.47
C THR A 223 -7.96 17.78 -11.41
N GLY A 224 -8.30 16.58 -10.95
CA GLY A 224 -9.68 16.16 -10.99
C GLY A 224 -10.24 15.84 -12.37
N ASP A 225 -9.35 15.71 -13.35
CA ASP A 225 -9.72 15.55 -14.74
C ASP A 225 -9.05 14.29 -15.28
N PRO A 226 -9.83 13.25 -15.52
CA PRO A 226 -9.24 11.96 -15.91
C PRO A 226 -8.78 11.95 -17.38
N THR A 227 -8.94 13.08 -18.09
CA THR A 227 -8.37 13.19 -19.41
C THR A 227 -6.98 13.80 -19.40
N THR A 228 -6.39 13.95 -18.23
CA THR A 228 -5.04 14.48 -18.06
C THR A 228 -4.11 13.52 -17.37
N PHE A 229 -2.81 13.82 -17.46
CA PHE A 229 -1.80 13.28 -16.57
C PHE A 229 -1.17 14.41 -15.77
N LEU A 230 -0.74 14.12 -14.56
CA LEU A 230 0.01 15.08 -13.77
C LEU A 230 1.40 14.50 -13.56
N GLN A 231 2.44 15.26 -13.90
CA GLN A 231 3.81 14.77 -13.77
C GLN A 231 4.71 15.84 -13.20
N SER A 232 5.68 15.43 -12.39
CA SER A 232 6.64 16.37 -11.82
C SER A 232 8.05 16.11 -12.34
N ASP A 233 8.91 17.12 -12.19
CA ASP A 233 10.34 16.95 -12.43
C ASP A 233 11.10 17.91 -11.54
N LEU A 234 12.38 17.66 -11.34
CA LEU A 234 13.20 18.43 -10.41
C LEU A 234 14.56 18.67 -11.06
N SER A 235 15.04 19.91 -11.00
CA SER A 235 16.36 20.20 -11.53
C SER A 235 17.43 19.52 -10.67
N ARG A 236 18.58 19.29 -11.30
CA ARG A 236 19.74 18.72 -10.59
C ARG A 236 20.15 19.42 -9.33
N ASP A 237 20.14 20.75 -9.34
CA ASP A 237 20.52 21.51 -8.15
C ASP A 237 19.43 21.59 -7.09
N GLY A 238 18.26 20.97 -7.37
CA GLY A 238 17.16 20.98 -6.43
C GLY A 238 16.42 22.30 -6.32
N LYS A 239 16.80 23.28 -7.13
CA LYS A 239 16.28 24.62 -6.95
C LYS A 239 15.01 24.89 -7.72
N TYR A 240 14.68 24.06 -8.70
CA TYR A 240 13.51 24.27 -9.54
C TYR A 240 12.70 22.99 -9.61
N LEU A 241 11.49 23.09 -9.10
CA LEU A 241 10.49 22.05 -9.18
C LEU A 241 9.44 22.39 -10.25
N PHE A 242 9.21 21.45 -11.16
CA PHE A 242 8.26 21.59 -12.25
C PHE A 242 7.09 20.60 -12.10
N VAL A 243 5.90 21.08 -12.44
CA VAL A 243 4.71 20.25 -12.54
C VAL A 243 4.08 20.49 -13.89
N TYR A 244 3.84 19.39 -14.60
CA TYR A 244 3.21 19.38 -15.90
C TYR A 244 1.76 18.90 -15.79
N ILE A 245 0.83 19.59 -16.43
CA ILE A 245 -0.51 19.07 -16.67
C ILE A 245 -0.55 18.70 -18.15
N LEU A 246 -0.54 17.40 -18.42
CA LEU A 246 -0.47 16.86 -19.77
C LEU A 246 -1.89 16.61 -20.27
N ARG A 247 -2.30 17.30 -21.32
CA ARG A 247 -3.59 17.04 -21.97
C ARG A 247 -3.34 16.15 -23.19
N GLY A 248 -3.32 14.86 -22.95
CA GLY A 248 -2.99 13.88 -23.95
C GLY A 248 -1.57 14.10 -24.43
N TRP A 249 -1.40 13.97 -25.74
CA TRP A 249 -0.11 14.01 -26.40
C TRP A 249 0.01 15.25 -27.28
N SER A 250 -0.86 16.25 -27.11
CA SER A 250 -0.85 17.42 -28.01
C SER A 250 -0.64 18.75 -27.35
N GLU A 251 -0.91 18.84 -26.05
CA GLU A 251 -0.71 20.11 -25.36
C GLU A 251 -0.49 19.89 -23.90
N ASN A 252 0.22 20.81 -23.27
CA ASN A 252 0.40 20.76 -21.83
C ASN A 252 0.66 22.13 -21.25
N ASP A 253 0.47 22.22 -19.93
CA ASP A 253 0.85 23.37 -19.14
C ASP A 253 2.11 23.06 -18.38
N VAL A 254 2.83 24.10 -17.97
CA VAL A 254 3.99 23.94 -17.11
C VAL A 254 3.91 24.95 -15.96
N TYR A 255 3.99 24.44 -14.74
CA TYR A 255 4.12 25.23 -13.52
C TYR A 255 5.47 24.97 -12.88
N TRP A 256 5.98 25.94 -12.14
CA TRP A 256 7.22 25.75 -11.41
C TRP A 256 7.27 26.57 -10.16
N LYS A 257 8.16 26.16 -9.27
CA LYS A 257 8.51 26.94 -8.11
C LYS A 257 9.90 26.54 -7.63
N ARG A 258 10.43 27.38 -6.75
CA ARG A 258 11.58 27.00 -5.94
C ARG A 258 10.97 26.27 -4.74
N PRO A 259 11.44 25.08 -4.41
CA PRO A 259 10.89 24.35 -3.26
C PRO A 259 10.87 25.20 -2.00
N GLY A 260 9.75 25.21 -1.28
CA GLY A 260 9.59 26.05 -0.11
C GLY A 260 8.73 27.27 -0.39
N GLU A 261 8.66 27.72 -1.64
CA GLU A 261 7.76 28.79 -2.02
C GLU A 261 6.33 28.32 -1.81
N LYS A 262 5.44 29.25 -1.50
CA LYS A 262 4.07 28.92 -1.18
C LYS A 262 3.25 28.52 -2.40
N ASP A 263 3.40 29.25 -3.51
CA ASP A 263 2.55 29.03 -4.69
C ASP A 263 3.40 28.59 -5.87
N PHE A 264 2.79 27.79 -6.75
CA PHE A 264 3.36 27.56 -8.07
C PHE A 264 3.21 28.78 -8.98
N ARG A 265 4.21 28.99 -9.83
CA ARG A 265 4.16 30.00 -10.87
C ARG A 265 3.79 29.31 -12.19
N LEU A 266 2.97 29.95 -13.02
CA LEU A 266 2.70 29.45 -14.35
C LEU A 266 3.82 29.82 -15.29
N LEU A 267 4.51 28.83 -15.84
CA LEU A 267 5.45 29.12 -16.92
C LEU A 267 4.70 29.38 -18.23
N VAL A 268 3.82 28.45 -18.60
CA VAL A 268 3.08 28.58 -19.83
C VAL A 268 1.86 27.67 -19.80
N LYS A 269 0.75 28.18 -20.33
CA LYS A 269 -0.48 27.43 -20.51
C LYS A 269 -0.54 27.09 -21.99
N GLY A 270 -0.41 25.82 -22.32
CA GLY A 270 -0.37 25.42 -23.71
C GLY A 270 -1.73 25.45 -24.37
N VAL A 271 -1.78 26.04 -25.56
CA VAL A 271 -2.96 26.10 -26.40
C VAL A 271 -2.57 25.50 -27.73
N GLY A 272 -2.80 24.20 -27.87
CA GLY A 272 -2.41 23.48 -29.04
C GLY A 272 -0.90 23.37 -29.21
N ALA A 273 -0.18 23.46 -28.09
CA ALA A 273 1.29 23.35 -28.07
C ALA A 273 1.75 22.64 -26.80
N LYS A 274 2.85 21.91 -26.93
CA LYS A 274 3.52 21.23 -25.84
C LYS A 274 4.82 21.90 -25.51
N TYR A 275 5.23 21.71 -24.26
CA TYR A 275 6.44 22.31 -23.70
C TYR A 275 7.08 21.35 -22.72
N GLU A 276 8.37 21.08 -22.90
CA GLU A 276 9.17 20.29 -21.97
C GLU A 276 10.34 21.15 -21.54
N VAL A 277 10.64 21.15 -20.24
CA VAL A 277 11.62 22.06 -19.69
C VAL A 277 12.73 21.32 -18.93
N HIS A 278 13.97 21.75 -19.14
CA HIS A 278 15.11 21.30 -18.35
C HIS A 278 15.83 22.53 -17.83
N ALA A 279 16.14 22.53 -16.53
CA ALA A 279 16.87 23.63 -15.91
C ALA A 279 18.31 23.25 -15.59
N TRP A 280 19.22 24.15 -15.91
CA TRP A 280 20.63 23.95 -15.60
C TRP A 280 21.24 25.31 -15.38
N LYS A 281 21.99 25.46 -14.29
CA LYS A 281 22.68 26.72 -13.93
C LYS A 281 21.75 27.93 -14.05
N ASP A 282 20.57 27.81 -13.45
CA ASP A 282 19.58 28.91 -13.36
C ASP A 282 19.08 29.42 -14.70
N ARG A 283 19.15 28.55 -15.72
CA ARG A 283 18.48 28.85 -16.99
C ARG A 283 17.55 27.69 -17.32
N PHE A 284 16.42 27.97 -17.95
CA PHE A 284 15.48 26.95 -18.37
C PHE A 284 15.62 26.77 -19.87
N TYR A 285 15.66 25.51 -20.31
CA TYR A 285 15.70 25.13 -21.73
C TYR A 285 14.37 24.50 -22.07
N VAL A 286 13.62 25.14 -22.96
CA VAL A 286 12.25 24.77 -23.23
C VAL A 286 12.15 24.25 -24.66
N LEU A 287 11.80 22.98 -24.79
CA LEU A 287 11.56 22.35 -26.07
C LEU A 287 10.09 22.43 -26.36
N THR A 288 9.71 23.00 -27.50
CA THR A 288 8.31 23.24 -27.80
C THR A 288 7.96 23.22 -29.27
N ASP A 289 6.70 22.89 -29.56
CA ASP A 289 6.15 23.03 -30.91
C ASP A 289 5.35 24.32 -31.10
N GLU A 290 5.39 25.21 -30.11
CA GLU A 290 4.74 26.51 -30.28
C GLU A 290 5.35 27.28 -31.44
N GLY A 291 4.52 27.56 -32.45
CA GLY A 291 4.97 28.22 -33.67
C GLY A 291 6.06 27.46 -34.41
N ALA A 292 6.10 26.13 -34.27
CA ALA A 292 7.16 25.32 -34.83
C ALA A 292 6.72 23.86 -34.80
N PRO A 293 5.97 23.42 -35.79
CA PRO A 293 5.49 22.03 -35.86
C PRO A 293 6.55 20.95 -35.70
N ARG A 294 7.78 21.18 -36.20
CA ARG A 294 8.90 20.26 -35.98
C ARG A 294 9.81 20.57 -34.77
N GLN A 295 9.35 21.52 -33.94
CA GLN A 295 9.92 21.89 -32.63
C GLN A 295 11.16 22.74 -32.71
N ARG A 296 11.37 23.45 -31.62
CA ARG A 296 12.47 24.38 -31.45
C ARG A 296 12.78 24.51 -29.98
N VAL A 297 13.89 25.16 -29.65
CA VAL A 297 14.33 25.36 -28.28
C VAL A 297 14.51 26.82 -27.91
N PHE A 298 13.94 27.20 -26.77
CA PHE A 298 14.08 28.52 -26.15
C PHE A 298 14.92 28.41 -24.88
N GLU A 299 15.65 29.48 -24.58
CA GLU A 299 16.28 29.70 -23.28
C GLU A 299 15.43 30.70 -22.54
N VAL A 300 15.08 30.36 -21.31
CA VAL A 300 14.23 31.22 -20.47
C VAL A 300 14.95 31.54 -19.18
N ASP A 301 14.92 32.82 -18.81
CA ASP A 301 15.48 33.31 -17.56
C ASP A 301 14.39 33.21 -16.48
N PRO A 302 14.58 32.41 -15.44
CA PRO A 302 13.56 32.27 -14.39
C PRO A 302 13.18 33.63 -13.77
N ALA A 303 14.09 34.59 -13.77
CA ALA A 303 13.84 35.91 -13.23
C ALA A 303 12.99 36.78 -14.13
N LYS A 304 12.93 36.44 -15.42
CA LYS A 304 12.13 37.12 -16.43
C LYS A 304 11.44 36.09 -17.33
N PRO A 305 10.53 35.34 -16.75
CA PRO A 305 10.00 34.15 -17.45
C PRO A 305 8.80 34.39 -18.38
N ALA A 306 8.34 35.62 -18.56
CA ALA A 306 7.21 35.86 -19.44
C ALA A 306 7.59 35.49 -20.86
N ARG A 307 6.61 35.02 -21.63
CA ARG A 307 6.84 34.54 -22.98
C ARG A 307 7.62 35.51 -23.88
N ALA A 308 7.33 36.81 -23.75
CA ALA A 308 7.96 37.81 -24.57
C ALA A 308 9.47 37.88 -24.35
N SER A 309 9.92 37.41 -23.19
CA SER A 309 11.33 37.46 -22.84
C SER A 309 12.09 36.17 -23.22
N TRP A 310 11.41 35.17 -23.77
CA TRP A 310 12.11 33.94 -24.14
C TRP A 310 13.00 34.20 -25.34
N LYS A 311 14.16 33.53 -25.38
CA LYS A 311 15.11 33.68 -26.48
C LYS A 311 15.22 32.37 -27.24
N GLU A 312 14.86 32.39 -28.52
CA GLU A 312 15.05 31.22 -29.34
C GLU A 312 16.54 30.96 -29.50
N ILE A 313 17.01 29.78 -29.10
CA ILE A 313 18.42 29.41 -29.27
C ILE A 313 18.64 28.29 -30.30
N VAL A 314 17.64 27.44 -30.55
CA VAL A 314 17.73 26.43 -31.59
C VAL A 314 16.48 26.56 -32.43
N PRO A 315 16.57 27.24 -33.56
CA PRO A 315 15.39 27.39 -34.41
C PRO A 315 14.87 26.10 -34.97
N GLU A 316 13.61 26.10 -35.39
CA GLU A 316 13.05 24.95 -36.09
C GLU A 316 13.92 24.60 -37.30
N ASP A 317 14.19 23.32 -37.46
CA ASP A 317 14.97 22.86 -38.59
C ASP A 317 14.18 22.98 -39.89
N SER A 318 14.89 23.14 -41.00
CA SER A 318 14.23 23.30 -42.29
C SER A 318 13.44 22.07 -42.71
N SER A 319 13.85 20.89 -42.25
CA SER A 319 13.15 19.66 -42.60
C SER A 319 13.03 18.61 -41.48
N ALA A 320 13.98 18.56 -40.53
CA ALA A 320 14.03 17.49 -39.55
C ALA A 320 13.14 17.74 -38.33
N SER A 321 12.59 16.67 -37.77
CA SER A 321 11.73 16.78 -36.58
C SER A 321 12.60 16.67 -35.33
N LEU A 322 12.53 17.65 -34.44
CA LEU A 322 13.26 17.63 -33.21
C LEU A 322 12.45 16.88 -32.17
N LEU A 323 12.98 15.75 -31.67
CA LEU A 323 12.23 14.87 -30.75
C LEU A 323 12.55 15.10 -29.30
N SER A 324 13.81 15.35 -28.96
CA SER A 324 14.18 15.50 -27.56
C SER A 324 15.47 16.30 -27.44
N VAL A 325 15.64 16.83 -26.25
CA VAL A 325 16.81 17.60 -25.89
C VAL A 325 17.25 17.09 -24.55
N SER A 326 18.54 16.81 -24.44
CA SER A 326 19.15 16.49 -23.16
C SER A 326 20.32 17.39 -22.90
N ILE A 327 20.57 17.68 -21.64
CA ILE A 327 21.73 18.44 -21.26
C ILE A 327 22.76 17.48 -20.72
N VAL A 328 23.85 17.33 -21.47
CA VAL A 328 24.93 16.41 -21.11
C VAL A 328 26.26 17.09 -21.28
N GLY A 329 27.13 16.91 -20.29
CA GLY A 329 28.48 17.44 -20.38
C GLY A 329 28.54 18.92 -20.71
N GLY A 330 27.62 19.70 -20.15
CA GLY A 330 27.64 21.15 -20.35
C GLY A 330 27.22 21.61 -21.73
N HIS A 331 26.56 20.72 -22.47
CA HIS A 331 26.09 20.95 -23.83
C HIS A 331 24.64 20.48 -23.97
N LEU A 332 23.99 20.90 -25.06
CA LEU A 332 22.72 20.35 -25.49
C LEU A 332 22.93 19.21 -26.46
N SER A 333 22.22 18.10 -26.28
CA SER A 333 22.17 17.00 -27.23
C SER A 333 20.77 16.94 -27.83
N LEU A 334 20.71 17.05 -29.14
CA LEU A 334 19.46 17.25 -29.87
C LEU A 334 19.23 16.02 -30.76
N GLU A 335 18.11 15.34 -30.53
CA GLU A 335 17.75 14.15 -31.29
C GLU A 335 16.71 14.55 -32.33
N TYR A 336 17.11 14.45 -33.59
CA TYR A 336 16.29 14.76 -34.78
C TYR A 336 15.88 13.46 -35.49
N LEU A 337 14.77 13.54 -36.22
CA LEU A 337 14.35 12.51 -37.13
C LEU A 337 14.28 13.09 -38.53
N LYS A 338 14.98 12.50 -39.48
CA LYS A 338 14.97 12.87 -40.89
C LYS A 338 14.42 11.68 -41.64
N ASP A 339 13.25 11.85 -42.25
CA ASP A 339 12.52 10.74 -42.88
C ASP A 339 12.56 9.47 -42.02
N ALA A 340 12.19 9.62 -40.76
CA ALA A 340 12.03 8.50 -39.83
C ALA A 340 13.30 7.81 -39.36
N THR A 341 14.47 8.40 -39.65
CA THR A 341 15.76 7.93 -39.18
C THR A 341 16.42 9.01 -38.33
N SER A 342 16.98 8.62 -37.20
CA SER A 342 17.45 9.65 -36.28
C SER A 342 18.88 10.11 -36.57
N GLU A 343 19.10 11.36 -36.19
CA GLU A 343 20.40 12.02 -36.23
C GLU A 343 20.54 12.75 -34.91
N VAL A 344 21.73 12.72 -34.33
CA VAL A 344 21.97 13.33 -33.05
C VAL A 344 23.00 14.45 -33.22
N ARG A 345 22.66 15.64 -32.73
CA ARG A 345 23.50 16.83 -32.88
C ARG A 345 23.82 17.43 -31.51
N VAL A 346 25.09 17.76 -31.31
CA VAL A 346 25.57 18.38 -30.09
C VAL A 346 25.70 19.87 -30.36
N ALA A 347 25.15 20.67 -29.47
CA ALA A 347 25.22 22.14 -29.56
C ALA A 347 25.66 22.72 -28.22
N THR A 348 26.14 23.96 -28.21
CA THR A 348 26.43 24.59 -26.94
C THR A 348 25.15 24.96 -26.26
N LEU A 349 25.25 25.36 -25.00
CA LEU A 349 24.10 25.84 -24.25
C LEU A 349 23.47 27.12 -24.85
N LYS A 350 24.21 27.83 -25.68
CA LYS A 350 23.69 29.00 -26.38
C LYS A 350 23.09 28.64 -27.74
N GLY A 351 23.08 27.33 -28.03
CA GLY A 351 22.47 26.80 -29.24
C GLY A 351 23.33 26.72 -30.48
N LYS A 352 24.63 26.97 -30.36
CA LYS A 352 25.53 26.94 -31.49
C LYS A 352 25.96 25.53 -31.82
N PRO A 353 25.81 25.09 -33.08
CA PRO A 353 26.23 23.75 -33.48
C PRO A 353 27.69 23.46 -33.13
N VAL A 354 27.93 22.30 -32.53
CA VAL A 354 29.29 21.79 -32.29
C VAL A 354 29.61 20.67 -33.28
N ARG A 355 28.84 19.59 -33.24
CA ARG A 355 29.06 18.50 -34.18
C ARG A 355 27.83 17.63 -34.30
N THR A 356 27.81 16.78 -35.31
CA THR A 356 26.84 15.72 -35.47
C THR A 356 27.50 14.42 -35.09
N VAL A 357 26.80 13.64 -34.28
CA VAL A 357 27.26 12.33 -33.89
C VAL A 357 27.34 11.43 -35.11
N GLN A 358 28.49 10.82 -35.35
CA GLN A 358 28.66 9.94 -36.50
C GLN A 358 28.27 8.54 -36.14
N LEU A 359 27.17 8.10 -36.74
CA LEU A 359 26.57 6.82 -36.40
C LEU A 359 27.26 5.70 -37.18
N PRO A 360 27.19 4.50 -36.66
CA PRO A 360 27.85 3.36 -37.32
C PRO A 360 27.21 2.94 -38.65
N GLY A 361 25.98 3.37 -38.91
CA GLY A 361 25.26 2.91 -40.08
C GLY A 361 23.87 3.45 -40.07
N VAL A 362 23.07 2.98 -41.03
CA VAL A 362 21.68 3.29 -41.13
C VAL A 362 20.92 2.44 -40.12
N GLY A 363 20.18 3.11 -39.26
CA GLY A 363 19.39 2.44 -38.23
C GLY A 363 18.73 3.46 -37.33
N ALA A 364 18.65 3.15 -36.03
CA ALA A 364 17.99 4.00 -35.03
C ALA A 364 18.98 4.30 -33.90
N ALA A 365 19.13 5.56 -33.56
CA ALA A 365 20.01 5.99 -32.48
C ALA A 365 19.23 6.73 -31.43
N SER A 366 19.50 6.47 -30.14
CA SER A 366 18.93 7.26 -29.07
C SER A 366 19.66 8.60 -28.97
N ASN A 367 19.06 9.53 -28.23
CA ASN A 367 19.77 10.72 -27.84
C ASN A 367 20.89 10.34 -26.89
N LEU A 368 21.84 11.22 -26.71
CA LEU A 368 22.86 11.02 -25.72
C LEU A 368 22.25 11.02 -24.32
N MET A 369 22.76 10.10 -23.51
CA MET A 369 22.30 9.86 -22.16
C MET A 369 23.47 10.02 -21.21
N GLY A 370 23.26 10.79 -20.16
CA GLY A 370 24.28 11.05 -19.17
C GLY A 370 23.78 12.05 -18.18
N LEU A 371 24.66 12.95 -17.81
CA LEU A 371 24.35 13.98 -16.82
C LEU A 371 24.94 15.30 -17.27
N GLU A 372 24.39 16.37 -16.72
CA GLU A 372 24.78 17.71 -17.12
C GLU A 372 26.26 18.02 -16.80
N ASP A 373 26.78 17.34 -15.77
CA ASP A 373 28.11 17.58 -15.22
C ASP A 373 29.02 16.35 -15.39
N LEU A 374 28.70 15.53 -16.39
CA LEU A 374 29.53 14.35 -16.75
C LEU A 374 29.91 14.51 -18.22
N ASP A 375 31.17 14.37 -18.56
CA ASP A 375 31.60 14.43 -19.95
C ASP A 375 31.29 13.16 -20.73
N ASP A 376 31.27 12.01 -20.07
CA ASP A 376 30.91 10.77 -20.75
C ASP A 376 29.39 10.67 -20.93
N ALA A 377 28.94 10.41 -22.15
CA ALA A 377 27.53 10.21 -22.45
C ALA A 377 27.39 9.01 -23.37
N TYR A 378 26.28 8.29 -23.27
CA TYR A 378 26.10 7.05 -23.99
C TYR A 378 24.95 7.18 -24.96
N TYR A 379 25.00 6.43 -26.06
CA TYR A 379 23.83 6.28 -26.87
C TYR A 379 23.72 4.85 -27.36
N VAL A 380 22.49 4.48 -27.68
CA VAL A 380 22.17 3.15 -28.20
C VAL A 380 21.90 3.23 -29.67
N PHE A 381 22.45 2.29 -30.43
CA PHE A 381 22.20 2.16 -31.84
C PHE A 381 21.69 0.76 -32.19
N THR A 382 20.63 0.69 -32.99
CA THR A 382 20.13 -0.58 -33.50
C THR A 382 19.78 -0.39 -34.97
N SER A 383 19.55 -1.48 -35.66
CA SER A 383 18.88 -1.43 -36.96
C SER A 383 18.04 -2.68 -37.08
N PHE A 384 17.25 -2.77 -38.12
CA PHE A 384 16.40 -3.96 -38.30
C PHE A 384 17.22 -5.24 -38.37
N THR A 385 18.49 -5.12 -38.78
CA THR A 385 19.41 -6.26 -38.84
C THR A 385 20.66 -6.17 -37.91
N THR A 386 20.70 -5.19 -37.01
CA THR A 386 21.83 -4.90 -36.12
C THR A 386 21.35 -4.94 -34.67
N PRO A 387 21.73 -5.96 -33.91
CA PRO A 387 21.44 -5.96 -32.47
C PRO A 387 22.00 -4.73 -31.73
N ARG A 388 21.42 -4.38 -30.58
CA ARG A 388 21.78 -3.18 -29.84
C ARG A 388 23.26 -3.06 -29.60
N GLN A 389 23.77 -1.88 -29.91
CA GLN A 389 25.12 -1.48 -29.62
C GLN A 389 25.04 -0.24 -28.77
N ILE A 390 25.86 -0.13 -27.75
CA ILE A 390 25.98 1.08 -26.97
C ILE A 390 27.34 1.69 -27.16
N TYR A 391 27.36 2.98 -27.44
CA TYR A 391 28.59 3.75 -27.59
C TYR A 391 28.76 4.69 -26.43
N LYS A 392 30.00 4.80 -25.97
CA LYS A 392 30.38 5.76 -24.95
C LYS A 392 31.11 6.88 -25.68
N THR A 393 30.66 8.11 -25.47
CA THR A 393 31.20 9.24 -26.17
C THR A 393 31.62 10.32 -25.20
N SER A 394 32.57 11.15 -25.61
CA SER A 394 32.90 12.35 -24.89
C SER A 394 32.14 13.52 -25.50
N VAL A 395 31.41 14.24 -24.67
CA VAL A 395 30.63 15.37 -25.14
C VAL A 395 31.56 16.48 -25.61
N SER A 396 32.62 16.72 -24.85
CA SER A 396 33.54 17.81 -25.14
C SER A 396 34.39 17.60 -26.40
N THR A 397 34.81 16.36 -26.68
CA THR A 397 35.70 16.10 -27.84
C THR A 397 35.07 15.35 -29.01
N GLY A 398 33.98 14.62 -28.76
CA GLY A 398 33.36 13.79 -29.78
C GLY A 398 33.95 12.41 -29.96
N LYS A 399 34.97 12.06 -29.18
CA LYS A 399 35.47 10.68 -29.19
C LYS A 399 34.33 9.72 -28.92
N SER A 400 34.31 8.61 -29.63
CA SER A 400 33.27 7.60 -29.47
C SER A 400 33.88 6.20 -29.51
N GLU A 401 33.46 5.35 -28.58
CA GLU A 401 33.99 3.98 -28.49
C GLU A 401 32.81 3.05 -28.32
N LEU A 402 32.84 1.87 -28.95
CA LEU A 402 31.89 0.82 -28.63
C LEU A 402 32.05 0.38 -27.19
N TRP A 403 30.96 0.38 -26.45
CA TRP A 403 30.95 0.03 -25.05
C TRP A 403 30.32 -1.35 -24.81
N ALA A 404 29.24 -1.66 -25.53
CA ALA A 404 28.59 -2.96 -25.43
C ALA A 404 27.93 -3.29 -26.74
N LYS A 405 27.83 -4.58 -27.04
CA LYS A 405 27.15 -5.08 -28.23
C LYS A 405 26.50 -6.39 -27.87
N VAL A 406 25.23 -6.57 -28.23
CA VAL A 406 24.53 -7.86 -28.04
C VAL A 406 24.93 -8.83 -29.14
N ASP A 407 25.48 -9.97 -28.75
CA ASP A 407 25.83 -11.02 -29.69
C ASP A 407 24.57 -11.87 -29.92
N VAL A 408 24.21 -12.03 -31.18
CA VAL A 408 23.02 -12.80 -31.56
C VAL A 408 23.46 -13.77 -32.66
N PRO A 409 23.04 -15.05 -32.60
CA PRO A 409 23.46 -16.04 -33.59
C PRO A 409 22.71 -15.87 -34.91
N MET A 410 23.15 -14.91 -35.71
CA MET A 410 22.54 -14.58 -37.00
C MET A 410 23.60 -13.97 -37.88
N ASN A 411 23.34 -13.91 -39.18
CA ASN A 411 24.28 -13.28 -40.13
C ASN A 411 23.59 -12.10 -40.80
N PRO A 412 23.89 -10.89 -40.34
CA PRO A 412 23.21 -9.68 -40.84
C PRO A 412 23.37 -9.46 -42.35
N GLU A 413 24.45 -9.96 -42.95
CA GLU A 413 24.73 -9.74 -44.37
C GLU A 413 23.77 -10.48 -45.31
N GLN A 414 22.97 -11.37 -44.76
CA GLN A 414 21.96 -12.06 -45.54
C GLN A 414 20.72 -11.19 -45.80
N TYR A 415 20.58 -10.06 -45.12
CA TYR A 415 19.34 -9.28 -45.15
C TYR A 415 19.59 -7.86 -45.60
N GLN A 416 18.53 -7.24 -46.11
CA GLN A 416 18.61 -5.82 -46.41
C GLN A 416 17.35 -5.13 -45.97
N VAL A 417 17.49 -3.82 -45.82
CA VAL A 417 16.44 -2.94 -45.38
C VAL A 417 16.30 -1.86 -46.44
N GLU A 418 15.08 -1.73 -46.96
CA GLU A 418 14.71 -0.66 -47.86
C GLU A 418 13.86 0.38 -47.13
N GLN A 419 13.94 1.62 -47.57
CA GLN A 419 12.98 2.63 -47.22
C GLN A 419 12.33 3.16 -48.47
N VAL A 420 11.01 3.07 -48.48
CA VAL A 420 10.19 3.50 -49.59
C VAL A 420 9.19 4.54 -49.15
N PHE A 421 8.62 5.22 -50.12
CA PHE A 421 7.63 6.25 -49.93
C PHE A 421 6.46 6.02 -50.85
N TYR A 422 5.27 5.86 -50.30
CA TYR A 422 4.08 5.58 -51.12
C TYR A 422 3.03 6.66 -50.90
N ALA A 423 2.14 6.84 -51.85
CA ALA A 423 1.08 7.82 -51.75
C ALA A 423 -0.15 7.21 -51.13
N SER A 424 -0.69 7.90 -50.13
CA SER A 424 -1.99 7.60 -49.55
C SER A 424 -3.08 8.14 -50.43
N LYS A 425 -4.31 7.81 -50.07
CA LYS A 425 -5.50 8.25 -50.82
C LYS A 425 -5.52 9.76 -51.14
N ASP A 426 -5.14 10.58 -50.16
CA ASP A 426 -5.13 12.03 -50.33
C ASP A 426 -3.85 12.60 -50.95
N GLY A 427 -2.92 11.71 -51.32
CA GLY A 427 -1.65 12.10 -51.93
C GLY A 427 -0.46 12.22 -50.97
N THR A 428 -0.73 12.18 -49.67
CA THR A 428 0.35 12.19 -48.69
C THR A 428 1.39 11.10 -48.95
N LYS A 429 2.67 11.47 -48.93
CA LYS A 429 3.75 10.52 -49.08
C LYS A 429 4.14 9.95 -47.73
N VAL A 430 3.94 8.66 -47.58
CA VAL A 430 4.13 7.98 -46.31
C VAL A 430 5.36 7.11 -46.39
N PRO A 431 6.27 7.18 -45.43
CA PRO A 431 7.42 6.26 -45.42
C PRO A 431 7.08 4.86 -44.94
N MET A 432 7.84 3.89 -45.43
CA MET A 432 7.74 2.51 -44.97
C MET A 432 9.10 1.86 -45.06
N PHE A 433 9.48 1.10 -44.03
CA PHE A 433 10.64 0.21 -44.08
C PHE A 433 10.23 -1.17 -44.56
N VAL A 434 11.05 -1.77 -45.42
CA VAL A 434 10.79 -3.11 -45.92
C VAL A 434 12.04 -3.94 -45.74
N VAL A 435 11.92 -5.05 -45.04
CA VAL A 435 13.06 -5.86 -44.62
C VAL A 435 12.89 -7.27 -45.18
N HIS A 436 13.94 -7.81 -45.76
CA HIS A 436 13.89 -9.15 -46.34
C HIS A 436 15.29 -9.66 -46.63
N ARG A 437 15.38 -10.96 -46.92
CA ARG A 437 16.65 -11.50 -47.42
C ARG A 437 17.05 -10.82 -48.71
N LYS A 438 18.36 -10.65 -48.90
CA LYS A 438 18.88 -10.12 -50.17
C LYS A 438 18.44 -10.90 -51.38
N ASP A 439 18.33 -12.23 -51.25
CA ASP A 439 17.92 -13.08 -52.37
C ASP A 439 16.41 -13.26 -52.60
N LEU A 440 15.59 -12.46 -51.92
CA LEU A 440 14.16 -12.53 -52.11
C LEU A 440 13.82 -12.42 -53.58
N LYS A 441 12.97 -13.32 -54.05
CA LYS A 441 12.36 -13.19 -55.37
C LYS A 441 11.18 -12.23 -55.31
N ARG A 442 11.18 -11.24 -56.20
CA ARG A 442 10.11 -10.27 -56.31
C ARG A 442 9.09 -10.78 -57.29
N ASP A 443 8.38 -11.81 -56.85
CA ASP A 443 7.44 -12.58 -57.68
C ASP A 443 6.01 -12.45 -57.24
N GLY A 444 5.73 -11.53 -56.31
CA GLY A 444 4.36 -11.31 -55.87
C GLY A 444 3.81 -12.37 -54.95
N ASN A 445 4.68 -13.16 -54.35
CA ASN A 445 4.21 -14.29 -53.57
C ASN A 445 4.91 -14.53 -52.24
N ALA A 446 5.76 -13.61 -51.80
CA ALA A 446 6.40 -13.76 -50.50
C ALA A 446 5.40 -13.58 -49.36
N PRO A 447 5.44 -14.42 -48.34
CA PRO A 447 4.63 -14.20 -47.14
C PRO A 447 5.12 -12.88 -46.55
N THR A 448 4.20 -11.98 -46.25
CA THR A 448 4.56 -10.65 -45.80
C THR A 448 3.80 -10.30 -44.56
N LEU A 449 4.48 -9.66 -43.63
CA LEU A 449 3.89 -9.19 -42.38
C LEU A 449 4.10 -7.68 -42.32
N LEU A 450 3.00 -6.95 -42.26
CA LEU A 450 2.97 -5.48 -42.30
C LEU A 450 2.50 -4.99 -40.94
N TYR A 451 3.33 -4.18 -40.32
CA TYR A 451 3.13 -3.67 -38.96
C TYR A 451 2.93 -2.15 -38.99
N GLY A 452 2.04 -1.68 -38.12
CA GLY A 452 1.82 -0.26 -37.95
C GLY A 452 1.23 0.04 -36.59
N TYR A 453 1.20 1.33 -36.26
CA TYR A 453 0.60 1.81 -35.01
C TYR A 453 -0.28 3.00 -35.35
N GLY A 454 0.31 4.17 -35.54
CA GLY A 454 -0.41 5.32 -36.08
C GLY A 454 -1.18 6.09 -35.03
N GLY A 455 -0.47 6.76 -34.16
CA GLY A 455 -1.10 7.48 -33.09
C GLY A 455 -0.15 7.89 -32.01
N PHE A 456 -0.64 8.84 -31.21
CA PHE A 456 -0.02 9.23 -29.96
C PHE A 456 1.39 9.80 -30.10
N ASN A 457 1.73 10.33 -31.28
CA ASN A 457 3.04 10.91 -31.52
C ASN A 457 4.17 9.89 -31.44
N VAL A 458 3.83 8.60 -31.54
CA VAL A 458 4.79 7.52 -31.46
C VAL A 458 5.42 7.28 -32.82
N ASN A 459 6.73 7.16 -32.84
CA ASN A 459 7.44 6.92 -34.09
C ASN A 459 7.82 5.47 -34.26
N MET A 460 7.66 4.95 -35.48
CA MET A 460 8.14 3.62 -35.80
C MET A 460 9.57 3.72 -36.26
N GLU A 461 10.47 3.07 -35.53
CA GLU A 461 11.87 3.17 -35.81
C GLU A 461 12.45 1.80 -36.11
N ALA A 462 13.70 1.85 -36.57
CA ALA A 462 14.49 0.64 -36.87
C ALA A 462 15.09 -0.04 -35.64
N ASN A 463 14.20 -0.51 -34.78
CA ASN A 463 14.54 -1.32 -33.62
C ASN A 463 14.95 -2.71 -34.13
N PHE A 464 15.89 -3.33 -33.45
CA PHE A 464 16.19 -4.73 -33.74
C PHE A 464 15.21 -5.65 -33.02
N ARG A 465 14.57 -6.51 -33.80
CA ARG A 465 13.70 -7.52 -33.25
C ARG A 465 14.19 -8.87 -33.78
N SER A 466 14.73 -9.70 -32.93
CA SER A 466 15.14 -11.02 -33.37
C SER A 466 13.94 -11.90 -33.74
N SER A 467 12.76 -11.52 -33.25
CA SER A 467 11.55 -12.30 -33.51
C SER A 467 11.18 -12.46 -34.97
N ILE A 468 11.64 -11.55 -35.82
CA ILE A 468 11.34 -11.62 -37.24
C ILE A 468 12.31 -12.51 -38.03
N LEU A 469 13.38 -12.99 -37.41
CA LEU A 469 14.40 -13.70 -38.19
C LEU A 469 13.91 -15.02 -38.83
N PRO A 470 13.20 -15.91 -38.13
CA PRO A 470 12.65 -17.11 -38.80
C PRO A 470 11.73 -16.77 -40.00
N TRP A 471 11.02 -15.66 -39.89
CA TRP A 471 10.14 -15.20 -40.96
C TRP A 471 10.95 -14.83 -42.19
N LEU A 472 12.00 -14.03 -41.99
CA LEU A 472 12.88 -13.61 -43.08
C LEU A 472 13.57 -14.82 -43.69
N ASP A 473 13.98 -15.76 -42.85
CA ASP A 473 14.69 -16.94 -43.34
C ASP A 473 13.82 -17.89 -44.14
N ALA A 474 12.52 -17.83 -43.91
CA ALA A 474 11.52 -18.59 -44.65
C ALA A 474 11.11 -17.90 -45.95
N GLY A 475 11.76 -16.78 -46.28
CA GLY A 475 11.52 -16.01 -47.50
C GLY A 475 10.47 -14.93 -47.28
N GLY A 476 10.20 -14.59 -46.03
CA GLY A 476 9.20 -13.58 -45.73
C GLY A 476 9.72 -12.16 -45.83
N VAL A 477 8.77 -11.25 -45.92
CA VAL A 477 9.01 -9.80 -45.92
C VAL A 477 8.38 -9.23 -44.68
N TYR A 478 9.10 -8.34 -44.03
CA TYR A 478 8.59 -7.60 -42.86
C TYR A 478 8.57 -6.14 -43.23
N ALA A 479 7.42 -5.49 -43.08
CA ALA A 479 7.27 -4.09 -43.45
C ALA A 479 6.69 -3.31 -42.28
N VAL A 480 7.17 -2.09 -42.09
CA VAL A 480 6.75 -1.21 -41.00
C VAL A 480 6.42 0.16 -41.60
N ALA A 481 5.15 0.56 -41.52
CA ALA A 481 4.71 1.83 -42.12
C ALA A 481 4.72 2.94 -41.11
N ASN A 482 5.18 4.12 -41.49
CA ASN A 482 5.23 5.30 -40.64
C ASN A 482 3.98 6.15 -40.86
N LEU A 483 2.87 5.56 -40.47
CA LEU A 483 1.55 6.12 -40.67
C LEU A 483 1.40 7.48 -39.97
N ARG A 484 0.54 8.33 -40.51
CA ARG A 484 0.12 9.53 -39.79
C ARG A 484 -0.47 9.15 -38.42
N GLY A 485 -0.55 10.12 -37.53
CA GLY A 485 -0.82 9.87 -36.14
C GLY A 485 0.43 9.66 -35.33
N GLY A 486 1.49 9.12 -35.94
CA GLY A 486 2.79 9.13 -35.36
C GLY A 486 3.41 10.50 -35.35
N GLY A 487 4.64 10.58 -34.86
CA GLY A 487 5.35 11.83 -34.77
C GLY A 487 6.45 12.04 -35.79
N GLU A 488 6.49 11.22 -36.85
CA GLU A 488 7.71 11.14 -37.65
C GLU A 488 8.01 12.46 -38.31
N TYR A 489 6.98 13.15 -38.79
CA TYR A 489 7.13 14.47 -39.41
C TYR A 489 6.59 15.61 -38.56
N GLY A 490 6.57 15.38 -37.25
CA GLY A 490 6.25 16.41 -36.28
C GLY A 490 4.76 16.56 -36.06
N LYS A 491 4.36 17.73 -35.56
CA LYS A 491 3.02 17.95 -35.08
C LYS A 491 1.96 17.74 -36.16
N ALA A 492 2.27 18.19 -37.37
CA ALA A 492 1.35 18.06 -38.46
C ALA A 492 1.05 16.59 -38.79
N TRP A 493 2.02 15.72 -38.59
CA TRP A 493 1.88 14.28 -38.87
C TRP A 493 0.96 13.64 -37.82
N HIS A 494 1.17 14.01 -36.56
CA HIS A 494 0.39 13.53 -35.45
C HIS A 494 -1.07 14.02 -35.62
N ASP A 495 -1.22 15.32 -35.81
CA ASP A 495 -2.55 15.92 -35.88
C ASP A 495 -3.38 15.41 -37.05
N ALA A 496 -2.73 15.07 -38.16
CA ALA A 496 -3.46 14.54 -39.30
C ALA A 496 -3.87 13.07 -39.14
N GLY A 497 -3.63 12.48 -37.98
CA GLY A 497 -4.05 11.12 -37.72
C GLY A 497 -4.69 10.94 -36.37
N ARG A 498 -5.36 11.97 -35.87
CA ARG A 498 -6.07 11.86 -34.60
C ARG A 498 -7.41 12.59 -34.66
N LEU A 499 -8.23 12.39 -33.63
CA LEU A 499 -9.54 13.00 -33.56
C LEU A 499 -10.36 12.75 -34.84
N ASP A 500 -10.86 13.81 -35.47
CA ASP A 500 -11.69 13.65 -36.66
C ASP A 500 -10.93 13.13 -37.87
N LYS A 501 -9.59 13.14 -37.80
CA LYS A 501 -8.74 12.70 -38.90
C LYS A 501 -8.17 11.31 -38.68
N LYS A 502 -8.69 10.58 -37.70
CA LYS A 502 -8.20 9.22 -37.46
C LYS A 502 -8.26 8.31 -38.69
N GLN A 503 -9.29 8.49 -39.51
CA GLN A 503 -9.44 7.66 -40.69
C GLN A 503 -8.23 7.77 -41.61
N ASN A 504 -7.52 8.90 -41.60
CA ASN A 504 -6.30 9.00 -42.41
C ASN A 504 -5.27 7.93 -42.07
N VAL A 505 -5.19 7.52 -40.81
CA VAL A 505 -4.25 6.51 -40.38
C VAL A 505 -4.59 5.21 -41.07
N PHE A 506 -5.86 4.86 -41.06
CA PHE A 506 -6.33 3.65 -41.68
C PHE A 506 -6.14 3.68 -43.18
N ASP A 507 -6.42 4.84 -43.78
CA ASP A 507 -6.17 5.00 -45.22
C ASP A 507 -4.68 4.84 -45.57
N ASP A 508 -3.79 5.39 -44.75
CA ASP A 508 -2.36 5.19 -44.95
C ASP A 508 -2.01 3.72 -44.87
N PHE A 509 -2.64 2.95 -43.99
CA PHE A 509 -2.31 1.53 -43.85
C PHE A 509 -2.85 0.71 -45.00
N HIS A 510 -4.11 0.96 -45.40
CA HIS A 510 -4.61 0.28 -46.58
C HIS A 510 -3.67 0.52 -47.80
N ALA A 511 -3.18 1.74 -47.96
CA ALA A 511 -2.30 2.08 -49.08
C ALA A 511 -0.97 1.36 -48.97
N ALA A 512 -0.46 1.13 -47.76
CA ALA A 512 0.78 0.33 -47.59
C ALA A 512 0.55 -1.09 -48.09
N ALA A 513 -0.60 -1.67 -47.74
CA ALA A 513 -0.93 -3.01 -48.18
C ALA A 513 -1.04 -3.08 -49.67
N GLU A 514 -1.64 -2.07 -50.27
CA GLU A 514 -1.76 -2.04 -51.73
C GLU A 514 -0.37 -1.87 -52.38
N TYR A 515 0.47 -1.05 -51.77
CA TYR A 515 1.82 -0.82 -52.31
C TYR A 515 2.64 -2.12 -52.34
N LEU A 516 2.59 -2.91 -51.27
CA LEU A 516 3.36 -4.15 -51.21
C LEU A 516 2.96 -5.13 -52.30
N VAL A 517 1.69 -5.11 -52.68
CA VAL A 517 1.21 -5.94 -53.79
C VAL A 517 1.64 -5.32 -55.14
N GLN A 518 1.44 -4.01 -55.31
CA GLN A 518 1.82 -3.32 -56.55
C GLN A 518 3.29 -3.53 -56.87
N GLN A 519 4.14 -3.49 -55.85
CA GLN A 519 5.59 -3.61 -55.99
C GLN A 519 6.12 -5.05 -55.97
N LYS A 520 5.22 -6.02 -56.07
CA LYS A 520 5.59 -7.43 -56.34
C LYS A 520 6.26 -8.11 -55.15
N TYR A 521 6.04 -7.62 -53.93
CA TYR A 521 6.48 -8.37 -52.78
C TYR A 521 5.53 -9.53 -52.50
N THR A 522 4.26 -9.30 -52.68
CA THR A 522 3.26 -10.21 -52.12
C THR A 522 1.93 -10.10 -52.84
N GLN A 523 0.94 -10.82 -52.33
CA GLN A 523 -0.46 -10.73 -52.81
C GLN A 523 -1.35 -10.83 -51.57
N PRO A 524 -2.61 -10.40 -51.67
CA PRO A 524 -3.47 -10.38 -50.47
C PRO A 524 -3.48 -11.70 -49.66
N LYS A 525 -3.57 -12.85 -50.32
CA LYS A 525 -3.65 -14.13 -49.58
C LYS A 525 -2.36 -14.53 -48.90
N ARG A 526 -1.29 -13.78 -49.18
CA ARG A 526 0.00 -14.00 -48.55
C ARG A 526 0.41 -12.83 -47.65
N LEU A 527 -0.52 -11.92 -47.36
CA LEU A 527 -0.25 -10.73 -46.57
C LEU A 527 -0.93 -10.79 -45.22
N ALA A 528 -0.15 -10.61 -44.18
CA ALA A 528 -0.67 -10.48 -42.80
C ALA A 528 -0.39 -9.07 -42.27
N ILE A 529 -1.27 -8.60 -41.40
CA ILE A 529 -1.06 -7.37 -40.66
C ILE A 529 -1.06 -7.63 -39.18
N TYR A 530 -0.26 -6.84 -38.48
CA TYR A 530 -0.07 -6.94 -37.03
C TYR A 530 -0.13 -5.56 -36.42
N GLY A 531 -0.84 -5.45 -35.30
CA GLY A 531 -0.76 -4.26 -34.49
C GLY A 531 -1.19 -4.55 -33.08
N GLY A 532 -0.71 -3.75 -32.15
CA GLY A 532 -1.14 -3.87 -30.75
C GLY A 532 -1.64 -2.55 -30.12
N SER A 533 -2.70 -2.61 -29.24
CA SER A 533 -3.23 -1.47 -28.47
C SER A 533 -3.95 -0.43 -29.41
N ASN A 534 -3.43 0.78 -29.62
CA ASN A 534 -3.89 1.59 -30.74
C ASN A 534 -3.58 0.90 -32.09
N GLY A 535 -2.55 0.06 -32.13
CA GLY A 535 -2.28 -0.75 -33.33
C GLY A 535 -3.27 -1.88 -33.50
N GLY A 536 -3.86 -2.33 -32.38
CA GLY A 536 -4.91 -3.31 -32.43
C GLY A 536 -6.15 -2.71 -33.06
N LEU A 537 -6.48 -1.46 -32.67
CA LEU A 537 -7.52 -0.69 -33.31
C LEU A 537 -7.23 -0.60 -34.82
N LEU A 538 -5.98 -0.26 -35.15
CA LEU A 538 -5.56 -0.16 -36.56
C LEU A 538 -5.92 -1.38 -37.36
N VAL A 539 -5.52 -2.55 -36.90
CA VAL A 539 -5.75 -3.77 -37.70
C VAL A 539 -7.22 -4.20 -37.67
N GLY A 540 -7.93 -3.93 -36.58
CA GLY A 540 -9.36 -4.14 -36.56
C GLY A 540 -10.13 -3.29 -37.55
N ALA A 541 -9.73 -2.01 -37.67
CA ALA A 541 -10.31 -1.10 -38.65
C ALA A 541 -9.95 -1.57 -40.07
N ALA A 542 -8.70 -1.97 -40.26
CA ALA A 542 -8.27 -2.38 -41.59
C ALA A 542 -9.07 -3.60 -42.03
N MET A 543 -9.26 -4.59 -41.15
CA MET A 543 -9.90 -5.84 -41.56
C MET A 543 -11.39 -5.68 -41.74
N THR A 544 -12.01 -4.72 -41.03
CA THR A 544 -13.44 -4.50 -41.20
C THR A 544 -13.76 -3.62 -42.39
N GLN A 545 -12.85 -2.70 -42.73
CA GLN A 545 -13.03 -1.81 -43.89
C GLN A 545 -12.72 -2.43 -45.24
N ARG A 546 -11.60 -3.13 -45.32
CA ARG A 546 -11.08 -3.66 -46.57
C ARG A 546 -10.55 -5.06 -46.36
N PRO A 547 -11.41 -5.99 -45.97
CA PRO A 547 -10.97 -7.36 -45.68
C PRO A 547 -10.28 -8.03 -46.87
N GLU A 548 -10.65 -7.67 -48.08
CA GLU A 548 -10.09 -8.24 -49.28
C GLU A 548 -8.62 -7.97 -49.50
N LEU A 549 -8.06 -6.99 -48.80
CA LEU A 549 -6.62 -6.69 -48.96
C LEU A 549 -5.70 -7.61 -48.16
N TYR A 550 -6.25 -8.38 -47.25
CA TYR A 550 -5.46 -9.07 -46.22
C TYR A 550 -5.78 -10.55 -46.13
N GLY A 551 -4.76 -11.36 -45.89
CA GLY A 551 -4.91 -12.79 -45.68
C GLY A 551 -5.05 -13.18 -44.22
N ALA A 552 -4.40 -12.42 -43.34
CA ALA A 552 -4.43 -12.72 -41.91
C ALA A 552 -4.22 -11.46 -41.10
N VAL A 553 -4.70 -11.49 -39.87
CA VAL A 553 -4.61 -10.35 -38.95
C VAL A 553 -4.21 -10.90 -37.59
N VAL A 554 -3.20 -10.28 -37.00
CA VAL A 554 -2.80 -10.53 -35.62
C VAL A 554 -3.07 -9.23 -34.86
N CYS A 555 -3.93 -9.32 -33.83
CA CYS A 555 -4.48 -8.12 -33.17
C CYS A 555 -4.19 -8.31 -31.69
N ALA A 556 -3.31 -7.50 -31.13
CA ALA A 556 -2.86 -7.63 -29.73
C ALA A 556 -3.43 -6.55 -28.85
N VAL A 557 -3.78 -6.98 -27.64
CA VAL A 557 -4.27 -6.12 -26.54
C VAL A 557 -5.00 -4.88 -27.06
N PRO A 558 -6.08 -5.08 -27.80
CA PRO A 558 -6.63 -3.99 -28.64
C PRO A 558 -7.74 -3.13 -28.04
N LEU A 559 -7.91 -1.93 -28.62
CA LEU A 559 -9.13 -1.15 -28.53
C LEU A 559 -9.96 -1.42 -29.77
N LEU A 560 -11.24 -1.80 -29.60
CA LEU A 560 -12.09 -2.16 -30.74
C LEU A 560 -13.53 -1.66 -30.66
N ASP A 561 -14.11 -1.50 -29.45
CA ASP A 561 -15.40 -0.81 -29.31
C ASP A 561 -15.11 0.64 -28.95
N MET A 562 -15.11 1.50 -29.96
CA MET A 562 -14.69 2.88 -29.76
C MET A 562 -15.83 3.77 -29.31
N VAL A 563 -17.06 3.23 -29.27
CA VAL A 563 -18.19 3.92 -28.70
C VAL A 563 -18.17 3.83 -27.18
N ARG A 564 -17.56 2.77 -26.64
CA ARG A 564 -17.57 2.54 -25.20
C ARG A 564 -16.17 2.51 -24.54
N TYR A 565 -15.10 2.71 -25.30
CA TYR A 565 -13.75 2.52 -24.73
C TYR A 565 -13.46 3.41 -23.51
N HIS A 566 -14.04 4.60 -23.49
CA HIS A 566 -13.75 5.58 -22.44
C HIS A 566 -14.28 5.16 -21.06
N LEU A 567 -15.14 4.14 -21.02
CA LEU A 567 -15.78 3.68 -19.78
C LEU A 567 -14.94 2.71 -18.96
N PHE A 568 -13.84 2.25 -19.52
CA PHE A 568 -13.07 1.16 -18.94
C PHE A 568 -11.59 1.48 -18.81
N GLY A 569 -11.00 0.96 -17.76
CA GLY A 569 -9.57 1.08 -17.53
C GLY A 569 -9.11 2.52 -17.61
N SER A 570 -8.00 2.72 -18.32
CA SER A 570 -7.39 4.03 -18.52
C SER A 570 -7.98 4.83 -19.68
N GLY A 571 -9.12 4.41 -20.20
CA GLY A 571 -9.66 5.00 -21.40
C GLY A 571 -9.83 6.50 -21.45
N ARG A 572 -10.22 7.15 -20.36
CA ARG A 572 -10.44 8.59 -20.40
C ARG A 572 -9.15 9.34 -20.71
N THR A 573 -8.01 8.76 -20.40
CA THR A 573 -6.76 9.43 -20.70
C THR A 573 -6.49 9.55 -22.19
N TRP A 574 -7.19 8.76 -23.00
CA TRP A 574 -7.03 8.83 -24.47
C TRP A 574 -8.08 9.67 -25.15
N ILE A 575 -9.01 10.27 -24.40
CA ILE A 575 -9.98 11.15 -25.02
C ILE A 575 -9.36 12.31 -25.82
N PRO A 576 -8.25 12.90 -25.36
CA PRO A 576 -7.62 13.95 -26.17
C PRO A 576 -7.12 13.50 -27.53
N GLU A 577 -6.92 12.20 -27.70
CA GLU A 577 -6.47 11.60 -28.97
C GLU A 577 -7.61 11.12 -29.86
N TYR A 578 -8.62 10.45 -29.29
CA TYR A 578 -9.68 9.84 -30.05
C TYR A 578 -11.00 10.61 -30.04
N GLY A 579 -11.25 11.39 -28.99
CA GLY A 579 -12.55 11.98 -28.68
C GLY A 579 -13.35 11.01 -27.81
N THR A 580 -14.56 11.42 -27.44
CA THR A 580 -15.42 10.57 -26.63
C THR A 580 -16.83 10.52 -27.22
N ALA A 581 -17.39 9.33 -27.29
CA ALA A 581 -18.75 9.19 -27.76
C ALA A 581 -19.79 9.87 -26.89
N GLU A 582 -19.39 10.37 -25.73
CA GLU A 582 -20.27 11.19 -24.91
C GLU A 582 -20.66 12.50 -25.61
N LYS A 583 -19.86 12.93 -26.58
CA LYS A 583 -20.09 14.18 -27.33
C LYS A 583 -20.58 13.86 -28.74
N PRO A 584 -21.57 14.59 -29.27
CA PRO A 584 -22.19 14.21 -30.55
C PRO A 584 -21.26 14.16 -31.75
N GLU A 585 -20.41 15.17 -31.92
CA GLU A 585 -19.53 15.20 -33.09
C GLU A 585 -18.48 14.10 -32.98
N ASP A 586 -17.95 13.91 -31.77
CA ASP A 586 -16.97 12.85 -31.56
C ASP A 586 -17.60 11.49 -31.84
N PHE A 587 -18.84 11.29 -31.39
CA PHE A 587 -19.53 10.04 -31.62
C PHE A 587 -19.61 9.71 -33.09
N LYS A 588 -19.94 10.70 -33.92
CA LYS A 588 -20.09 10.44 -35.35
C LYS A 588 -18.76 9.89 -35.92
N THR A 589 -17.67 10.52 -35.54
CA THR A 589 -16.35 10.07 -35.97
C THR A 589 -16.03 8.65 -35.50
N LEU A 590 -16.20 8.40 -34.21
CA LEU A 590 -15.84 7.11 -33.61
C LEU A 590 -16.72 6.00 -34.15
N HIS A 591 -18.00 6.23 -34.25
CA HIS A 591 -18.93 5.20 -34.69
C HIS A 591 -18.63 4.82 -36.11
N ALA A 592 -18.12 5.75 -36.93
CA ALA A 592 -17.86 5.47 -38.32
C ALA A 592 -16.74 4.45 -38.52
N TYR A 593 -15.78 4.41 -37.60
CA TYR A 593 -14.69 3.42 -37.71
C TYR A 593 -14.60 2.31 -36.67
N SER A 594 -15.32 2.43 -35.56
CA SER A 594 -15.31 1.50 -34.40
C SER A 594 -15.38 0.05 -34.91
N PRO A 595 -14.29 -0.70 -34.89
CA PRO A 595 -14.29 -2.00 -35.57
C PRO A 595 -15.40 -2.95 -35.12
N TYR A 596 -15.70 -2.96 -33.83
CA TYR A 596 -16.72 -3.84 -33.27
C TYR A 596 -18.08 -3.61 -33.91
N HIS A 597 -18.33 -2.38 -34.37
CA HIS A 597 -19.61 -2.01 -35.01
C HIS A 597 -19.60 -2.11 -36.51
N HIS A 598 -18.54 -2.69 -37.08
CA HIS A 598 -18.40 -2.79 -38.53
C HIS A 598 -18.03 -4.17 -39.02
N VAL A 599 -18.38 -5.18 -38.25
CA VAL A 599 -18.24 -6.58 -38.69
C VAL A 599 -19.47 -6.91 -39.54
N ARG A 600 -19.42 -6.53 -40.81
CA ARG A 600 -20.57 -6.77 -41.72
C ARG A 600 -20.74 -8.26 -41.99
N PRO A 601 -21.98 -8.72 -42.15
CA PRO A 601 -22.23 -10.11 -42.45
C PRO A 601 -21.95 -10.44 -43.91
N ASP A 602 -21.86 -11.73 -44.18
CA ASP A 602 -21.72 -12.27 -45.54
C ASP A 602 -20.42 -11.81 -46.19
N VAL A 603 -19.38 -11.67 -45.35
CA VAL A 603 -18.03 -11.28 -45.75
C VAL A 603 -17.04 -12.35 -45.31
N ARG A 604 -16.16 -12.77 -46.21
CA ARG A 604 -15.06 -13.64 -45.84
C ARG A 604 -13.95 -12.75 -45.29
N TYR A 605 -13.70 -12.89 -44.00
CA TYR A 605 -12.68 -12.11 -43.33
C TYR A 605 -11.34 -12.81 -43.44
N PRO A 606 -10.28 -12.04 -43.24
CA PRO A 606 -8.98 -12.65 -43.01
C PRO A 606 -9.01 -13.54 -41.79
N ALA A 607 -8.15 -14.53 -41.74
CA ALA A 607 -7.91 -15.29 -40.50
C ALA A 607 -7.47 -14.33 -39.39
N LEU A 608 -7.91 -14.57 -38.16
CA LEU A 608 -7.68 -13.66 -37.06
C LEU A 608 -7.10 -14.37 -35.87
N LEU A 609 -5.97 -13.86 -35.35
CA LEU A 609 -5.41 -14.29 -34.07
C LEU A 609 -5.41 -13.08 -33.13
N MET A 610 -6.20 -13.17 -32.06
CA MET A 610 -6.31 -12.12 -31.05
C MET A 610 -5.34 -12.49 -29.95
N MET A 611 -4.40 -11.63 -29.64
CA MET A 611 -3.43 -11.88 -28.59
C MET A 611 -3.73 -11.01 -27.39
N ALA A 612 -4.42 -11.62 -26.45
CA ALA A 612 -4.89 -10.92 -25.25
C ALA A 612 -4.04 -11.26 -24.04
N ALA A 613 -4.22 -10.46 -23.01
CA ALA A 613 -3.48 -10.57 -21.75
C ALA A 613 -4.48 -10.53 -20.60
N ASP A 614 -4.35 -11.45 -19.67
CA ASP A 614 -5.33 -11.61 -18.59
C ASP A 614 -5.34 -10.51 -17.52
N HIS A 615 -4.25 -9.75 -17.41
CA HIS A 615 -4.16 -8.73 -16.37
C HIS A 615 -3.86 -7.36 -16.96
N ASP A 616 -4.38 -7.10 -18.14
CA ASP A 616 -4.23 -5.78 -18.75
C ASP A 616 -5.14 -4.77 -18.04
N ASP A 617 -4.52 -3.98 -17.17
CA ASP A 617 -5.21 -2.93 -16.43
C ASP A 617 -5.12 -1.54 -17.07
N ARG A 618 -4.78 -1.53 -18.34
CA ARG A 618 -4.72 -0.30 -19.12
C ARG A 618 -5.82 -0.33 -20.19
N VAL A 619 -5.70 -1.28 -21.12
CA VAL A 619 -6.67 -1.51 -22.16
C VAL A 619 -7.55 -2.67 -21.76
N ASP A 620 -8.84 -2.42 -21.57
CA ASP A 620 -9.69 -3.46 -21.02
C ASP A 620 -9.76 -4.66 -21.96
N PRO A 621 -9.55 -5.87 -21.44
CA PRO A 621 -9.66 -7.08 -22.28
C PRO A 621 -11.02 -7.31 -22.92
N MET A 622 -12.06 -6.58 -22.52
CA MET A 622 -13.38 -6.84 -23.09
C MET A 622 -13.40 -6.59 -24.62
N HIS A 623 -12.59 -5.67 -25.11
CA HIS A 623 -12.62 -5.36 -26.52
C HIS A 623 -12.34 -6.58 -27.38
N ALA A 624 -11.29 -7.32 -27.03
CA ALA A 624 -10.92 -8.50 -27.79
C ALA A 624 -12.01 -9.58 -27.68
N ARG A 625 -12.64 -9.72 -26.52
CA ARG A 625 -13.69 -10.72 -26.38
C ARG A 625 -14.88 -10.41 -27.28
N LYS A 626 -15.37 -9.19 -27.23
CA LYS A 626 -16.53 -8.82 -28.05
C LYS A 626 -16.23 -8.94 -29.55
N PHE A 627 -15.03 -8.49 -29.96
CA PHE A 627 -14.70 -8.52 -31.37
C PHE A 627 -14.54 -9.94 -31.86
N VAL A 628 -13.86 -10.81 -31.11
CA VAL A 628 -13.70 -12.21 -31.55
C VAL A 628 -15.05 -12.89 -31.67
N ALA A 629 -15.97 -12.61 -30.73
CA ALA A 629 -17.31 -13.16 -30.82
C ALA A 629 -18.02 -12.71 -32.08
N ALA A 630 -17.88 -11.44 -32.43
CA ALA A 630 -18.52 -10.89 -33.63
C ALA A 630 -17.95 -11.54 -34.92
N VAL A 631 -16.65 -11.75 -34.95
CA VAL A 631 -16.02 -12.33 -36.12
C VAL A 631 -16.34 -13.85 -36.26
N GLN A 632 -16.27 -14.58 -35.14
CA GLN A 632 -16.57 -16.01 -35.16
C GLN A 632 -17.99 -16.26 -35.66
N ASN A 633 -18.91 -15.39 -35.27
CA ASN A 633 -20.31 -15.59 -35.53
C ASN A 633 -20.83 -14.80 -36.71
N SER A 634 -19.94 -14.20 -37.48
CA SER A 634 -20.37 -13.40 -38.63
C SER A 634 -20.85 -14.35 -39.72
N PRO A 635 -22.11 -14.24 -40.15
CA PRO A 635 -22.61 -15.16 -41.17
C PRO A 635 -21.69 -15.22 -42.39
N GLY A 636 -21.36 -16.42 -42.82
CA GLY A 636 -20.57 -16.60 -44.02
C GLY A 636 -19.08 -16.35 -43.89
N ASN A 637 -18.57 -16.21 -42.66
CA ASN A 637 -17.14 -16.11 -42.45
C ASN A 637 -16.54 -17.48 -42.14
N PRO A 638 -15.76 -18.03 -43.07
CA PRO A 638 -15.16 -19.37 -42.89
C PRO A 638 -13.77 -19.37 -42.27
N ALA A 639 -13.16 -18.19 -42.15
CA ALA A 639 -11.78 -18.08 -41.67
C ALA A 639 -11.70 -18.20 -40.16
N THR A 640 -10.59 -18.79 -39.72
CA THR A 640 -10.36 -19.02 -38.30
C THR A 640 -10.33 -17.69 -37.55
N ALA A 641 -10.81 -17.69 -36.32
CA ALA A 641 -10.75 -16.50 -35.45
C ALA A 641 -10.51 -17.01 -34.04
N LEU A 642 -9.34 -16.74 -33.47
CA LEU A 642 -8.88 -17.32 -32.22
C LEU A 642 -8.62 -16.27 -31.19
N LEU A 643 -8.99 -16.54 -29.95
CA LEU A 643 -8.67 -15.68 -28.82
C LEU A 643 -7.68 -16.40 -27.92
N ARG A 644 -6.42 -15.97 -27.95
CA ARG A 644 -5.36 -16.49 -27.12
C ARG A 644 -5.14 -15.57 -25.91
N ILE A 645 -5.27 -16.07 -24.69
CA ILE A 645 -5.15 -15.25 -23.51
C ILE A 645 -3.87 -15.59 -22.78
N GLU A 646 -2.94 -14.64 -22.72
CA GLU A 646 -1.69 -14.89 -22.03
C GLU A 646 -1.91 -14.79 -20.53
N ALA A 647 -1.39 -15.77 -19.80
CA ALA A 647 -1.54 -15.80 -18.36
C ALA A 647 -0.53 -14.90 -17.66
N ASN A 648 -0.95 -14.34 -16.54
CA ASN A 648 -0.12 -13.50 -15.69
C ASN A 648 0.56 -12.41 -16.46
N ALA A 649 -0.23 -11.69 -17.24
CA ALA A 649 0.31 -10.75 -18.20
C ALA A 649 -0.41 -9.42 -18.14
N GLY A 650 0.38 -8.35 -18.08
CA GLY A 650 -0.10 -7.00 -18.27
C GLY A 650 -0.11 -6.61 -19.73
N HIS A 651 -0.30 -5.31 -19.95
CA HIS A 651 -0.44 -4.74 -21.28
C HIS A 651 0.74 -5.06 -22.17
N GLY A 652 1.92 -5.15 -21.59
CA GLY A 652 3.10 -5.48 -22.36
C GLY A 652 3.57 -6.92 -22.23
N GLY A 653 2.71 -7.82 -21.77
CA GLY A 653 3.08 -9.22 -21.64
C GLY A 653 3.49 -9.64 -20.23
N ALA A 654 4.03 -10.84 -20.10
CA ALA A 654 4.26 -11.50 -18.82
C ALA A 654 5.67 -11.25 -18.29
N ASP A 655 6.54 -10.63 -19.09
CA ASP A 655 7.92 -10.39 -18.67
C ASP A 655 8.64 -11.67 -18.26
N GLN A 656 8.54 -12.67 -19.12
CA GLN A 656 9.15 -13.99 -18.93
C GLN A 656 9.60 -14.43 -20.29
N VAL A 657 10.89 -14.64 -20.49
CA VAL A 657 11.40 -15.01 -21.80
C VAL A 657 10.75 -16.27 -22.32
N ALA A 658 10.61 -17.28 -21.46
CA ALA A 658 9.95 -18.52 -21.92
C ALA A 658 8.56 -18.29 -22.49
N LYS A 659 7.79 -17.39 -21.90
CA LYS A 659 6.46 -17.08 -22.41
C LYS A 659 6.50 -16.28 -23.70
N ALA A 660 7.49 -15.43 -23.87
CA ALA A 660 7.70 -14.73 -25.14
C ALA A 660 8.00 -15.71 -26.26
N ILE A 661 8.80 -16.74 -25.96
CA ILE A 661 9.08 -17.80 -26.94
C ILE A 661 7.78 -18.44 -27.35
N GLU A 662 6.95 -18.84 -26.36
CA GLU A 662 5.67 -19.50 -26.67
C GLU A 662 4.77 -18.60 -27.51
N SER A 663 4.77 -17.30 -27.25
CA SER A 663 3.87 -16.40 -27.96
C SER A 663 4.33 -16.28 -29.40
N SER A 664 5.64 -16.20 -29.63
CA SER A 664 6.17 -16.08 -30.97
C SER A 664 5.95 -17.36 -31.75
N VAL A 665 6.12 -18.53 -31.12
CA VAL A 665 5.85 -19.79 -31.78
C VAL A 665 4.39 -19.79 -32.25
N ASP A 666 3.49 -19.38 -31.37
CA ASP A 666 2.07 -19.32 -31.70
C ASP A 666 1.80 -18.37 -32.85
N LEU A 667 2.32 -17.15 -32.80
CA LEU A 667 2.11 -16.16 -33.84
C LEU A 667 2.59 -16.64 -35.16
N TYR A 668 3.83 -17.10 -35.25
CA TYR A 668 4.41 -17.41 -36.54
C TYR A 668 3.89 -18.74 -37.08
N SER A 669 3.55 -19.70 -36.21
CA SER A 669 2.91 -20.92 -36.69
C SER A 669 1.47 -20.66 -37.23
N PHE A 670 0.72 -19.73 -36.61
CA PHE A 670 -0.56 -19.25 -37.15
C PHE A 670 -0.35 -18.70 -38.56
N LEU A 671 0.64 -17.83 -38.72
CA LEU A 671 0.90 -17.24 -40.01
C LEU A 671 1.28 -18.28 -41.05
N PHE A 672 2.16 -19.21 -40.68
CA PHE A 672 2.61 -20.24 -41.63
C PHE A 672 1.41 -21.03 -42.08
N GLN A 673 0.48 -21.32 -41.17
CA GLN A 673 -0.73 -22.08 -41.53
C GLN A 673 -1.60 -21.30 -42.48
N VAL A 674 -1.98 -20.07 -42.09
CA VAL A 674 -3.05 -19.38 -42.79
C VAL A 674 -2.58 -18.71 -44.06
N LEU A 675 -1.29 -18.41 -44.19
CA LEU A 675 -0.72 -17.91 -45.45
C LEU A 675 -0.08 -19.05 -46.29
N ASP A 676 -0.18 -20.29 -45.81
CA ASP A 676 0.23 -21.49 -46.58
C ASP A 676 1.70 -21.46 -46.93
N VAL A 677 2.53 -21.20 -45.92
CA VAL A 677 3.96 -21.08 -46.12
C VAL A 677 4.59 -22.47 -46.15
N GLN A 678 5.01 -22.91 -47.22
N SER B 2 20.60 -16.74 19.30
CA SER B 2 22.01 -16.26 19.54
C SER B 2 22.73 -15.95 18.25
N TYR B 3 22.29 -16.55 17.15
CA TYR B 3 23.13 -16.69 15.96
C TYR B 3 23.88 -15.41 15.52
N PRO B 4 23.21 -14.37 15.03
CA PRO B 4 23.93 -13.20 14.50
C PRO B 4 24.77 -12.56 15.59
N ALA B 5 26.02 -12.24 15.30
CA ALA B 5 26.86 -11.57 16.28
C ALA B 5 26.34 -10.19 16.60
N THR B 6 26.43 -9.79 17.85
CA THR B 6 26.14 -8.43 18.24
C THR B 6 27.37 -7.84 18.90
N ARG B 7 28.01 -6.89 18.24
CA ARG B 7 29.14 -6.21 18.85
C ARG B 7 28.65 -5.40 20.07
N ALA B 8 29.49 -5.32 21.09
CA ALA B 8 29.25 -4.46 22.26
C ALA B 8 30.17 -3.25 22.21
N GLU B 9 29.74 -2.15 22.80
CA GLU B 9 30.55 -0.94 22.86
C GLU B 9 30.75 -0.52 24.31
N GLN B 10 31.74 0.34 24.53
CA GLN B 10 32.10 0.83 25.85
C GLN B 10 31.36 2.12 26.20
N VAL B 11 30.06 2.16 25.93
CA VAL B 11 29.28 3.33 26.27
C VAL B 11 28.91 3.25 27.75
N VAL B 12 29.24 4.29 28.51
CA VAL B 12 28.92 4.39 29.92
C VAL B 12 28.60 5.85 30.20
N ASP B 13 27.48 6.10 30.85
CA ASP B 13 27.06 7.43 31.19
C ASP B 13 27.06 7.60 32.69
N THR B 14 27.39 8.80 33.14
CA THR B 14 27.21 9.16 34.53
C THR B 14 25.87 9.84 34.67
N LEU B 15 24.94 9.17 35.36
CA LEU B 15 23.61 9.71 35.58
C LEU B 15 23.41 9.83 37.08
N HIS B 16 23.21 11.07 37.54
CA HIS B 16 22.96 11.33 38.95
C HIS B 16 24.05 10.66 39.82
N GLY B 17 25.30 10.79 39.37
CA GLY B 17 26.46 10.28 40.10
C GLY B 17 26.70 8.79 40.00
N VAL B 18 25.95 8.10 39.14
CA VAL B 18 26.01 6.65 39.02
C VAL B 18 26.42 6.27 37.61
N GLN B 19 27.34 5.32 37.49
CA GLN B 19 27.76 4.80 36.20
C GLN B 19 26.71 3.82 35.67
N VAL B 20 26.27 4.06 34.45
CA VAL B 20 25.28 3.21 33.77
C VAL B 20 25.82 2.79 32.43
N ALA B 21 26.06 1.48 32.29
CA ALA B 21 26.63 0.90 31.07
C ALA B 21 25.53 0.62 30.06
N ASP B 22 25.82 0.81 28.77
CA ASP B 22 24.83 0.63 27.70
C ASP B 22 25.56 -0.01 26.51
N PRO B 23 25.95 -1.27 26.67
CA PRO B 23 26.79 -1.92 25.67
C PRO B 23 26.19 -2.03 24.29
N TYR B 24 24.86 -2.00 24.19
CA TYR B 24 24.18 -2.20 22.92
C TYR B 24 23.48 -0.93 22.45
N ARG B 25 24.00 0.22 22.90
CA ARG B 25 23.48 1.54 22.50
C ARG B 25 23.30 1.67 20.99
N TRP B 26 24.20 1.10 20.21
CA TRP B 26 24.16 1.26 18.77
C TRP B 26 22.90 0.68 18.12
N LEU B 27 22.27 -0.28 18.80
CA LEU B 27 21.03 -0.84 18.29
C LEU B 27 19.82 0.05 18.43
N GLU B 28 19.93 1.21 19.09
CA GLU B 28 18.81 2.14 19.23
C GLU B 28 18.38 2.75 17.91
N ASP B 29 19.34 2.94 16.99
CA ASP B 29 19.06 3.71 15.78
C ASP B 29 18.51 2.86 14.64
N GLU B 30 17.18 2.83 14.49
CA GLU B 30 16.60 2.00 13.45
C GLU B 30 16.88 2.48 12.00
N LYS B 31 17.38 3.68 11.85
CA LYS B 31 17.71 4.24 10.53
C LYS B 31 19.07 3.70 10.04
N ALA B 32 19.92 3.28 10.97
CA ALA B 32 21.27 2.84 10.66
C ALA B 32 21.20 1.53 9.87
N PRO B 33 21.78 1.50 8.67
CA PRO B 33 21.84 0.27 7.89
C PRO B 33 22.38 -0.97 8.64
N GLU B 34 23.37 -0.78 9.50
CA GLU B 34 23.91 -1.89 10.27
C GLU B 34 22.81 -2.53 11.16
N VAL B 35 21.95 -1.70 11.71
CA VAL B 35 20.88 -2.17 12.60
C VAL B 35 19.84 -2.94 11.78
N GLN B 36 19.45 -2.40 10.63
CA GLN B 36 18.48 -3.09 9.78
C GLN B 36 19.01 -4.47 9.33
N THR B 37 20.28 -4.57 9.00
CA THR B 37 20.92 -5.85 8.66
C THR B 37 20.81 -6.87 9.81
N TRP B 38 21.15 -6.40 11.00
CA TRP B 38 21.08 -7.22 12.22
C TRP B 38 19.67 -7.67 12.51
N MET B 39 18.72 -6.77 12.35
CA MET B 39 17.31 -7.11 12.55
C MET B 39 16.87 -8.21 11.61
N THR B 40 17.16 -8.07 10.32
CA THR B 40 16.80 -9.10 9.34
C THR B 40 17.43 -10.45 9.70
N ALA B 41 18.69 -10.44 10.12
CA ALA B 41 19.39 -11.66 10.48
C ALA B 41 18.78 -12.29 11.74
N GLN B 42 18.46 -11.48 12.73
CA GLN B 42 17.86 -12.01 13.97
C GLN B 42 16.51 -12.64 13.66
N ASN B 43 15.66 -11.93 12.91
CA ASN B 43 14.37 -12.51 12.53
C ASN B 43 14.51 -13.80 11.73
N ALA B 44 15.45 -13.83 10.81
CA ALA B 44 15.62 -15.01 10.00
C ALA B 44 16.05 -16.20 10.88
N HIS B 45 16.94 -15.95 11.83
CA HIS B 45 17.35 -16.97 12.77
C HIS B 45 16.14 -17.45 13.59
N ALA B 46 15.32 -16.53 14.07
CA ALA B 46 14.15 -16.89 14.84
C ALA B 46 13.19 -17.74 14.02
N ARG B 47 12.94 -17.36 12.78
CA ARG B 47 11.98 -18.10 11.97
C ARG B 47 12.52 -19.50 11.66
N GLU B 48 13.81 -19.61 11.41
CA GLU B 48 14.43 -20.91 11.19
C GLU B 48 14.33 -21.82 12.42
N ALA B 49 14.54 -21.24 13.60
CA ALA B 49 14.46 -22.00 14.84
C ALA B 49 13.01 -22.45 15.10
N LEU B 50 12.08 -21.52 14.93
CA LEU B 50 10.67 -21.77 15.19
C LEU B 50 10.14 -22.90 14.30
N ALA B 51 10.61 -22.96 13.07
CA ALA B 51 10.12 -23.92 12.09
C ALA B 51 10.46 -25.36 12.48
N LYS B 52 11.47 -25.54 13.33
CA LYS B 52 11.89 -26.88 13.80
C LYS B 52 11.13 -27.36 15.05
N PHE B 53 10.33 -26.49 15.65
CA PHE B 53 9.66 -26.81 16.91
C PHE B 53 8.47 -27.74 16.68
N PRO B 54 8.07 -28.50 17.71
CA PRO B 54 7.01 -29.51 17.54
C PRO B 54 5.62 -28.96 17.49
N GLY B 55 4.75 -29.75 16.90
CA GLY B 55 3.32 -29.52 16.97
C GLY B 55 2.76 -28.47 16.04
N ARG B 56 3.54 -27.96 15.10
CA ARG B 56 3.10 -26.81 14.31
C ARG B 56 1.95 -27.11 13.34
N GLU B 57 1.94 -28.28 12.70
CA GLU B 57 0.90 -28.57 11.74
C GLU B 57 -0.45 -28.68 12.46
N ALA B 58 -0.45 -29.33 13.62
CA ALA B 58 -1.68 -29.50 14.42
C ALA B 58 -2.16 -28.16 15.00
N LEU B 59 -1.23 -27.32 15.45
CA LEU B 59 -1.57 -26.01 15.95
C LEU B 59 -2.15 -25.15 14.82
N ALA B 60 -1.54 -25.16 13.66
CA ALA B 60 -2.01 -24.30 12.58
C ALA B 60 -3.43 -24.69 12.15
N ALA B 61 -3.71 -26.00 12.08
CA ALA B 61 -5.04 -26.45 11.70
C ALA B 61 -6.09 -26.00 12.71
N ARG B 62 -5.77 -26.16 13.98
CA ARG B 62 -6.72 -25.83 15.02
C ARG B 62 -6.94 -24.33 15.15
N PHE B 63 -5.87 -23.54 15.05
CA PHE B 63 -6.04 -22.10 15.10
C PHE B 63 -6.78 -21.58 13.87
N LYS B 64 -6.62 -22.21 12.71
CA LYS B 64 -7.40 -21.80 11.57
C LYS B 64 -8.89 -22.01 11.81
N GLU B 65 -9.25 -23.13 12.41
CA GLU B 65 -10.63 -23.43 12.73
C GLU B 65 -11.18 -22.46 13.76
N LEU B 66 -10.36 -22.06 14.72
CA LEU B 66 -10.80 -21.21 15.82
C LEU B 66 -10.83 -19.73 15.48
N PHE B 67 -9.84 -19.25 14.74
CA PHE B 67 -9.63 -17.79 14.60
C PHE B 67 -10.46 -17.15 13.51
N TYR B 68 -10.89 -17.91 12.51
CA TYR B 68 -11.84 -17.39 11.53
C TYR B 68 -13.24 -17.62 12.10
N THR B 69 -13.98 -16.54 12.32
CA THR B 69 -15.30 -16.61 12.92
C THR B 69 -16.31 -15.81 12.15
N ASP B 70 -17.57 -16.16 12.34
CA ASP B 70 -18.68 -15.31 12.02
C ASP B 70 -19.10 -14.67 13.32
N SER B 71 -19.09 -13.35 13.36
CA SER B 71 -19.53 -12.60 14.51
C SER B 71 -20.13 -11.29 14.11
N VAL B 72 -20.85 -10.72 15.06
CA VAL B 72 -21.42 -9.40 14.89
C VAL B 72 -21.21 -8.64 16.20
N SER B 73 -20.93 -7.35 16.09
CA SER B 73 -20.74 -6.47 17.25
C SER B 73 -22.02 -5.74 17.61
N THR B 74 -22.00 -5.10 18.78
CA THR B 74 -23.13 -4.31 19.20
C THR B 74 -23.32 -3.15 18.22
N PRO B 75 -24.55 -2.86 17.90
CA PRO B 75 -24.82 -1.82 16.92
C PRO B 75 -24.85 -0.41 17.53
N SER B 76 -24.35 0.54 16.74
CA SER B 76 -24.53 1.96 17.00
C SER B 76 -25.77 2.44 16.27
N ARG B 77 -26.67 3.10 16.98
CA ARG B 77 -27.95 3.51 16.42
C ARG B 77 -27.99 5.02 16.27
N ARG B 78 -28.28 5.50 15.06
CA ARG B 78 -28.35 6.92 14.79
C ARG B 78 -29.47 7.19 13.81
N ASN B 79 -30.48 7.93 14.27
CA ASN B 79 -31.56 8.37 13.41
C ASN B 79 -32.21 7.24 12.62
N GLY B 80 -32.45 6.13 13.30
CA GLY B 80 -33.14 5.00 12.69
C GLY B 80 -32.24 4.06 11.91
N ARG B 81 -30.97 4.39 11.79
CA ARG B 81 -30.00 3.56 11.11
C ARG B 81 -29.14 2.82 12.13
N PHE B 82 -28.68 1.64 11.76
CA PHE B 82 -27.83 0.80 12.59
C PHE B 82 -26.50 0.56 11.91
N PHE B 83 -25.41 0.66 12.68
CA PHE B 83 -24.05 0.52 12.20
C PHE B 83 -23.33 -0.47 13.08
N TYR B 84 -22.64 -1.44 12.49
CA TYR B 84 -22.07 -2.54 13.29
C TYR B 84 -21.04 -3.28 12.46
N VAL B 85 -20.10 -3.93 13.15
CA VAL B 85 -19.04 -4.66 12.52
C VAL B 85 -19.34 -6.14 12.54
N ARG B 86 -19.06 -6.82 11.44
CA ARG B 86 -19.10 -8.27 11.36
C ARG B 86 -17.71 -8.84 11.06
N THR B 87 -17.42 -10.04 11.55
CA THR B 87 -16.39 -10.86 10.96
C THR B 87 -17.04 -11.99 10.18
N HIS B 88 -16.30 -12.46 9.16
CA HIS B 88 -16.69 -13.58 8.31
C HIS B 88 -15.57 -14.59 8.29
N LYS B 89 -15.91 -15.87 8.11
CA LYS B 89 -14.88 -16.91 8.11
C LYS B 89 -13.91 -16.86 6.94
N ASP B 90 -14.23 -16.11 5.89
CA ASP B 90 -13.42 -16.05 4.71
C ASP B 90 -12.75 -14.70 4.46
N LYS B 91 -12.62 -13.90 5.53
CA LYS B 91 -12.05 -12.56 5.46
C LYS B 91 -10.98 -12.38 6.52
N GLU B 92 -9.96 -11.60 6.17
CA GLU B 92 -8.83 -11.29 7.06
C GLU B 92 -9.06 -10.19 8.09
N LYS B 93 -10.00 -9.29 7.79
CA LYS B 93 -10.37 -8.17 8.61
C LYS B 93 -11.88 -8.02 8.72
N ALA B 94 -12.34 -7.52 9.84
CA ALA B 94 -13.76 -7.22 10.06
C ALA B 94 -14.23 -6.09 9.16
N ILE B 95 -15.54 -6.08 8.91
CA ILE B 95 -16.18 -5.17 7.96
C ILE B 95 -17.31 -4.39 8.67
N LEU B 96 -17.44 -3.11 8.37
CA LEU B 96 -18.47 -2.24 8.94
C LEU B 96 -19.66 -2.24 7.98
N TYR B 97 -20.81 -2.63 8.50
CA TYR B 97 -22.09 -2.67 7.79
C TYR B 97 -23.05 -1.64 8.35
N TRP B 98 -24.07 -1.30 7.55
CA TRP B 98 -25.19 -0.51 8.02
C TRP B 98 -26.49 -1.01 7.44
N ARG B 99 -27.59 -0.64 8.11
CA ARG B 99 -28.93 -0.89 7.58
C ARG B 99 -29.87 0.21 8.02
N GLN B 100 -30.94 0.36 7.27
CA GLN B 100 -31.99 1.33 7.52
C GLN B 100 -33.06 0.63 8.31
N GLY B 101 -33.10 0.90 9.60
CA GLY B 101 -33.98 0.24 10.53
C GLY B 101 -33.52 -1.16 10.84
N GLU B 102 -34.17 -1.79 11.81
CA GLU B 102 -33.84 -3.16 12.15
C GLU B 102 -34.19 -4.09 10.96
N SER B 103 -35.14 -3.68 10.13
CA SER B 103 -35.66 -4.49 9.03
C SER B 103 -34.95 -4.28 7.69
N GLY B 104 -34.12 -3.24 7.57
CA GLY B 104 -33.56 -2.89 6.27
C GLY B 104 -32.53 -3.92 5.89
N GLN B 105 -32.36 -4.12 4.59
CA GLN B 105 -31.33 -5.04 4.15
C GLN B 105 -29.97 -4.38 4.33
N GLU B 106 -29.03 -5.12 4.88
CA GLU B 106 -27.76 -4.53 5.23
C GLU B 106 -26.88 -4.34 4.00
N LYS B 107 -25.96 -3.39 4.16
CA LYS B 107 -25.03 -2.97 3.11
C LYS B 107 -23.65 -2.81 3.72
N VAL B 108 -22.62 -3.20 2.98
CA VAL B 108 -21.25 -2.90 3.36
C VAL B 108 -21.01 -1.41 3.30
N LEU B 109 -20.48 -0.84 4.36
CA LEU B 109 -20.12 0.60 4.42
C LEU B 109 -18.63 0.76 4.24
N LEU B 110 -17.84 0.09 5.08
CA LEU B 110 -16.36 0.12 5.01
C LEU B 110 -15.80 -1.30 5.04
N ASP B 111 -15.04 -1.65 4.03
CA ASP B 111 -14.43 -2.98 3.97
C ASP B 111 -12.94 -2.82 3.86
N PRO B 112 -12.23 -2.89 4.97
CA PRO B 112 -10.78 -2.68 4.93
C PRO B 112 -10.00 -3.76 4.20
N ASN B 113 -10.60 -4.91 3.91
CA ASN B 113 -9.93 -5.90 3.08
C ASN B 113 -9.65 -5.35 1.69
N GLY B 114 -10.36 -4.31 1.27
CA GLY B 114 -10.16 -3.67 -0.03
C GLY B 114 -9.30 -2.42 0.00
N TRP B 115 -8.67 -2.09 1.12
CA TRP B 115 -7.97 -0.79 1.27
C TRP B 115 -6.50 -0.83 0.86
N SER B 116 -6.02 -2.02 0.58
CA SER B 116 -4.64 -2.24 0.14
C SER B 116 -4.56 -3.58 -0.55
N LYS B 117 -3.43 -3.84 -1.20
CA LYS B 117 -3.34 -5.07 -1.97
C LYS B 117 -3.29 -6.32 -1.10
N ASP B 118 -2.68 -6.15 0.07
CA ASP B 118 -2.24 -7.27 0.92
C ASP B 118 -2.78 -7.20 2.37
N GLY B 119 -3.80 -6.38 2.62
CA GLY B 119 -4.37 -6.31 3.95
C GLY B 119 -3.54 -5.56 4.98
N THR B 120 -2.90 -4.47 4.59
CA THR B 120 -1.98 -3.74 5.45
C THR B 120 -2.44 -2.34 5.81
N VAL B 121 -3.71 -2.04 5.61
CA VAL B 121 -4.30 -0.81 6.16
C VAL B 121 -5.58 -1.20 6.91
N SER B 122 -5.69 -0.75 8.16
CA SER B 122 -6.76 -1.12 9.07
C SER B 122 -7.74 0.01 9.28
N LEU B 123 -8.95 -0.38 9.70
CA LEU B 123 -9.95 0.52 10.21
C LEU B 123 -9.66 0.80 11.67
N GLY B 124 -9.56 2.07 12.03
CA GLY B 124 -9.47 2.50 13.41
C GLY B 124 -10.80 2.93 13.97
N THR B 125 -10.80 4.04 14.68
CA THR B 125 -12.01 4.60 15.27
C THR B 125 -13.00 4.93 14.16
N TRP B 126 -14.27 4.87 14.47
CA TRP B 126 -15.30 5.37 13.59
C TRP B 126 -16.41 5.99 14.42
N ALA B 127 -17.06 7.02 13.87
CA ALA B 127 -18.06 7.82 14.58
C ALA B 127 -19.12 8.23 13.60
N VAL B 128 -20.35 7.81 13.86
CA VAL B 128 -21.48 8.11 12.98
C VAL B 128 -22.10 9.44 13.40
N SER B 129 -22.45 10.25 12.42
CA SER B 129 -23.14 11.50 12.68
C SER B 129 -24.53 11.22 13.27
N TRP B 130 -25.05 12.21 13.98
CA TRP B 130 -26.33 12.02 14.65
C TRP B 130 -27.49 11.79 13.71
N ASP B 131 -27.39 12.31 12.48
CA ASP B 131 -28.44 12.06 11.49
C ASP B 131 -28.26 10.75 10.73
N GLY B 132 -27.20 10.00 11.03
CA GLY B 132 -26.95 8.71 10.39
C GLY B 132 -26.51 8.80 8.95
N LYS B 133 -26.14 9.99 8.47
CA LYS B 133 -25.80 10.19 7.06
C LYS B 133 -24.31 10.19 6.76
N LYS B 134 -23.47 10.35 7.77
CA LYS B 134 -22.03 10.43 7.58
C LYS B 134 -21.33 9.56 8.59
N VAL B 135 -20.17 9.00 8.24
CA VAL B 135 -19.29 8.35 9.20
C VAL B 135 -17.89 8.89 9.03
N ALA B 136 -17.33 9.43 10.11
CA ALA B 136 -15.92 9.80 10.19
C ALA B 136 -15.18 8.58 10.68
N PHE B 137 -14.09 8.24 10.01
CA PHE B 137 -13.36 7.04 10.35
C PHE B 137 -11.88 7.17 10.10
N ALA B 138 -11.08 6.39 10.80
CA ALA B 138 -9.61 6.40 10.65
C ALA B 138 -9.15 5.25 9.80
N GLN B 139 -8.17 5.53 8.93
CA GLN B 139 -7.34 4.51 8.32
C GLN B 139 -5.99 4.51 9.05
N LYS B 140 -5.53 3.28 9.36
CA LYS B 140 -4.30 3.05 10.11
C LYS B 140 -3.43 2.08 9.34
N PRO B 141 -2.47 2.58 8.57
CA PRO B 141 -1.51 1.68 7.94
C PRO B 141 -0.81 0.79 8.94
N ASN B 142 -0.71 -0.49 8.60
CA ASN B 142 -0.02 -1.48 9.43
C ASN B 142 -0.65 -1.65 10.81
N ALA B 143 -1.89 -1.20 10.99
CA ALA B 143 -2.56 -1.20 12.29
C ALA B 143 -1.72 -0.48 13.36
N ALA B 144 -0.89 0.45 12.92
CA ALA B 144 -0.09 1.26 13.83
C ALA B 144 -0.94 2.45 14.30
N ASP B 145 -0.41 3.27 15.17
CA ASP B 145 -1.20 4.30 15.84
C ASP B 145 -1.47 5.51 14.92
N GLU B 146 -0.54 5.85 14.06
CA GLU B 146 -0.75 6.93 13.08
C GLU B 146 -2.02 6.68 12.29
N ALA B 147 -2.88 7.70 12.23
CA ALA B 147 -4.21 7.56 11.68
C ALA B 147 -4.60 8.80 10.87
N VAL B 148 -5.22 8.54 9.74
CA VAL B 148 -5.75 9.58 8.85
C VAL B 148 -7.28 9.46 8.90
N LEU B 149 -7.93 10.58 9.22
CA LEU B 149 -9.37 10.62 9.22
C LEU B 149 -9.95 10.89 7.85
N HIS B 150 -10.99 10.14 7.52
CA HIS B 150 -11.81 10.33 6.32
C HIS B 150 -13.28 10.40 6.71
N VAL B 151 -14.12 10.79 5.77
CA VAL B 151 -15.57 10.80 5.93
C VAL B 151 -16.22 10.11 4.76
N ILE B 152 -17.14 9.21 5.02
CA ILE B 152 -17.96 8.60 3.98
C ILE B 152 -19.42 9.04 4.11
N ASP B 153 -20.04 9.27 2.96
CA ASP B 153 -21.46 9.55 2.86
C ASP B 153 -22.16 8.21 2.82
N VAL B 154 -23.00 7.95 3.82
CA VAL B 154 -23.60 6.61 3.95
C VAL B 154 -24.51 6.21 2.75
N ASP B 155 -25.36 7.14 2.30
CA ASP B 155 -26.29 6.85 1.22
C ASP B 155 -25.58 6.46 -0.06
N SER B 156 -24.56 7.23 -0.43
CA SER B 156 -23.87 7.06 -1.73
C SER B 156 -22.66 6.15 -1.65
N GLY B 157 -22.09 6.03 -0.46
CA GLY B 157 -20.82 5.33 -0.28
C GLY B 157 -19.59 6.13 -0.70
N GLU B 158 -19.78 7.39 -1.06
CA GLU B 158 -18.71 8.26 -1.55
C GLU B 158 -17.81 8.69 -0.41
N TRP B 159 -16.52 8.43 -0.53
CA TRP B 159 -15.56 9.00 0.39
C TRP B 159 -15.34 10.43 0.02
N SER B 160 -15.39 11.32 0.99
CA SER B 160 -15.15 12.74 0.71
C SER B 160 -13.72 12.93 0.26
N LYS B 161 -13.53 13.76 -0.76
CA LYS B 161 -12.16 14.01 -1.22
C LYS B 161 -11.48 15.14 -0.48
N VAL B 162 -12.28 16.02 0.11
CA VAL B 162 -11.76 17.17 0.87
C VAL B 162 -11.60 16.91 2.38
N ASP B 163 -12.48 16.08 2.97
CA ASP B 163 -12.50 15.88 4.41
C ASP B 163 -11.53 14.76 4.78
N VAL B 164 -10.25 15.09 4.76
CA VAL B 164 -9.15 14.13 4.96
C VAL B 164 -8.20 14.84 5.93
N ILE B 165 -8.00 14.26 7.11
CA ILE B 165 -7.21 14.86 8.16
C ILE B 165 -6.10 13.92 8.55
N GLU B 166 -4.88 14.29 8.19
CA GLU B 166 -3.71 13.62 8.68
C GLU B 166 -3.62 14.16 10.16
N GLY B 167 -2.86 13.52 11.00
CA GLY B 167 -2.80 13.93 12.35
C GLY B 167 -3.99 13.47 13.16
N GLY B 168 -4.61 12.35 12.75
CA GLY B 168 -5.72 11.77 13.47
C GLY B 168 -5.41 10.74 14.55
N LYS B 169 -4.14 10.56 14.91
CA LYS B 169 -3.76 9.53 15.88
C LYS B 169 -4.64 9.41 17.11
N TYR B 170 -4.86 10.55 17.77
CA TYR B 170 -5.57 10.58 19.02
C TYR B 170 -7.05 10.91 18.90
N ALA B 171 -7.56 11.03 17.67
CA ALA B 171 -8.91 11.53 17.43
C ALA B 171 -10.00 10.50 17.65
N THR B 172 -11.07 10.93 18.32
CA THR B 172 -12.36 10.25 18.31
C THR B 172 -13.38 11.35 17.96
N PRO B 173 -13.80 11.43 16.71
CA PRO B 173 -14.66 12.56 16.31
C PRO B 173 -15.93 12.67 17.14
N LYS B 174 -16.25 13.90 17.53
CA LYS B 174 -17.48 14.22 18.26
C LYS B 174 -18.32 15.14 17.38
N TRP B 175 -19.35 14.56 16.75
CA TRP B 175 -20.20 15.30 15.85
C TRP B 175 -21.09 16.25 16.61
N THR B 176 -21.27 17.46 16.09
CA THR B 176 -22.28 18.37 16.63
C THR B 176 -23.65 17.89 16.17
N PRO B 177 -24.69 18.28 16.89
CA PRO B 177 -26.04 17.79 16.59
C PRO B 177 -26.55 18.12 15.20
N ASP B 178 -26.04 19.16 14.58
CA ASP B 178 -26.40 19.49 13.21
C ASP B 178 -25.79 18.58 12.14
N SER B 179 -24.87 17.70 12.54
CA SER B 179 -24.20 16.79 11.61
C SER B 179 -23.35 17.53 10.55
N LYS B 180 -22.96 18.78 10.83
CA LYS B 180 -22.22 19.60 9.85
C LYS B 180 -20.72 19.57 10.06
N GLY B 181 -20.27 18.91 11.12
CA GLY B 181 -18.87 18.88 11.45
C GLY B 181 -18.64 18.20 12.80
N PHE B 182 -17.38 18.13 13.22
CA PHE B 182 -17.01 17.42 14.43
C PHE B 182 -15.83 18.02 15.13
N TYR B 183 -15.84 17.95 16.45
CA TYR B 183 -14.67 18.22 17.26
C TYR B 183 -13.75 17.01 17.21
N TYR B 184 -12.45 17.25 17.25
CA TYR B 184 -11.49 16.14 17.27
C TYR B 184 -10.14 16.61 17.81
N GLU B 185 -9.39 15.62 18.25
CA GLU B 185 -8.02 15.76 18.74
C GLU B 185 -7.09 15.70 17.54
N TRP B 186 -6.34 16.76 17.30
CA TRP B 186 -5.41 16.88 16.17
C TRP B 186 -3.97 16.81 16.63
N LEU B 187 -3.12 16.14 15.85
CA LEU B 187 -1.70 15.96 16.17
C LEU B 187 -0.85 16.36 14.95
N PRO B 188 0.05 17.34 15.04
CA PRO B 188 0.84 17.72 13.86
C PRO B 188 1.64 16.57 13.29
N THR B 189 1.83 16.56 11.98
CA THR B 189 2.63 15.54 11.32
C THR B 189 4.01 16.10 10.91
N ASP B 190 4.21 17.39 11.20
CA ASP B 190 5.43 18.20 10.91
C ASP B 190 6.70 17.51 11.43
N PRO B 191 7.72 17.38 10.57
CA PRO B 191 8.91 16.61 10.93
C PRO B 191 9.88 17.37 11.84
N SER B 192 9.66 18.67 12.05
CA SER B 192 10.52 19.44 12.98
C SER B 192 10.25 19.13 14.46
N ILE B 193 9.13 18.44 14.74
CA ILE B 193 8.81 18.06 16.11
C ILE B 193 9.47 16.71 16.41
N LYS B 194 10.27 16.69 17.47
CA LYS B 194 10.91 15.46 17.93
C LYS B 194 9.86 14.47 18.42
N VAL B 195 10.08 13.20 18.11
CA VAL B 195 9.09 12.16 18.37
C VAL B 195 8.68 12.16 19.85
N ASP B 196 9.65 12.30 20.74
CA ASP B 196 9.32 12.22 22.17
C ASP B 196 8.50 13.41 22.67
N GLU B 197 8.59 14.53 21.97
CA GLU B 197 7.86 15.76 22.31
C GLU B 197 6.49 15.88 21.69
N ARG B 198 6.27 15.10 20.64
CA ARG B 198 5.05 15.21 19.83
C ARG B 198 3.78 15.08 20.66
N PRO B 199 3.71 14.23 21.70
CA PRO B 199 2.46 14.13 22.45
C PRO B 199 2.00 15.41 23.13
N GLY B 200 2.90 16.38 23.36
CA GLY B 200 2.52 17.68 23.88
C GLY B 200 1.95 18.65 22.84
N TYR B 201 1.72 18.21 21.60
CA TYR B 201 1.21 19.09 20.54
C TYR B 201 -0.25 18.84 20.20
N THR B 202 -0.89 17.90 20.89
CA THR B 202 -2.30 17.61 20.62
C THR B 202 -3.12 18.88 20.81
N THR B 203 -4.02 19.15 19.87
CA THR B 203 -4.89 20.30 19.90
C THR B 203 -6.32 19.92 19.68
N ILE B 204 -7.28 20.55 20.32
CA ILE B 204 -8.67 20.27 19.96
C ILE B 204 -9.04 21.22 18.86
N ARG B 205 -9.57 20.69 17.76
CA ARG B 205 -10.03 21.48 16.64
C ARG B 205 -11.45 21.13 16.25
N TYR B 206 -12.07 21.95 15.40
CA TYR B 206 -13.38 21.65 14.84
C TYR B 206 -13.25 21.60 13.32
N HIS B 207 -13.71 20.52 12.71
CA HIS B 207 -13.72 20.40 11.27
C HIS B 207 -15.15 20.55 10.76
N THR B 208 -15.39 21.53 9.89
CA THR B 208 -16.64 21.67 9.17
C THR B 208 -16.59 20.84 7.88
N LEU B 209 -17.53 19.92 7.70
CA LEU B 209 -17.52 19.11 6.48
C LEU B 209 -17.55 19.99 5.26
N GLY B 210 -16.75 19.63 4.27
CA GLY B 210 -16.70 20.35 3.02
C GLY B 210 -15.63 21.42 2.93
N THR B 211 -14.99 21.72 4.05
CA THR B 211 -13.93 22.72 4.07
C THR B 211 -12.55 22.07 4.11
N GLU B 212 -11.53 22.85 3.70
CA GLU B 212 -10.15 22.39 3.73
C GLU B 212 -9.72 22.24 5.19
N PRO B 213 -9.21 21.08 5.57
CA PRO B 213 -8.84 20.87 6.97
C PRO B 213 -7.76 21.77 7.52
N SER B 214 -6.92 22.34 6.66
CA SER B 214 -5.88 23.27 7.12
C SER B 214 -6.53 24.46 7.84
N LYS B 215 -7.76 24.79 7.46
CA LYS B 215 -8.54 25.89 8.05
C LYS B 215 -9.39 25.54 9.28
N ASP B 216 -9.31 24.30 9.77
CA ASP B 216 -10.03 23.92 10.97
C ASP B 216 -9.69 24.84 12.13
N THR B 217 -10.69 25.29 12.85
CA THR B 217 -10.48 26.22 13.95
C THR B 217 -9.89 25.51 15.18
N VAL B 218 -9.04 26.23 15.89
CA VAL B 218 -8.47 25.76 17.15
C VAL B 218 -9.43 26.09 18.29
N VAL B 219 -9.93 25.04 18.92
CA VAL B 219 -10.90 25.11 19.99
C VAL B 219 -10.19 25.12 21.34
N HIS B 220 -9.16 24.29 21.49
CA HIS B 220 -8.32 24.30 22.69
C HIS B 220 -6.87 24.12 22.27
N GLU B 221 -6.00 25.04 22.69
CA GLU B 221 -4.60 24.96 22.36
C GLU B 221 -3.94 23.76 23.03
N ARG B 222 -2.77 23.43 22.52
CA ARG B 222 -1.97 22.35 23.09
C ARG B 222 -1.51 22.66 24.52
N THR B 223 -1.19 21.61 25.26
CA THR B 223 -0.61 21.83 26.59
C THR B 223 0.89 22.11 26.51
N GLY B 224 1.55 21.64 25.47
CA GLY B 224 3.01 21.74 25.40
C GLY B 224 3.74 20.85 26.40
N ASP B 225 3.03 19.86 26.93
CA ASP B 225 3.54 18.98 27.97
C ASP B 225 3.33 17.52 27.49
N PRO B 226 4.41 16.87 27.07
CA PRO B 226 4.30 15.53 26.50
C PRO B 226 4.03 14.44 27.55
N THR B 227 3.89 14.78 28.82
CA THR B 227 3.49 13.81 29.84
C THR B 227 1.97 13.83 30.05
N THR B 228 1.24 14.55 29.18
CA THR B 228 -0.20 14.62 29.22
C THR B 228 -0.85 14.09 27.95
N PHE B 229 -2.15 13.83 28.06
CA PHE B 229 -3.02 13.72 26.90
C PHE B 229 -4.09 14.81 26.97
N LEU B 230 -4.52 15.26 25.79
CA LEU B 230 -5.61 16.22 25.68
C LEU B 230 -6.74 15.51 24.96
N GLN B 231 -7.93 15.48 25.56
CA GLN B 231 -9.05 14.76 24.97
C GLN B 231 -10.30 15.59 25.13
N SER B 232 -11.22 15.51 24.18
CA SER B 232 -12.48 16.23 24.24
C SER B 232 -13.67 15.26 24.22
N ASP B 233 -14.81 15.75 24.65
CA ASP B 233 -16.05 15.02 24.56
C ASP B 233 -17.17 16.04 24.44
N LEU B 234 -18.33 15.62 23.94
CA LEU B 234 -19.43 16.53 23.66
C LEU B 234 -20.73 15.84 24.05
N SER B 235 -21.59 16.54 24.78
CA SER B 235 -22.89 16.00 25.10
C SER B 235 -23.68 15.78 23.79
N ARG B 236 -24.60 14.83 23.81
CA ARG B 236 -25.34 14.48 22.60
C ARG B 236 -26.13 15.67 22.04
N ASP B 237 -26.68 16.52 22.91
CA ASP B 237 -27.41 17.74 22.51
C ASP B 237 -26.50 18.91 22.13
N GLY B 238 -25.18 18.73 22.24
CA GLY B 238 -24.23 19.74 21.83
C GLY B 238 -24.03 20.88 22.83
N LYS B 239 -24.77 20.87 23.93
CA LYS B 239 -24.81 21.99 24.85
C LYS B 239 -23.56 22.10 25.71
N TYR B 240 -22.84 21.00 25.88
CA TYR B 240 -21.70 20.93 26.79
C TYR B 240 -20.51 20.25 26.13
N LEU B 241 -19.44 21.03 25.93
CA LEU B 241 -18.19 20.54 25.37
C LEU B 241 -17.18 20.44 26.51
N PHE B 242 -16.61 19.24 26.67
CA PHE B 242 -15.65 18.96 27.72
C PHE B 242 -14.24 18.82 27.15
N VAL B 243 -13.25 19.33 27.86
CA VAL B 243 -11.85 19.08 27.52
C VAL B 243 -11.16 18.56 28.76
N TYR B 244 -10.52 17.41 28.61
CA TYR B 244 -9.81 16.76 29.68
C TYR B 244 -8.32 16.95 29.47
N ILE B 245 -7.61 17.35 30.52
CA ILE B 245 -6.15 17.26 30.55
C ILE B 245 -5.80 16.07 31.45
N LEU B 246 -5.35 14.98 30.83
CA LEU B 246 -5.08 13.71 31.48
C LEU B 246 -3.59 13.63 31.84
N ARG B 247 -3.30 13.53 33.12
CA ARG B 247 -1.93 13.33 33.57
C ARG B 247 -1.78 11.86 33.89
N GLY B 248 -1.42 11.10 32.87
CA GLY B 248 -1.36 9.65 32.93
C GLY B 248 -2.70 9.07 33.25
N TRP B 249 -2.71 8.12 34.17
CA TRP B 249 -3.87 7.33 34.52
C TRP B 249 -4.26 7.55 35.99
N SER B 250 -3.75 8.60 36.63
CA SER B 250 -4.02 8.77 38.06
C SER B 250 -4.71 10.09 38.39
N GLU B 251 -4.65 11.07 37.49
CA GLU B 251 -5.33 12.35 37.75
C GLU B 251 -5.64 13.08 36.46
N ASN B 252 -6.63 13.93 36.50
CA ASN B 252 -6.95 14.77 35.37
C ASN B 252 -7.71 16.02 35.75
N ASP B 253 -7.68 17.03 34.88
CA ASP B 253 -8.53 18.20 34.96
C ASP B 253 -9.71 18.08 33.99
N VAL B 254 -10.78 18.78 34.29
CA VAL B 254 -11.92 18.84 33.39
C VAL B 254 -12.29 20.32 33.20
N TYR B 255 -12.34 20.73 31.95
CA TYR B 255 -12.81 22.04 31.53
C TYR B 255 -14.08 21.85 30.71
N TRP B 256 -14.93 22.86 30.66
CA TRP B 256 -16.12 22.79 29.83
C TRP B 256 -16.59 24.12 29.33
N LYS B 257 -17.39 24.08 28.27
CA LYS B 257 -18.04 25.29 27.79
C LYS B 257 -19.32 24.99 27.04
N ARG B 258 -20.12 26.05 26.88
CA ARG B 258 -21.31 26.03 26.05
C ARG B 258 -20.97 26.52 24.65
N PRO B 259 -21.78 26.17 23.65
CA PRO B 259 -21.57 26.67 22.28
C PRO B 259 -21.49 28.19 22.24
N GLY B 260 -20.57 28.71 21.43
CA GLY B 260 -20.40 30.15 21.33
C GLY B 260 -19.65 30.84 22.47
N GLU B 261 -19.42 30.16 23.59
CA GLU B 261 -18.58 30.72 24.65
C GLU B 261 -17.13 30.67 24.15
N LYS B 262 -16.41 31.75 24.41
CA LYS B 262 -15.01 31.87 23.98
C LYS B 262 -14.12 31.01 24.87
N ASP B 263 -14.17 31.29 26.16
CA ASP B 263 -13.27 30.67 27.12
C ASP B 263 -13.89 29.39 27.67
N PHE B 264 -13.03 28.58 28.28
CA PHE B 264 -13.47 27.38 28.99
C PHE B 264 -13.60 27.69 30.48
N ARG B 265 -14.58 27.04 31.09
CA ARG B 265 -14.78 27.03 32.53
C ARG B 265 -13.98 25.83 33.07
N LEU B 266 -13.44 25.97 34.27
CA LEU B 266 -12.78 24.88 34.98
C LEU B 266 -13.80 24.19 35.89
N LEU B 267 -14.19 22.96 35.56
CA LEU B 267 -15.04 22.16 36.45
C LEU B 267 -14.23 21.76 37.68
N VAL B 268 -13.05 21.19 37.49
CA VAL B 268 -12.22 20.70 38.59
C VAL B 268 -10.78 20.46 38.12
N LYS B 269 -9.81 20.73 38.98
CA LYS B 269 -8.41 20.40 38.75
C LYS B 269 -8.12 19.24 39.67
N GLY B 270 -7.84 18.06 39.12
CA GLY B 270 -7.62 16.91 39.96
C GLY B 270 -6.25 16.93 40.60
N VAL B 271 -6.23 16.61 41.89
CA VAL B 271 -5.01 16.45 42.67
C VAL B 271 -5.06 15.05 43.24
N GLY B 272 -4.38 14.12 42.59
CA GLY B 272 -4.47 12.72 42.95
C GLY B 272 -5.86 12.12 42.81
N ALA B 273 -6.62 12.66 41.88
CA ALA B 273 -7.95 12.15 41.58
C ALA B 273 -8.29 12.38 40.11
N LYS B 274 -9.09 11.47 39.58
CA LYS B 274 -9.62 11.55 38.24
C LYS B 274 -11.11 11.79 38.22
N TYR B 275 -11.58 12.31 37.10
CA TYR B 275 -12.98 12.70 36.91
C TYR B 275 -13.36 12.43 35.45
N GLU B 276 -14.48 11.74 35.25
CA GLU B 276 -15.06 11.53 33.94
C GLU B 276 -16.50 12.02 34.00
N VAL B 277 -16.92 12.81 33.04
CA VAL B 277 -18.22 13.46 33.07
C VAL B 277 -19.09 13.11 31.88
N HIS B 278 -20.38 12.87 32.13
CA HIS B 278 -21.38 12.76 31.08
C HIS B 278 -22.53 13.69 31.40
N ALA B 279 -23.00 14.40 30.40
CA ALA B 279 -24.09 15.35 30.59
C ALA B 279 -25.34 14.81 29.93
N TRP B 280 -26.46 14.99 30.59
CA TRP B 280 -27.77 14.62 30.07
C TRP B 280 -28.84 15.52 30.69
N LYS B 281 -29.67 16.14 29.84
CA LYS B 281 -30.75 17.04 30.26
C LYS B 281 -30.26 18.07 31.27
N ASP B 282 -29.13 18.68 30.93
CA ASP B 282 -28.56 19.79 31.69
C ASP B 282 -28.17 19.46 33.12
N ARG B 283 -27.80 18.20 33.33
CA ARG B 283 -27.13 17.76 34.56
C ARG B 283 -25.82 17.06 34.15
N PHE B 284 -24.80 17.21 34.97
CA PHE B 284 -23.53 16.50 34.79
C PHE B 284 -23.48 15.35 35.78
N TYR B 285 -23.06 14.21 35.31
CA TYR B 285 -22.85 13.01 36.11
C TYR B 285 -21.35 12.77 36.11
N VAL B 286 -20.74 12.95 37.27
CA VAL B 286 -19.29 12.91 37.44
C VAL B 286 -18.85 11.67 38.20
N LEU B 287 -18.14 10.79 37.49
CA LEU B 287 -17.53 9.61 38.06
C LEU B 287 -16.14 9.97 38.54
N THR B 288 -15.85 9.72 39.80
CA THR B 288 -14.58 10.14 40.35
C THR B 288 -14.06 9.26 41.48
N ASP B 289 -12.76 9.23 41.65
CA ASP B 289 -12.15 8.64 42.84
C ASP B 289 -11.78 9.68 43.90
N GLU B 290 -12.26 10.91 43.74
CA GLU B 290 -12.02 11.94 44.78
C GLU B 290 -12.71 11.52 46.06
N GLY B 291 -11.91 11.32 47.10
CA GLY B 291 -12.42 10.86 48.39
C GLY B 291 -13.07 9.48 48.38
N ALA B 292 -12.72 8.67 47.38
CA ALA B 292 -13.39 7.40 47.11
C ALA B 292 -12.50 6.53 46.23
N PRO B 293 -11.54 5.83 46.80
CA PRO B 293 -10.65 4.97 46.00
C PRO B 293 -11.35 3.99 45.07
N ARG B 294 -12.51 3.47 45.43
CA ARG B 294 -13.30 2.60 44.55
C ARG B 294 -14.33 3.32 43.69
N GLN B 295 -14.30 4.65 43.70
CA GLN B 295 -15.10 5.58 42.87
C GLN B 295 -16.55 5.70 43.30
N ARG B 296 -17.13 6.83 42.93
CA ARG B 296 -18.47 7.21 43.27
C ARG B 296 -18.97 8.20 42.24
N VAL B 297 -20.25 8.53 42.28
CA VAL B 297 -20.86 9.43 41.31
C VAL B 297 -21.51 10.63 41.96
N PHE B 298 -21.20 11.83 41.45
CA PHE B 298 -21.85 13.07 41.81
C PHE B 298 -22.76 13.57 40.69
N GLU B 299 -23.82 14.28 41.05
CA GLU B 299 -24.63 15.04 40.11
C GLU B 299 -24.26 16.50 40.30
N VAL B 300 -23.96 17.17 39.20
CA VAL B 300 -23.53 18.58 39.23
C VAL B 300 -24.47 19.41 38.36
N ASP B 301 -24.86 20.56 38.89
CA ASP B 301 -25.70 21.51 38.19
C ASP B 301 -24.77 22.45 37.43
N PRO B 302 -24.83 22.46 36.10
CA PRO B 302 -23.92 23.36 35.36
C PRO B 302 -24.09 24.84 35.70
N ALA B 303 -25.27 25.23 36.18
CA ALA B 303 -25.52 26.61 36.62
C ALA B 303 -24.96 26.92 38.00
N LYS B 304 -24.65 25.86 38.76
CA LYS B 304 -24.07 25.99 40.10
C LYS B 304 -22.95 24.96 40.26
N PRO B 305 -21.91 25.05 39.44
CA PRO B 305 -20.96 23.93 39.32
C PRO B 305 -19.82 23.90 40.36
N ALA B 306 -19.82 24.80 41.34
CA ALA B 306 -18.77 24.77 42.36
C ALA B 306 -18.80 23.46 43.16
N ARG B 307 -17.62 22.99 43.53
CA ARG B 307 -17.47 21.71 44.20
C ARG B 307 -18.41 21.53 45.41
N ALA B 308 -18.59 22.58 46.19
CA ALA B 308 -19.45 22.50 47.37
C ALA B 308 -20.92 22.21 47.05
N SER B 309 -21.34 22.49 45.82
CA SER B 309 -22.72 22.27 45.40
C SER B 309 -22.94 20.90 44.75
N TRP B 310 -21.89 20.10 44.57
CA TRP B 310 -22.08 18.79 43.96
C TRP B 310 -22.86 17.92 44.92
N LYS B 311 -23.73 17.06 44.40
CA LYS B 311 -24.46 16.13 45.27
C LYS B 311 -24.10 14.68 44.96
N GLU B 312 -23.70 13.96 45.99
CA GLU B 312 -23.33 12.56 45.84
C GLU B 312 -24.61 11.78 45.63
N ILE B 313 -24.72 11.11 44.48
CA ILE B 313 -25.88 10.28 44.18
C ILE B 313 -25.62 8.77 44.21
N VAL B 314 -24.38 8.33 43.95
CA VAL B 314 -24.00 6.92 44.09
C VAL B 314 -22.77 6.88 44.98
N PRO B 315 -22.93 6.57 46.26
CA PRO B 315 -21.77 6.47 47.15
C PRO B 315 -20.83 5.37 46.74
N GLU B 316 -19.60 5.49 47.24
CA GLU B 316 -18.61 4.45 47.12
C GLU B 316 -19.15 3.15 47.70
N ASP B 317 -18.95 2.06 46.98
CA ASP B 317 -19.33 0.73 47.44
C ASP B 317 -18.32 0.29 48.51
N SER B 318 -18.76 -0.50 49.49
CA SER B 318 -17.84 -0.95 50.53
C SER B 318 -16.81 -1.98 50.05
N SER B 319 -17.04 -2.63 48.92
CA SER B 319 -16.07 -3.60 48.40
C SER B 319 -15.81 -3.58 46.89
N ALA B 320 -16.80 -3.17 46.08
CA ALA B 320 -16.72 -3.25 44.63
C ALA B 320 -16.15 -1.98 44.04
N SER B 321 -15.34 -2.15 43.00
CA SER B 321 -14.74 -1.07 42.28
C SER B 321 -15.67 -0.61 41.20
N LEU B 322 -16.05 0.67 41.19
CA LEU B 322 -16.87 1.22 40.12
C LEU B 322 -15.98 1.62 38.95
N LEU B 323 -16.19 0.99 37.79
CA LEU B 323 -15.37 1.22 36.61
C LEU B 323 -15.92 2.26 35.64
N SER B 324 -17.23 2.22 35.41
CA SER B 324 -17.81 3.10 34.41
C SER B 324 -19.29 3.33 34.67
N VAL B 325 -19.77 4.44 34.12
CA VAL B 325 -21.15 4.85 34.20
C VAL B 325 -21.60 5.16 32.79
N SER B 326 -22.73 4.58 32.39
CA SER B 326 -23.35 5.00 31.15
C SER B 326 -24.80 5.41 31.41
N ILE B 327 -25.29 6.35 30.63
CA ILE B 327 -26.65 6.82 30.75
C ILE B 327 -27.41 6.20 29.61
N VAL B 328 -28.34 5.29 29.95
CA VAL B 328 -29.08 4.53 28.99
C VAL B 328 -30.54 4.45 29.42
N GLY B 329 -31.46 4.64 28.47
CA GLY B 329 -32.87 4.48 28.74
C GLY B 329 -33.34 5.24 29.97
N GLY B 330 -32.86 6.47 30.15
CA GLY B 330 -33.30 7.30 31.26
C GLY B 330 -32.80 6.89 32.63
N HIS B 331 -31.80 6.02 32.67
CA HIS B 331 -31.22 5.46 33.89
C HIS B 331 -29.69 5.54 33.84
N LEU B 332 -29.06 5.32 35.00
CA LEU B 332 -27.62 5.07 35.08
C LEU B 332 -27.36 3.56 35.04
N SER B 333 -26.38 3.15 34.25
CA SER B 333 -25.88 1.78 34.30
C SER B 333 -24.46 1.85 34.84
N LEU B 334 -24.20 1.08 35.90
CA LEU B 334 -22.97 1.14 36.67
C LEU B 334 -22.22 -0.19 36.55
N GLU B 335 -21.01 -0.16 36.01
CA GLU B 335 -20.20 -1.37 35.87
C GLU B 335 -19.24 -1.47 37.04
N TYR B 336 -19.43 -2.48 37.87
CA TYR B 336 -18.57 -2.79 39.00
C TYR B 336 -17.68 -4.00 38.75
N LEU B 337 -16.58 -4.05 39.50
CA LEU B 337 -15.73 -5.21 39.60
C LEU B 337 -15.70 -5.64 41.07
N LYS B 338 -16.10 -6.88 41.35
CA LYS B 338 -16.07 -7.48 42.69
C LYS B 338 -15.16 -8.70 42.63
N ASP B 339 -14.04 -8.66 43.35
CA ASP B 339 -12.97 -9.65 43.21
C ASP B 339 -12.67 -10.01 41.74
N ALA B 340 -12.46 -8.98 40.94
CA ALA B 340 -12.00 -9.12 39.55
C ALA B 340 -13.04 -9.67 38.55
N THR B 341 -14.30 -9.80 38.97
CA THR B 341 -15.41 -10.23 38.14
C THR B 341 -16.46 -9.12 38.06
N SER B 342 -17.13 -8.95 36.93
CA SER B 342 -18.01 -7.79 36.86
C SER B 342 -19.43 -8.06 37.27
N GLU B 343 -20.05 -6.96 37.72
CA GLU B 343 -21.44 -6.89 38.06
C GLU B 343 -21.95 -5.57 37.48
N VAL B 344 -23.12 -5.59 36.87
CA VAL B 344 -23.70 -4.42 36.25
C VAL B 344 -24.98 -4.08 37.00
N ARG B 345 -25.07 -2.85 37.48
CA ARG B 345 -26.22 -2.40 38.28
C ARG B 345 -26.90 -1.23 37.62
N VAL B 346 -28.23 -1.30 37.54
CA VAL B 346 -29.05 -0.22 37.01
C VAL B 346 -29.58 0.61 38.17
N ALA B 347 -29.44 1.93 38.05
CA ALA B 347 -29.94 2.87 39.05
C ALA B 347 -30.74 3.97 38.37
N THR B 348 -31.57 4.70 39.12
CA THR B 348 -32.25 5.86 38.55
C THR B 348 -31.25 6.99 38.35
N LEU B 349 -31.63 8.04 37.61
CA LEU B 349 -30.76 9.22 37.49
C LEU B 349 -30.46 9.94 38.82
N LYS B 350 -31.26 9.67 39.85
CA LYS B 350 -31.00 10.21 41.17
C LYS B 350 -30.15 9.25 42.01
N GLY B 351 -29.70 8.14 41.41
CA GLY B 351 -28.80 7.21 42.04
C GLY B 351 -29.43 6.07 42.82
N LYS B 352 -30.74 5.92 42.77
CA LYS B 352 -31.38 4.88 43.57
C LYS B 352 -31.35 3.51 42.87
N PRO B 353 -30.97 2.45 43.58
CA PRO B 353 -30.88 1.15 42.93
C PRO B 353 -32.19 0.68 42.34
N VAL B 354 -32.13 0.12 41.15
CA VAL B 354 -33.26 -0.51 40.47
C VAL B 354 -33.09 -2.04 40.43
N ARG B 355 -32.00 -2.51 39.84
CA ARG B 355 -31.70 -3.92 39.82
C ARG B 355 -30.24 -4.16 39.50
N THR B 356 -29.80 -5.39 39.76
CA THR B 356 -28.53 -5.89 39.27
C THR B 356 -28.83 -6.80 38.09
N VAL B 357 -28.14 -6.57 36.98
CA VAL B 357 -28.35 -7.37 35.78
C VAL B 357 -27.99 -8.84 36.06
N GLN B 358 -28.91 -9.75 35.75
CA GLN B 358 -28.68 -11.20 35.88
C GLN B 358 -27.80 -11.67 34.74
N LEU B 359 -26.55 -12.01 35.05
CA LEU B 359 -25.63 -12.51 34.03
C LEU B 359 -25.81 -14.02 33.83
N PRO B 360 -25.39 -14.54 32.68
CA PRO B 360 -25.53 -15.98 32.40
C PRO B 360 -24.69 -16.87 33.30
N GLY B 361 -23.62 -16.31 33.87
CA GLY B 361 -22.70 -17.03 34.73
C GLY B 361 -21.64 -16.07 35.26
N VAL B 362 -20.57 -16.61 35.86
CA VAL B 362 -19.50 -15.79 36.41
C VAL B 362 -18.53 -15.46 35.27
N GLY B 363 -18.24 -14.19 35.06
CA GLY B 363 -17.29 -13.80 34.01
C GLY B 363 -17.20 -12.32 33.85
N ALA B 364 -16.98 -11.91 32.61
CA ALA B 364 -16.74 -10.55 32.27
C ALA B 364 -17.93 -10.05 31.52
N ALA B 365 -18.48 -8.93 31.96
CA ALA B 365 -19.61 -8.27 31.32
C ALA B 365 -19.23 -6.84 31.09
N SER B 366 -19.57 -6.33 29.92
CA SER B 366 -19.52 -4.92 29.67
C SER B 366 -20.64 -4.18 30.39
N ASN B 367 -20.49 -2.87 30.51
CA ASN B 367 -21.59 -2.04 30.88
C ASN B 367 -22.66 -2.06 29.78
N LEU B 368 -23.85 -1.64 30.12
CA LEU B 368 -24.91 -1.48 29.14
C LEU B 368 -24.51 -0.38 28.18
N MET B 369 -24.81 -0.62 26.92
CA MET B 369 -24.49 0.28 25.83
C MET B 369 -25.75 0.65 25.09
N GLY B 370 -25.93 1.93 24.84
CA GLY B 370 -27.06 2.39 24.08
C GLY B 370 -27.11 3.89 24.06
N LEU B 371 -28.33 4.44 24.14
CA LEU B 371 -28.50 5.86 24.15
C LEU B 371 -29.37 6.29 25.32
N GLU B 372 -29.23 7.55 25.71
CA GLU B 372 -29.85 8.05 26.92
C GLU B 372 -31.38 8.01 26.87
N ASP B 373 -31.95 8.02 25.67
CA ASP B 373 -33.40 8.05 25.55
C ASP B 373 -33.97 6.88 24.73
N LEU B 374 -33.21 5.78 24.64
CA LEU B 374 -33.68 4.54 24.05
C LEU B 374 -33.73 3.50 25.15
N ASP B 375 -34.81 2.73 25.18
CA ASP B 375 -34.99 1.74 26.21
C ASP B 375 -34.17 0.47 25.98
N ASP B 376 -33.89 0.14 24.72
CA ASP B 376 -33.09 -1.05 24.42
C ASP B 376 -31.61 -0.76 24.58
N ALA B 377 -30.92 -1.55 25.39
CA ALA B 377 -29.49 -1.43 25.58
C ALA B 377 -28.88 -2.80 25.38
N TYR B 378 -27.58 -2.85 25.14
CA TYR B 378 -26.90 -4.10 24.85
C TYR B 378 -25.77 -4.26 25.82
N TYR B 379 -25.46 -5.49 26.17
CA TYR B 379 -24.22 -5.76 26.87
C TYR B 379 -23.59 -7.05 26.37
N VAL B 380 -22.28 -7.16 26.58
CA VAL B 380 -21.50 -8.30 26.15
C VAL B 380 -21.09 -9.11 27.36
N PHE B 381 -21.23 -10.42 27.25
CA PHE B 381 -20.79 -11.35 28.29
C PHE B 381 -19.82 -12.34 27.70
N THR B 382 -18.75 -12.61 28.44
CA THR B 382 -17.81 -13.63 28.09
C THR B 382 -17.22 -14.25 29.33
N SER B 383 -16.60 -15.40 29.16
CA SER B 383 -15.80 -16.02 30.22
C SER B 383 -14.65 -16.76 29.59
N PHE B 384 -13.78 -17.36 30.40
CA PHE B 384 -12.72 -18.17 29.81
C PHE B 384 -13.26 -19.38 29.04
N THR B 385 -14.46 -19.83 29.34
CA THR B 385 -15.11 -20.95 28.64
C THR B 385 -16.34 -20.53 27.82
N THR B 386 -16.61 -19.24 27.69
CA THR B 386 -17.82 -18.75 27.04
C THR B 386 -17.44 -17.69 26.00
N PRO B 387 -17.47 -18.04 24.71
CA PRO B 387 -17.29 -17.06 23.66
C PRO B 387 -18.32 -15.92 23.77
N ARG B 388 -17.97 -14.74 23.26
CA ARG B 388 -18.80 -13.53 23.43
C ARG B 388 -20.26 -13.74 23.07
N GLN B 389 -21.12 -13.35 24.00
CA GLN B 389 -22.56 -13.30 23.87
C GLN B 389 -22.99 -11.87 24.04
N ILE B 390 -23.83 -11.37 23.13
CA ILE B 390 -24.44 -10.07 23.27
C ILE B 390 -25.89 -10.25 23.65
N TYR B 391 -26.33 -9.54 24.68
CA TYR B 391 -27.71 -9.51 25.14
C TYR B 391 -28.33 -8.17 24.86
N LYS B 392 -29.58 -8.19 24.44
CA LYS B 392 -30.39 -6.98 24.24
C LYS B 392 -31.34 -6.92 25.39
N THR B 393 -31.39 -5.80 26.10
CA THR B 393 -32.20 -5.71 27.31
C THR B 393 -33.01 -4.43 27.34
N SER B 394 -34.13 -4.47 28.03
CA SER B 394 -34.91 -3.29 28.33
C SER B 394 -34.38 -2.69 29.63
N VAL B 395 -33.98 -1.43 29.59
CA VAL B 395 -33.52 -0.74 30.77
C VAL B 395 -34.69 -0.61 31.76
N SER B 396 -35.86 -0.26 31.27
CA SER B 396 -37.02 -0.07 32.16
C SER B 396 -37.48 -1.32 32.89
N THR B 397 -37.49 -2.48 32.24
CA THR B 397 -38.05 -3.71 32.85
C THR B 397 -37.04 -4.78 33.20
N GLY B 398 -35.86 -4.70 32.63
CA GLY B 398 -34.83 -5.70 32.82
C GLY B 398 -35.00 -6.94 31.95
N LYS B 399 -36.02 -6.97 31.10
CA LYS B 399 -36.22 -8.12 30.23
C LYS B 399 -35.01 -8.22 29.30
N SER B 400 -34.47 -9.41 29.12
CA SER B 400 -33.27 -9.63 28.34
C SER B 400 -33.49 -10.79 27.36
N GLU B 401 -32.75 -10.76 26.25
CA GLU B 401 -32.77 -11.82 25.25
C GLU B 401 -31.37 -11.89 24.62
N LEU B 402 -30.93 -13.09 24.32
CA LEU B 402 -29.69 -13.27 23.55
C LEU B 402 -29.88 -12.68 22.16
N TRP B 403 -29.00 -11.76 21.80
CA TRP B 403 -29.04 -11.07 20.54
C TRP B 403 -28.07 -11.71 19.54
N ALA B 404 -26.87 -12.07 19.98
CA ALA B 404 -25.89 -12.75 19.12
C ALA B 404 -24.91 -13.54 19.97
N LYS B 405 -24.33 -14.57 19.41
CA LYS B 405 -23.35 -15.38 20.15
C LYS B 405 -22.40 -15.93 19.13
N VAL B 406 -21.10 -15.88 19.42
CA VAL B 406 -20.11 -16.41 18.52
C VAL B 406 -20.08 -17.91 18.70
N ASP B 407 -20.18 -18.62 17.59
CA ASP B 407 -20.12 -20.07 17.58
C ASP B 407 -18.69 -20.49 17.43
N VAL B 408 -18.21 -21.24 18.40
CA VAL B 408 -16.82 -21.69 18.43
C VAL B 408 -16.82 -23.19 18.61
N PRO B 409 -16.05 -23.89 17.80
CA PRO B 409 -15.98 -25.37 17.88
C PRO B 409 -15.16 -25.87 19.06
N MET B 410 -15.80 -25.86 20.22
CA MET B 410 -15.18 -26.29 21.46
C MET B 410 -16.27 -26.81 22.38
N ASN B 411 -15.88 -27.58 23.39
CA ASN B 411 -16.83 -28.10 24.38
C ASN B 411 -16.49 -27.49 25.73
N PRO B 412 -17.24 -26.48 26.17
CA PRO B 412 -16.90 -25.74 27.40
C PRO B 412 -16.89 -26.61 28.66
N GLU B 413 -17.67 -27.69 28.64
CA GLU B 413 -17.84 -28.59 29.81
C GLU B 413 -16.56 -29.34 30.14
N GLN B 414 -15.59 -29.33 29.22
CA GLN B 414 -14.30 -29.97 29.48
C GLN B 414 -13.31 -29.18 30.34
N TYR B 415 -13.63 -27.92 30.57
CA TYR B 415 -12.71 -27.01 31.23
C TYR B 415 -13.29 -26.47 32.50
N GLN B 416 -12.42 -26.07 33.41
CA GLN B 416 -12.85 -25.33 34.57
C GLN B 416 -11.94 -24.17 34.84
N VAL B 417 -12.52 -23.20 35.53
CA VAL B 417 -11.90 -21.93 35.87
C VAL B 417 -11.94 -21.81 37.36
N GLU B 418 -10.79 -21.68 37.97
CA GLU B 418 -10.64 -21.40 39.40
C GLU B 418 -10.30 -19.96 39.62
N GLN B 419 -10.77 -19.39 40.70
CA GLN B 419 -10.22 -18.16 41.22
C GLN B 419 -9.60 -18.45 42.57
N VAL B 420 -8.34 -18.07 42.68
CA VAL B 420 -7.56 -18.24 43.89
C VAL B 420 -6.97 -16.92 44.36
N PHE B 421 -6.50 -16.92 45.60
CA PHE B 421 -5.95 -15.76 46.27
C PHE B 421 -4.67 -16.21 46.94
N TYR B 422 -3.57 -15.55 46.61
CA TYR B 422 -2.26 -15.91 47.15
C TYR B 422 -1.62 -14.69 47.82
N ALA B 423 -0.76 -14.90 48.79
CA ALA B 423 -0.08 -13.82 49.46
C ALA B 423 1.21 -13.43 48.76
N SER B 424 1.35 -12.14 48.51
CA SER B 424 2.58 -11.59 48.00
C SER B 424 3.61 -11.47 49.15
N LYS B 425 4.84 -11.10 48.82
CA LYS B 425 5.89 -10.87 49.80
C LYS B 425 5.43 -10.07 51.04
N ASP B 426 4.70 -8.97 50.80
CA ASP B 426 4.25 -8.09 51.88
C ASP B 426 2.93 -8.44 52.54
N GLY B 427 2.37 -9.59 52.15
CA GLY B 427 1.12 -10.07 52.73
C GLY B 427 -0.11 -9.78 51.89
N THR B 428 0.01 -8.92 50.88
CA THR B 428 -1.16 -8.57 50.08
C THR B 428 -1.77 -9.83 49.47
N LYS B 429 -3.09 -9.93 49.51
CA LYS B 429 -3.81 -11.05 48.87
C LYS B 429 -4.14 -10.68 47.44
N VAL B 430 -3.54 -11.41 46.51
CA VAL B 430 -3.63 -11.12 45.09
C VAL B 430 -4.51 -12.17 44.44
N PRO B 431 -5.52 -11.77 43.66
CA PRO B 431 -6.29 -12.78 42.93
C PRO B 431 -5.58 -13.32 41.70
N MET B 432 -5.96 -14.54 41.33
CA MET B 432 -5.50 -15.16 40.10
C MET B 432 -6.54 -16.12 39.56
N PHE B 433 -6.76 -16.11 38.24
CA PHE B 433 -7.59 -17.08 37.57
C PHE B 433 -6.71 -18.22 37.10
N VAL B 434 -7.17 -19.45 37.26
CA VAL B 434 -6.42 -20.61 36.81
C VAL B 434 -7.38 -21.47 35.99
N VAL B 435 -7.02 -21.72 34.73
CA VAL B 435 -7.89 -22.37 33.74
C VAL B 435 -7.20 -23.66 33.27
N HIS B 436 -7.95 -24.75 33.23
CA HIS B 436 -7.40 -26.04 32.84
C HIS B 436 -8.51 -27.02 32.53
N ARG B 437 -8.17 -28.14 31.90
CA ARG B 437 -9.14 -29.24 31.74
C ARG B 437 -9.60 -29.73 33.10
N LYS B 438 -10.86 -30.09 33.21
CA LYS B 438 -11.37 -30.65 34.46
C LYS B 438 -10.61 -31.90 34.86
N ASP B 439 -10.12 -32.66 33.88
CA ASP B 439 -9.39 -33.89 34.19
C ASP B 439 -7.89 -33.72 34.42
N LEU B 440 -7.42 -32.48 34.58
CA LEU B 440 -6.02 -32.21 34.87
C LEU B 440 -5.53 -32.98 36.09
N LYS B 441 -4.39 -33.63 35.96
CA LYS B 441 -3.73 -34.23 37.14
C LYS B 441 -2.92 -33.15 37.86
N ARG B 442 -3.14 -33.01 39.16
CA ARG B 442 -2.39 -32.08 40.02
C ARG B 442 -1.13 -32.76 40.51
N ASP B 443 -0.20 -32.91 39.59
CA ASP B 443 1.00 -33.71 39.78
C ASP B 443 2.28 -32.90 39.76
N GLY B 444 2.17 -31.58 39.79
CA GLY B 444 3.32 -30.70 39.79
C GLY B 444 4.13 -30.69 38.52
N ASN B 445 3.49 -31.08 37.41
CA ASN B 445 4.21 -31.17 36.14
C ASN B 445 3.44 -30.71 34.91
N ALA B 446 2.28 -30.08 35.06
CA ALA B 446 1.58 -29.59 33.87
C ALA B 446 2.35 -28.42 33.26
N PRO B 447 2.46 -28.37 31.95
CA PRO B 447 3.02 -27.17 31.31
C PRO B 447 2.09 -26.01 31.60
N THR B 448 2.63 -24.91 32.07
CA THR B 448 1.82 -23.81 32.59
C THR B 448 2.27 -22.52 31.96
N LEU B 449 1.30 -21.69 31.57
CA LEU B 449 1.54 -20.36 31.03
C LEU B 449 0.86 -19.33 31.94
N LEU B 450 1.67 -18.45 32.55
CA LEU B 450 1.23 -17.46 33.51
C LEU B 450 1.38 -16.08 32.85
N TYR B 451 0.26 -15.39 32.80
CA TYR B 451 0.09 -14.08 32.13
C TYR B 451 -0.14 -13.00 33.17
N GLY B 452 0.43 -11.84 32.92
CA GLY B 452 0.16 -10.69 33.73
C GLY B 452 0.43 -9.40 32.98
N TYR B 453 0.04 -8.29 33.60
CA TYR B 453 0.32 -6.96 33.06
C TYR B 453 0.82 -6.07 34.19
N GLY B 454 -0.10 -5.61 35.05
CA GLY B 454 0.29 -4.91 36.25
C GLY B 454 0.64 -3.46 36.04
N GLY B 455 -0.37 -2.66 35.76
CA GLY B 455 -0.14 -1.26 35.54
C GLY B 455 -1.29 -0.55 34.87
N PHE B 456 -1.22 0.79 34.94
CA PHE B 456 -2.08 1.67 34.15
C PHE B 456 -3.55 1.50 34.44
N ASN B 457 -3.90 1.04 35.64
CA ASN B 457 -5.28 0.82 36.06
C ASN B 457 -6.02 -0.17 35.18
N VAL B 458 -5.28 -1.02 34.47
CA VAL B 458 -5.85 -2.01 33.57
C VAL B 458 -6.23 -3.24 34.37
N ASN B 459 -7.40 -3.78 34.12
CA ASN B 459 -7.86 -4.98 34.82
C ASN B 459 -7.72 -6.20 33.96
N MET B 460 -7.27 -7.30 34.55
CA MET B 460 -7.22 -8.57 33.84
C MET B 460 -8.52 -9.26 34.07
N GLU B 461 -9.32 -9.38 33.02
CA GLU B 461 -10.66 -9.94 33.12
C GLU B 461 -10.76 -11.29 32.42
N ALA B 462 -11.86 -11.98 32.69
CA ALA B 462 -12.18 -13.28 32.11
C ALA B 462 -12.71 -13.18 30.68
N ASN B 463 -11.92 -12.64 29.79
CA ASN B 463 -12.30 -12.55 28.39
C ASN B 463 -12.05 -13.94 27.78
N PHE B 464 -12.94 -14.38 26.91
CA PHE B 464 -12.69 -15.61 26.17
C PHE B 464 -11.51 -15.44 25.23
N ARG B 465 -10.59 -16.39 25.29
CA ARG B 465 -9.49 -16.44 24.34
C ARG B 465 -9.44 -17.81 23.74
N SER B 466 -9.77 -17.91 22.46
CA SER B 466 -9.65 -19.18 21.78
C SER B 466 -8.20 -19.63 21.62
N SER B 467 -7.26 -18.69 21.71
CA SER B 467 -5.87 -19.03 21.49
C SER B 467 -5.28 -19.97 22.52
N ILE B 468 -5.89 -20.07 23.70
CA ILE B 468 -5.38 -21.00 24.73
C ILE B 468 -5.92 -22.40 24.61
N LEU B 469 -6.89 -22.65 23.73
CA LEU B 469 -7.51 -23.96 23.71
C LEU B 469 -6.55 -25.13 23.39
N PRO B 470 -5.71 -25.06 22.37
CA PRO B 470 -4.75 -26.15 22.15
C PRO B 470 -3.85 -26.41 23.35
N TRP B 471 -3.44 -25.34 24.04
CA TRP B 471 -2.65 -25.50 25.28
C TRP B 471 -3.40 -26.29 26.32
N LEU B 472 -4.63 -25.91 26.61
CA LEU B 472 -5.45 -26.63 27.58
C LEU B 472 -5.62 -28.09 27.14
N ASP B 473 -5.83 -28.31 25.86
CA ASP B 473 -6.10 -29.66 25.37
C ASP B 473 -4.87 -30.56 25.42
N ALA B 474 -3.69 -29.96 25.44
CA ALA B 474 -2.43 -30.64 25.60
C ALA B 474 -2.09 -30.91 27.08
N GLY B 475 -3.02 -30.65 27.99
CA GLY B 475 -2.76 -30.78 29.41
C GLY B 475 -2.16 -29.56 30.07
N GLY B 476 -2.25 -28.42 29.41
CA GLY B 476 -1.69 -27.21 29.96
C GLY B 476 -2.61 -26.46 30.92
N VAL B 477 -1.98 -25.62 31.71
CA VAL B 477 -2.64 -24.71 32.63
C VAL B 477 -2.38 -23.29 32.16
N TYR B 478 -3.42 -22.46 32.17
CA TYR B 478 -3.32 -21.06 31.83
C TYR B 478 -3.73 -20.26 33.04
N ALA B 479 -2.86 -19.37 33.50
CA ALA B 479 -3.12 -18.61 34.72
C ALA B 479 -2.98 -17.13 34.41
N VAL B 480 -3.82 -16.31 35.03
CA VAL B 480 -3.81 -14.85 34.83
C VAL B 480 -3.87 -14.18 36.20
N ALA B 481 -2.80 -13.47 36.57
CA ALA B 481 -2.71 -12.85 37.89
C ALA B 481 -3.18 -11.41 37.88
N ASN B 482 -4.01 -11.05 38.85
CA ASN B 482 -4.50 -9.67 38.98
C ASN B 482 -3.56 -8.84 39.85
N LEU B 483 -2.35 -8.64 39.33
CA LEU B 483 -1.31 -7.93 40.00
C LEU B 483 -1.70 -6.48 40.38
N ARG B 484 -1.06 -5.97 41.42
CA ARG B 484 -1.12 -4.55 41.70
C ARG B 484 -0.59 -3.75 40.53
N GLY B 485 -0.90 -2.46 40.50
CA GLY B 485 -0.75 -1.71 39.27
C GLY B 485 -1.99 -1.69 38.40
N GLY B 486 -2.74 -2.77 38.39
CA GLY B 486 -4.07 -2.81 37.80
C GLY B 486 -5.08 -2.04 38.60
N GLY B 487 -6.31 -2.07 38.12
CA GLY B 487 -7.39 -1.36 38.78
C GLY B 487 -8.34 -2.23 39.54
N GLU B 488 -7.99 -3.50 39.77
CA GLU B 488 -9.02 -4.44 40.19
C GLU B 488 -9.66 -4.07 41.52
N TYR B 489 -8.86 -3.59 42.47
CA TYR B 489 -9.36 -3.16 43.77
C TYR B 489 -9.30 -1.63 43.92
N GLY B 490 -9.34 -0.93 42.79
CA GLY B 490 -9.48 0.51 42.80
C GLY B 490 -8.15 1.23 42.89
N LYS B 491 -8.22 2.51 43.26
CA LYS B 491 -7.07 3.39 43.19
C LYS B 491 -5.93 2.89 44.04
N ALA B 492 -6.23 2.30 45.20
CA ALA B 492 -5.16 1.81 46.06
C ALA B 492 -4.38 0.67 45.41
N TRP B 493 -5.07 -0.11 44.60
CA TRP B 493 -4.45 -1.21 43.84
C TRP B 493 -3.50 -0.70 42.78
N HIS B 494 -3.95 0.30 42.05
CA HIS B 494 -3.16 0.93 41.00
C HIS B 494 -1.93 1.61 41.63
N ASP B 495 -2.17 2.43 42.66
CA ASP B 495 -1.10 3.24 43.22
C ASP B 495 -0.02 2.39 43.88
N ALA B 496 -0.39 1.24 44.40
CA ALA B 496 0.58 0.33 45.04
C ALA B 496 1.41 -0.45 44.04
N GLY B 497 1.22 -0.20 42.75
CA GLY B 497 1.97 -0.85 41.69
C GLY B 497 2.51 0.14 40.68
N ARG B 498 2.79 1.39 41.08
CA ARG B 498 3.37 2.37 40.15
C ARG B 498 4.40 3.24 40.83
N LEU B 499 5.13 3.99 40.03
CA LEU B 499 6.14 4.90 40.51
C LEU B 499 7.14 4.16 41.41
N ASP B 500 7.36 4.62 42.63
CA ASP B 500 8.33 4.00 43.51
C ASP B 500 7.89 2.63 44.01
N LYS B 501 6.64 2.26 43.79
CA LYS B 501 6.08 0.99 44.24
C LYS B 501 6.01 -0.04 43.11
N LYS B 502 6.63 0.26 41.96
CA LYS B 502 6.55 -0.66 40.85
C LYS B 502 7.05 -2.06 41.17
N GLN B 503 8.04 -2.17 42.03
CA GLN B 503 8.58 -3.45 42.39
C GLN B 503 7.51 -4.36 43.01
N ASN B 504 6.48 -3.77 43.62
CA ASN B 504 5.39 -4.59 44.16
C ASN B 504 4.73 -5.45 43.07
N VAL B 505 4.65 -4.92 41.86
CA VAL B 505 4.06 -5.66 40.76
C VAL B 505 4.86 -6.91 40.48
N PHE B 506 6.18 -6.75 40.41
CA PHE B 506 7.07 -7.84 40.12
C PHE B 506 7.01 -8.86 41.25
N ASP B 507 6.99 -8.38 42.50
CA ASP B 507 6.86 -9.29 43.64
C ASP B 507 5.56 -10.08 43.59
N ASP B 508 4.46 -9.42 43.22
CA ASP B 508 3.19 -10.13 43.08
C ASP B 508 3.32 -11.24 42.05
N PHE B 509 4.04 -10.99 40.97
CA PHE B 509 4.14 -11.96 39.90
C PHE B 509 5.05 -13.12 40.29
N HIS B 510 6.20 -12.83 40.88
CA HIS B 510 7.04 -13.87 41.43
C HIS B 510 6.23 -14.78 42.37
N ALA B 511 5.39 -14.19 43.20
CA ALA B 511 4.61 -14.96 44.15
C ALA B 511 3.54 -15.83 43.48
N ALA B 512 3.04 -15.39 42.32
CA ALA B 512 2.11 -16.19 41.57
C ALA B 512 2.83 -17.42 41.04
N ALA B 513 4.01 -17.20 40.49
CA ALA B 513 4.82 -18.31 40.01
C ALA B 513 5.13 -19.32 41.11
N GLU B 514 5.45 -18.84 42.31
CA GLU B 514 5.69 -19.73 43.44
C GLU B 514 4.44 -20.48 43.85
N TYR B 515 3.30 -19.79 43.82
CA TYR B 515 2.02 -20.39 44.19
C TYR B 515 1.68 -21.55 43.25
N LEU B 516 1.89 -21.38 41.95
CA LEU B 516 1.50 -22.42 41.00
C LEU B 516 2.29 -23.70 41.22
N VAL B 517 3.52 -23.56 41.68
CA VAL B 517 4.38 -24.69 42.03
C VAL B 517 3.96 -25.30 43.38
N GLN B 518 3.76 -24.44 44.40
CA GLN B 518 3.31 -24.87 45.73
C GLN B 518 2.02 -25.70 45.65
N GLN B 519 1.10 -25.29 44.78
CA GLN B 519 -0.22 -25.90 44.68
C GLN B 519 -0.24 -27.04 43.68
N LYS B 520 0.93 -27.47 43.21
CA LYS B 520 1.08 -28.71 42.43
C LYS B 520 0.46 -28.63 41.05
N TYR B 521 0.38 -27.43 40.48
CA TYR B 521 0.09 -27.33 39.06
C TYR B 521 1.30 -27.69 38.23
N THR B 522 2.47 -27.25 38.66
CA THR B 522 3.63 -27.22 37.79
C THR B 522 4.92 -27.21 38.61
N GLN B 523 6.02 -27.08 37.91
CA GLN B 523 7.35 -26.89 38.49
C GLN B 523 8.07 -25.83 37.64
N PRO B 524 9.11 -25.18 38.16
CA PRO B 524 9.76 -24.09 37.43
C PRO B 524 10.10 -24.41 35.96
N LYS B 525 10.67 -25.57 35.69
CA LYS B 525 11.08 -25.88 34.33
C LYS B 525 9.91 -26.14 33.38
N ARG B 526 8.71 -26.26 33.92
CA ARG B 526 7.49 -26.43 33.14
C ARG B 526 6.60 -25.17 33.15
N LEU B 527 7.14 -24.05 33.63
CA LEU B 527 6.38 -22.79 33.74
C LEU B 527 6.91 -21.75 32.79
N ALA B 528 6.03 -21.18 31.99
CA ALA B 528 6.33 -20.05 31.12
C ALA B 528 5.56 -18.84 31.59
N ILE B 529 6.14 -17.66 31.40
CA ILE B 529 5.46 -16.40 31.64
C ILE B 529 5.36 -15.64 30.35
N TYR B 530 4.29 -14.89 30.22
CA TYR B 530 3.98 -14.10 29.04
C TYR B 530 3.47 -12.74 29.44
N GLY B 531 3.94 -11.72 28.75
CA GLY B 531 3.41 -10.38 28.91
C GLY B 531 3.76 -9.52 27.74
N GLY B 532 2.96 -8.48 27.50
CA GLY B 532 3.25 -7.55 26.41
C GLY B 532 3.25 -6.08 26.84
N SER B 533 4.15 -5.22 26.24
CA SER B 533 4.19 -3.77 26.49
C SER B 533 4.61 -3.50 27.98
N ASN B 534 3.79 -2.93 28.85
CA ASN B 534 4.08 -2.95 30.28
C ASN B 534 4.19 -4.38 30.83
N GLY B 535 3.48 -5.31 30.21
CA GLY B 535 3.62 -6.71 30.54
C GLY B 535 4.91 -7.34 30.01
N GLY B 536 5.48 -6.76 28.96
CA GLY B 536 6.81 -7.13 28.50
C GLY B 536 7.89 -6.72 29.50
N LEU B 537 7.76 -5.52 30.06
CA LEU B 537 8.54 -5.08 31.21
C LEU B 537 8.42 -6.04 32.37
N LEU B 538 7.21 -6.44 32.66
CA LEU B 538 6.93 -7.38 33.74
C LEU B 538 7.76 -8.66 33.59
N VAL B 539 7.68 -9.29 32.42
CA VAL B 539 8.37 -10.56 32.27
C VAL B 539 9.88 -10.36 32.13
N GLY B 540 10.32 -9.24 31.60
CA GLY B 540 11.74 -8.95 31.61
C GLY B 540 12.29 -8.76 33.01
N ALA B 541 11.55 -8.08 33.86
CA ALA B 541 11.93 -7.89 35.26
C ALA B 541 11.92 -9.23 35.99
N ALA B 542 10.89 -10.03 35.75
CA ALA B 542 10.79 -11.32 36.41
C ALA B 542 11.98 -12.19 36.06
N MET B 543 12.33 -12.25 34.78
CA MET B 543 13.37 -13.16 34.32
C MET B 543 14.76 -12.70 34.76
N THR B 544 14.97 -11.41 34.93
CA THR B 544 16.26 -10.88 35.37
C THR B 544 16.43 -10.92 36.89
N GLN B 545 15.34 -10.86 37.64
CA GLN B 545 15.39 -10.90 39.08
C GLN B 545 15.48 -12.30 39.65
N ARG B 546 14.62 -13.19 39.16
CA ARG B 546 14.48 -14.54 39.67
C ARG B 546 14.35 -15.56 38.54
N PRO B 547 15.39 -15.66 37.72
CA PRO B 547 15.33 -16.56 36.57
C PRO B 547 15.01 -17.99 36.97
N GLU B 548 15.42 -18.39 38.16
CA GLU B 548 15.26 -19.76 38.66
C GLU B 548 13.82 -20.19 38.85
N LEU B 549 12.88 -19.24 38.88
CA LEU B 549 11.46 -19.59 39.00
C LEU B 549 10.78 -20.01 37.71
N TYR B 550 11.42 -19.77 36.58
CA TYR B 550 10.78 -19.84 35.26
C TYR B 550 11.54 -20.75 34.28
N GLY B 551 10.79 -21.43 33.43
CA GLY B 551 11.34 -22.21 32.35
C GLY B 551 11.43 -21.52 31.00
N ALA B 552 10.50 -20.60 30.75
CA ALA B 552 10.44 -19.90 29.47
C ALA B 552 9.77 -18.56 29.67
N VAL B 553 10.09 -17.64 28.79
CA VAL B 553 9.56 -16.30 28.79
C VAL B 553 9.15 -15.91 27.36
N VAL B 554 7.92 -15.43 27.19
CA VAL B 554 7.47 -14.80 25.98
C VAL B 554 7.21 -13.32 26.26
N CYS B 555 7.96 -12.46 25.58
CA CYS B 555 8.03 -11.05 25.87
C CYS B 555 7.62 -10.29 24.60
N ALA B 556 6.46 -9.66 24.61
CA ALA B 556 5.93 -8.99 23.44
C ALA B 556 6.02 -7.47 23.54
N VAL B 557 6.38 -6.86 22.40
CA VAL B 557 6.47 -5.41 22.21
C VAL B 557 6.79 -4.65 23.50
N PRO B 558 7.95 -4.94 24.08
CA PRO B 558 8.23 -4.55 25.48
C PRO B 558 8.93 -3.24 25.73
N LEU B 559 8.78 -2.73 26.94
CA LEU B 559 9.71 -1.74 27.51
C LEU B 559 10.71 -2.48 28.39
N LEU B 560 11.99 -2.22 28.20
CA LEU B 560 13.05 -2.93 28.90
C LEU B 560 14.25 -2.10 29.36
N ASP B 561 14.58 -1.02 28.66
CA ASP B 561 15.57 -0.05 29.14
C ASP B 561 14.76 1.08 29.77
N MET B 562 14.59 1.02 31.10
CA MET B 562 13.78 2.00 31.80
C MET B 562 14.52 3.25 32.17
N VAL B 563 15.82 3.28 31.91
CA VAL B 563 16.62 4.48 32.08
C VAL B 563 16.48 5.41 30.88
N ARG B 564 16.12 4.85 29.71
CA ARG B 564 16.06 5.60 28.45
C ARG B 564 14.67 5.59 27.75
N TYR B 565 13.68 4.94 28.35
CA TYR B 565 12.42 4.70 27.63
C TYR B 565 11.72 6.01 27.26
N HIS B 566 11.89 7.04 28.09
CA HIS B 566 11.21 8.33 27.86
C HIS B 566 11.69 9.08 26.63
N LEU B 567 12.80 8.64 26.05
CA LEU B 567 13.41 9.33 24.92
C LEU B 567 12.86 8.92 23.58
N PHE B 568 12.00 7.89 23.55
CA PHE B 568 11.58 7.23 22.32
C PHE B 568 10.08 7.07 22.24
N GLY B 569 9.52 7.18 21.04
CA GLY B 569 8.13 6.94 20.79
C GLY B 569 7.25 7.78 21.70
N SER B 570 6.25 7.13 22.30
CA SER B 570 5.28 7.78 23.20
C SER B 570 5.71 7.75 24.65
N GLY B 571 6.99 7.50 24.90
CA GLY B 571 7.48 7.26 26.22
C GLY B 571 7.12 8.33 27.22
N ARG B 572 7.18 9.63 26.86
CA ARG B 572 6.93 10.63 27.87
C ARG B 572 5.52 10.58 28.42
N THR B 573 4.57 10.04 27.66
CA THR B 573 3.19 9.92 28.17
C THR B 573 3.05 8.93 29.31
N TRP B 574 4.08 8.14 29.56
CA TRP B 574 4.05 7.18 30.69
C TRP B 574 4.87 7.62 31.89
N ILE B 575 5.48 8.78 31.80
CA ILE B 575 6.20 9.32 32.93
C ILE B 575 5.33 9.41 34.20
N PRO B 576 4.04 9.79 34.10
CA PRO B 576 3.17 9.77 35.30
C PRO B 576 3.02 8.41 35.96
N GLU B 577 3.27 7.33 35.24
CA GLU B 577 3.17 5.97 35.76
C GLU B 577 4.50 5.45 36.29
N TYR B 578 5.58 5.65 35.54
CA TYR B 578 6.87 5.05 35.87
C TYR B 578 7.88 6.01 36.54
N GLY B 579 7.73 7.29 36.25
CA GLY B 579 8.77 8.28 36.53
C GLY B 579 9.69 8.44 35.33
N THR B 580 10.66 9.35 35.46
CA THR B 580 11.68 9.53 34.46
C THR B 580 13.06 9.58 35.07
N ALA B 581 13.99 8.87 34.44
CA ALA B 581 15.38 8.87 34.87
C ALA B 581 16.03 10.24 34.77
N GLU B 582 15.36 11.22 34.18
CA GLU B 582 15.89 12.61 34.16
C GLU B 582 15.91 13.20 35.59
N LYS B 583 15.09 12.66 36.49
CA LYS B 583 15.01 13.10 37.89
C LYS B 583 15.73 12.09 38.80
N PRO B 584 16.50 12.56 39.77
CA PRO B 584 17.32 11.63 40.56
C PRO B 584 16.59 10.56 41.40
N GLU B 585 15.46 10.89 42.03
CA GLU B 585 14.74 9.90 42.83
C GLU B 585 14.12 8.85 41.92
N ASP B 586 13.52 9.32 40.83
CA ASP B 586 12.92 8.44 39.83
C ASP B 586 13.99 7.48 39.29
N PHE B 587 15.18 8.02 39.01
CA PHE B 587 16.25 7.22 38.43
C PHE B 587 16.61 6.05 39.34
N LYS B 588 16.71 6.30 40.65
CA LYS B 588 17.07 5.23 41.60
C LYS B 588 16.08 4.07 41.48
N THR B 589 14.79 4.40 41.45
CA THR B 589 13.72 3.40 41.30
C THR B 589 13.84 2.61 40.00
N LEU B 590 13.94 3.34 38.92
CA LEU B 590 13.99 2.79 37.57
C LEU B 590 15.20 1.92 37.35
N HIS B 591 16.37 2.40 37.73
CA HIS B 591 17.59 1.67 37.52
C HIS B 591 17.60 0.35 38.30
N ALA B 592 16.93 0.34 39.46
CA ALA B 592 16.91 -0.83 40.32
C ALA B 592 16.20 -2.00 39.63
N TYR B 593 15.22 -1.72 38.79
CA TYR B 593 14.50 -2.80 38.10
C TYR B 593 14.65 -2.90 36.57
N SER B 594 15.20 -1.88 35.90
CA SER B 594 15.32 -1.77 34.42
C SER B 594 15.90 -3.07 33.89
N PRO B 595 15.11 -3.93 33.22
CA PRO B 595 15.63 -5.28 32.91
C PRO B 595 16.91 -5.33 32.10
N TYR B 596 17.07 -4.39 31.16
CA TYR B 596 18.25 -4.32 30.32
C TYR B 596 19.52 -4.14 31.15
N HIS B 597 19.40 -3.55 32.34
CA HIS B 597 20.55 -3.27 33.20
C HIS B 597 20.79 -4.33 34.26
N HIS B 598 20.05 -5.43 34.17
CA HIS B 598 20.09 -6.51 35.17
C HIS B 598 20.24 -7.91 34.60
N VAL B 599 20.84 -7.99 33.41
CA VAL B 599 21.16 -9.28 32.83
C VAL B 599 22.54 -9.71 33.39
N ARG B 600 22.53 -10.28 34.58
CA ARG B 600 23.75 -10.72 35.23
C ARG B 600 24.39 -11.83 34.39
N PRO B 601 25.71 -11.84 34.36
CA PRO B 601 26.43 -12.91 33.69
C PRO B 601 26.47 -14.19 34.54
N ASP B 602 26.79 -15.28 33.88
CA ASP B 602 27.03 -16.58 34.50
C ASP B 602 25.77 -17.14 35.16
N VAL B 603 24.63 -16.80 34.58
CA VAL B 603 23.31 -17.22 35.02
C VAL B 603 22.63 -17.97 33.87
N ARG B 604 22.00 -19.07 34.22
CA ARG B 604 21.16 -19.80 33.27
C ARG B 604 19.78 -19.15 33.24
N TYR B 605 19.46 -18.49 32.12
CA TYR B 605 18.17 -17.83 31.95
C TYR B 605 17.14 -18.81 31.39
N PRO B 606 15.87 -18.51 31.62
CA PRO B 606 14.81 -19.21 30.89
C PRO B 606 14.98 -18.99 29.40
N ALA B 607 14.43 -19.90 28.62
CA ALA B 607 14.37 -19.70 27.18
C ALA B 607 13.53 -18.47 26.90
N LEU B 608 13.84 -17.71 25.87
CA LEU B 608 13.20 -16.41 25.59
C LEU B 608 12.76 -16.32 24.15
N LEU B 609 11.50 -15.94 23.94
CA LEU B 609 10.96 -15.59 22.63
C LEU B 609 10.47 -14.16 22.73
N MET B 610 11.12 -13.26 22.01
CA MET B 610 10.74 -11.87 21.94
C MET B 610 9.87 -11.66 20.72
N MET B 611 8.65 -11.20 20.93
CA MET B 611 7.68 -11.01 19.86
C MET B 611 7.56 -9.53 19.57
N ALA B 612 8.32 -9.09 18.58
CA ALA B 612 8.41 -7.70 18.18
C ALA B 612 7.56 -7.45 16.95
N ALA B 613 7.33 -6.17 16.66
CA ALA B 613 6.56 -5.74 15.49
C ALA B 613 7.40 -4.75 14.67
N ASP B 614 7.24 -4.71 13.36
CA ASP B 614 8.09 -3.82 12.57
C ASP B 614 7.62 -2.36 12.47
N HIS B 615 6.39 -2.09 12.88
CA HIS B 615 5.83 -0.75 12.80
C HIS B 615 5.21 -0.30 14.13
N ASP B 616 5.78 -0.70 15.24
CA ASP B 616 5.33 -0.20 16.55
C ASP B 616 5.82 1.23 16.73
N ASP B 617 4.90 2.15 16.55
CA ASP B 617 5.12 3.59 16.76
C ASP B 617 4.66 4.11 18.12
N ARG B 618 4.49 3.20 19.05
CA ARG B 618 4.15 3.53 20.44
C ARG B 618 5.29 3.15 21.37
N VAL B 619 5.59 1.85 21.46
CA VAL B 619 6.69 1.33 22.23
C VAL B 619 7.84 1.06 21.27
N ASP B 620 8.95 1.77 21.42
CA ASP B 620 10.00 1.70 20.44
C ASP B 620 10.60 0.29 20.40
N PRO B 621 10.79 -0.26 19.21
CA PRO B 621 11.37 -1.58 19.07
C PRO B 621 12.81 -1.71 19.60
N MET B 622 13.49 -0.62 19.90
CA MET B 622 14.87 -0.72 20.36
C MET B 622 14.99 -1.53 21.64
N HIS B 623 13.97 -1.51 22.50
CA HIS B 623 14.05 -2.21 23.78
C HIS B 623 14.30 -3.72 23.57
N ALA B 624 13.49 -4.31 22.73
CA ALA B 624 13.62 -5.74 22.45
C ALA B 624 14.98 -6.05 21.81
N ARG B 625 15.48 -5.17 20.95
CA ARG B 625 16.75 -5.44 20.29
C ARG B 625 17.89 -5.48 21.33
N LYS B 626 17.98 -4.44 22.16
CA LYS B 626 19.06 -4.37 23.14
C LYS B 626 18.97 -5.51 24.15
N PHE B 627 17.75 -5.87 24.54
CA PHE B 627 17.61 -6.91 25.55
C PHE B 627 17.97 -8.27 24.97
N VAL B 628 17.51 -8.59 23.76
CA VAL B 628 17.86 -9.88 23.19
C VAL B 628 19.37 -9.98 22.98
N ALA B 629 20.01 -8.89 22.58
CA ALA B 629 21.48 -8.87 22.46
C ALA B 629 22.12 -9.23 23.78
N ALA B 630 21.63 -8.61 24.86
CA ALA B 630 22.20 -8.85 26.16
C ALA B 630 22.01 -10.29 26.64
N VAL B 631 20.84 -10.86 26.40
CA VAL B 631 20.58 -12.23 26.82
C VAL B 631 21.36 -13.22 25.96
N GLN B 632 21.39 -13.05 24.64
CA GLN B 632 22.16 -13.95 23.75
C GLN B 632 23.64 -13.98 24.11
N ASN B 633 24.16 -12.83 24.52
CA ASN B 633 25.60 -12.70 24.78
C ASN B 633 25.98 -12.76 26.24
N SER B 634 25.02 -13.12 27.08
CA SER B 634 25.32 -13.27 28.49
C SER B 634 26.20 -14.51 28.71
N PRO B 635 27.39 -14.36 29.26
CA PRO B 635 28.22 -15.53 29.48
C PRO B 635 27.53 -16.63 30.25
N GLY B 636 27.67 -17.85 29.76
CA GLY B 636 27.11 -18.99 30.43
C GLY B 636 25.61 -19.20 30.32
N ASN B 637 24.94 -18.45 29.46
CA ASN B 637 23.52 -18.67 29.22
C ASN B 637 23.34 -19.65 28.08
N PRO B 638 22.91 -20.87 28.36
CA PRO B 638 22.78 -21.87 27.29
C PRO B 638 21.43 -21.83 26.57
N ALA B 639 20.47 -21.09 27.13
CA ALA B 639 19.10 -21.17 26.67
C ALA B 639 18.86 -20.29 25.46
N THR B 640 17.96 -20.74 24.61
CA THR B 640 17.63 -19.98 23.43
C THR B 640 17.05 -18.60 23.76
N ALA B 641 17.34 -17.67 22.88
CA ALA B 641 16.84 -16.32 22.95
C ALA B 641 16.65 -15.83 21.52
N LEU B 642 15.38 -15.67 21.14
CA LEU B 642 14.97 -15.42 19.77
C LEU B 642 14.26 -14.08 19.64
N LEU B 643 14.57 -13.34 18.58
CA LEU B 643 13.88 -12.10 18.21
C LEU B 643 13.06 -12.32 16.96
N ARG B 644 11.75 -12.45 17.11
CA ARG B 644 10.81 -12.62 16.01
C ARG B 644 10.17 -11.28 15.70
N ILE B 645 10.29 -10.81 14.47
CA ILE B 645 9.78 -9.49 14.12
C ILE B 645 8.61 -9.66 13.15
N GLU B 646 7.42 -9.35 13.62
CA GLU B 646 6.21 -9.47 12.79
C GLU B 646 6.13 -8.37 11.72
N ALA B 647 5.85 -8.76 10.49
CA ALA B 647 5.73 -7.84 9.38
C ALA B 647 4.38 -7.14 9.34
N ASN B 648 4.41 -5.90 8.91
CA ASN B 648 3.20 -5.06 8.77
C ASN B 648 2.36 -4.96 10.04
N ALA B 649 3.03 -4.78 11.15
CA ALA B 649 2.38 -4.85 12.46
C ALA B 649 2.70 -3.69 13.31
N GLY B 650 1.68 -3.15 13.94
CA GLY B 650 1.84 -2.11 14.94
C GLY B 650 1.86 -2.73 16.30
N HIS B 651 1.60 -1.90 17.28
CA HIS B 651 1.74 -2.30 18.68
C HIS B 651 0.84 -3.49 19.04
N GLY B 652 -0.33 -3.55 18.42
CA GLY B 652 -1.28 -4.63 18.68
C GLY B 652 -1.36 -5.73 17.62
N GLY B 653 -0.34 -5.83 16.79
CA GLY B 653 -0.27 -6.83 15.75
C GLY B 653 -0.66 -6.29 14.40
N ALA B 654 -0.85 -7.21 13.47
CA ALA B 654 -1.02 -6.89 12.06
C ALA B 654 -2.50 -6.78 11.63
N ASP B 655 -3.45 -7.08 12.52
CA ASP B 655 -4.88 -7.06 12.15
C ASP B 655 -5.14 -7.91 10.91
N GLN B 656 -4.58 -9.11 10.84
CA GLN B 656 -4.80 -10.05 9.77
C GLN B 656 -4.94 -11.43 10.41
N VAL B 657 -6.04 -12.13 10.19
CA VAL B 657 -6.25 -13.40 10.89
C VAL B 657 -5.11 -14.35 10.56
N ALA B 658 -4.70 -14.41 9.29
CA ALA B 658 -3.63 -15.36 8.93
C ALA B 658 -2.34 -15.15 9.71
N LYS B 659 -2.02 -13.89 9.99
CA LYS B 659 -0.82 -13.55 10.73
C LYS B 659 -0.99 -13.86 12.20
N ALA B 660 -2.21 -13.73 12.72
CA ALA B 660 -2.51 -14.12 14.11
C ALA B 660 -2.35 -15.63 14.29
N ILE B 661 -2.77 -16.40 13.29
CA ILE B 661 -2.54 -17.85 13.33
C ILE B 661 -1.04 -18.13 13.39
N GLU B 662 -0.25 -17.51 12.50
CA GLU B 662 1.19 -17.75 12.47
C GLU B 662 1.84 -17.38 13.79
N SER B 663 1.42 -16.27 14.39
CA SER B 663 1.95 -15.84 15.69
C SER B 663 1.65 -16.85 16.80
N SER B 664 0.43 -17.39 16.85
CA SER B 664 0.06 -18.32 17.88
C SER B 664 0.77 -19.67 17.65
N VAL B 665 0.89 -20.09 16.41
CA VAL B 665 1.66 -21.32 16.12
C VAL B 665 3.10 -21.19 16.63
N ASP B 666 3.72 -20.04 16.37
CA ASP B 666 5.07 -19.78 16.84
C ASP B 666 5.19 -19.75 18.37
N LEU B 667 4.28 -19.06 19.04
CA LEU B 667 4.31 -18.95 20.48
C LEU B 667 4.17 -20.34 21.12
N TYR B 668 3.15 -21.10 20.74
CA TYR B 668 2.88 -22.36 21.43
C TYR B 668 3.85 -23.46 21.02
N SER B 669 4.37 -23.42 19.79
CA SER B 669 5.38 -24.43 19.42
C SER B 669 6.70 -24.19 20.15
N PHE B 670 7.05 -22.93 20.34
CA PHE B 670 8.15 -22.51 21.20
C PHE B 670 7.96 -23.10 22.59
N LEU B 671 6.79 -22.94 23.19
CA LEU B 671 6.54 -23.51 24.50
C LEU B 671 6.63 -25.01 24.51
N PHE B 672 6.09 -25.66 23.49
CA PHE B 672 6.13 -27.13 23.44
C PHE B 672 7.59 -27.61 23.39
N GLN B 673 8.46 -26.93 22.66
CA GLN B 673 9.87 -27.25 22.62
C GLN B 673 10.53 -27.05 23.97
N VAL B 674 10.46 -25.84 24.51
CA VAL B 674 11.35 -25.46 25.61
C VAL B 674 10.85 -25.96 26.97
N LEU B 675 9.56 -26.25 27.09
CA LEU B 675 9.00 -26.88 28.30
C LEU B 675 8.88 -28.40 28.12
N ASP B 676 9.40 -28.93 27.02
CA ASP B 676 9.49 -30.38 26.79
C ASP B 676 8.13 -31.09 26.83
N VAL B 677 7.18 -30.53 26.11
CA VAL B 677 5.83 -31.04 26.09
C VAL B 677 5.73 -32.21 25.13
N GLN B 678 5.66 -33.38 25.77
CA GLN B 678 5.31 -34.67 25.20
C GLN B 678 6.62 -35.37 24.89
N GLY B 679 7.19 -35.26 23.80
#